data_9MM1
#
_entry.id   9MM1
#
_cell.length_a   1.00
_cell.length_b   1.00
_cell.length_c   1.00
_cell.angle_alpha   90.00
_cell.angle_beta   90.00
_cell.angle_gamma   90.00
#
_symmetry.space_group_name_H-M   'P 1'
#
loop_
_entity.id
_entity.type
_entity.pdbx_description
1 polymer 'Nitrogenase molybdenum-iron protein alpha chain'
2 polymer 'Nitrogenase molybdenum-iron protein beta chain'
3 non-polymer '3-HYDROXY-3-CARBOXY-ADIPIC ACID'
4 non-polymer 'iron-sulfur-molybdenum cluster with interstitial carbon'
5 non-polymer 'FE (III) ION'
6 non-polymer 'FE(8)-S(7) CLUSTER'
7 water water
#
loop_
_entity_poly.entity_id
_entity_poly.type
_entity_poly.pdbx_seq_one_letter_code
_entity_poly.pdbx_strand_id
1 'polypeptide(L)'
;MTGMSREEVESLIQEVLEVYPEKARKDRNKHLAVNDPAVTQSKKCIISNKKSQPGLMTIRGCAYAGSKGVVWGPIKDMIH
ISHGPVGCGQYSRAGRRNYYIGTTGVNAFVTMNFTSDFQEKDIVFGGDKKLAKLIDEVETLFPLNKGISVQSECPIGLIG
DDIESVSKVKGAELSKTIVPVRCEGFRGVSQSLGHHIANDAVRDWVLGKRDEDTTFASTPYDVAIIGDYNIGGDAWSSRI
LLEEMGLRCVAQWSGDGSISEIELTPKVKLNLVHCYRSMNYISRHMEEKYGIPWMEYNFFGPTKTIESLRAIAAKFDESI
QKKCEEVIAKYKPEWEAVVAKYRPRLEGKRVMLYIGGLRPRHVIGAYEDLGMEVVGTGYEFAHNDDYDRTMKEMGDSTLL
YDDVTGYEFEEFVKRIKPDLIGSGIKEKFIFQKMGIPFREMHSWDYSGPYHGFDGFAIFARDMDMTLNNPCWKKLQAPWE
ASEGAEKVAASA
;
A,C
2 'polypeptide(L)'
;MSQQVDKIKASYPLFLDQDYKDMLAKKRDGFEEKYPQDKIDEVFQWTTTKEYQELNFQREALTVNPAKACQPLGAVLCAL
GFEKTMPYVHGSQGCVAYFRSYFNRHFREPVSCVSDSMTEDAAVFGGQQNMKDGLQNCKATYKPDMIAVSTTCMAEVIGD
DLNAFINNSKKEGFIPDEFPVPFAHTPSFVGSHVTGWDNMFEGIARYFTLKSMDDKVVGSNKKINIVPGFETYLGNFRVI
KRMLSEMGVGYSLLSDPEEVLDTPADGQFRMYAGGTTQEEMKDAPNALNTVLLQPWHLEKTKKFVEGTWKHEVPKLNIPM
GLDWTDEFLMKVSEISGQPIPASLTKERGRLVDMMTDSHTWLHGKRFALWGDPDFVMGLVKFLLELGCEPVHILCHNGNK
RWKKAVDAILAASPYGKNATVYIGKDLWHLRSLVFTDKPDFMIGNSYGKFIQRDTLHKGKEFEVPLIRIGFPIFDRHHLH
RSTTLGYEGAMQILTTLVNSILERLDEETRGMQATDYNHDLVR
;
B,D
#
loop_
_chem_comp.id
_chem_comp.type
_chem_comp.name
_chem_comp.formula
CLF non-polymer 'FE(8)-S(7) CLUSTER' 'Fe8 S7'
FE non-polymer 'FE (III) ION' 'Fe 3'
HCA non-polymer '3-HYDROXY-3-CARBOXY-ADIPIC ACID' 'C7 H10 O7'
ICS non-polymer 'iron-sulfur-molybdenum cluster with interstitial carbon' 'C Fe7 Mo S9'
#
# COMPACT_ATOMS: atom_id res chain seq x y z
N MET A 4 -36.39 29.00 27.53
CA MET A 4 -36.57 28.19 26.29
C MET A 4 -36.64 26.70 26.67
N SER A 5 -37.83 26.21 27.01
CA SER A 5 -38.00 24.79 27.44
C SER A 5 -37.11 24.47 28.65
N ARG A 6 -36.99 25.40 29.60
CA ARG A 6 -36.16 25.20 30.81
C ARG A 6 -36.73 24.03 31.63
N GLU A 7 -38.05 23.95 31.74
CA GLU A 7 -38.70 22.82 32.48
C GLU A 7 -38.38 21.50 31.77
N GLU A 8 -38.37 21.48 30.43
CA GLU A 8 -38.05 20.25 29.66
C GLU A 8 -36.63 19.78 29.95
N VAL A 9 -35.67 20.72 30.04
CA VAL A 9 -34.26 20.35 30.37
C VAL A 9 -34.23 19.76 31.79
N GLU A 10 -34.94 20.41 32.73
CA GLU A 10 -34.99 19.91 34.13
C GLU A 10 -35.63 18.53 34.17
N SER A 11 -36.70 18.32 33.40
CA SER A 11 -37.37 16.99 33.34
C SER A 11 -36.40 15.95 32.78
N LEU A 12 -35.64 16.31 31.75
CA LEU A 12 -34.69 15.36 31.10
C LEU A 12 -33.63 14.96 32.15
N ILE A 13 -33.16 15.91 32.95
CA ILE A 13 -32.10 15.62 33.97
C ILE A 13 -32.69 14.61 34.96
N GLN A 14 -33.96 14.77 35.36
CA GLN A 14 -34.58 13.86 36.35
C GLN A 14 -34.74 12.45 35.75
N GLU A 15 -35.26 12.34 34.54
CA GLU A 15 -35.45 11.02 33.91
C GLU A 15 -34.13 10.31 33.70
N VAL A 16 -33.09 11.04 33.31
CA VAL A 16 -31.78 10.40 33.15
C VAL A 16 -31.26 9.92 34.48
N LEU A 17 -31.50 10.70 35.55
CA LEU A 17 -31.01 10.30 36.86
C LEU A 17 -31.76 9.11 37.45
N GLU A 18 -32.96 8.81 36.94
CA GLU A 18 -33.76 7.71 37.50
C GLU A 18 -33.01 6.37 37.51
N VAL A 19 -32.07 6.16 36.59
CA VAL A 19 -31.42 4.85 36.47
C VAL A 19 -30.53 4.56 37.67
N TYR A 20 -29.96 5.59 38.28
CA TYR A 20 -28.89 5.40 39.25
C TYR A 20 -29.40 4.82 40.57
N PRO A 21 -28.55 4.10 41.30
CA PRO A 21 -28.82 3.83 42.71
C PRO A 21 -28.83 5.12 43.52
N GLU A 22 -29.27 5.01 44.77
CA GLU A 22 -29.58 6.19 45.57
C GLU A 22 -28.35 7.08 45.81
N LYS A 23 -27.23 6.48 46.20
CA LYS A 23 -26.05 7.27 46.53
C LYS A 23 -25.50 7.96 45.29
N ALA A 24 -25.38 7.21 44.19
CA ALA A 24 -24.86 7.78 42.95
C ALA A 24 -25.82 8.82 42.37
N ARG A 25 -27.12 8.60 42.49
CA ARG A 25 -28.09 9.58 42.00
C ARG A 25 -28.00 10.88 42.79
N LYS A 26 -27.95 10.77 44.12
CA LYS A 26 -27.81 11.97 44.95
C LYS A 26 -26.51 12.71 44.64
N ASP A 27 -25.44 11.98 44.34
CA ASP A 27 -24.18 12.64 44.00
C ASP A 27 -24.26 13.33 42.64
N ARG A 28 -24.74 12.63 41.62
CA ARG A 28 -24.78 13.16 40.26
C ARG A 28 -25.78 14.30 40.08
N ASN A 29 -26.84 14.36 40.89
CA ASN A 29 -27.82 15.41 40.70
C ASN A 29 -27.21 16.80 40.92
N LYS A 30 -26.18 16.90 41.76
CA LYS A 30 -25.52 18.17 42.02
C LYS A 30 -24.60 18.62 40.89
N HIS A 31 -24.27 17.73 39.94
CA HIS A 31 -23.34 18.05 38.86
C HIS A 31 -24.04 18.37 37.55
N LEU A 32 -25.37 18.50 37.59
CA LEU A 32 -26.16 18.79 36.36
C LEU A 32 -27.03 20.03 36.61
N ALA A 33 -26.88 21.07 35.79
CA ALA A 33 -27.62 22.34 36.02
C ALA A 33 -28.18 22.92 34.73
N VAL A 34 -29.23 23.75 34.82
CA VAL A 34 -29.75 24.45 33.61
C VAL A 34 -29.19 25.87 33.70
N ASN A 35 -28.49 26.34 32.66
CA ASN A 35 -27.76 27.63 32.75
C ASN A 35 -28.64 28.86 32.90
N ASP A 36 -28.26 29.76 33.80
CA ASP A 36 -28.91 31.08 33.86
C ASP A 36 -27.76 32.08 33.69
N PRO A 37 -27.80 33.02 32.71
CA PRO A 37 -26.75 34.02 32.54
C PRO A 37 -26.64 34.95 33.75
N ALA A 38 -27.78 35.37 34.31
CA ALA A 38 -27.79 36.34 35.43
C ALA A 38 -27.03 35.79 36.65
N VAL A 39 -27.04 34.47 36.88
CA VAL A 39 -26.42 33.96 38.09
C VAL A 39 -24.91 34.11 37.99
N THR A 40 -24.30 34.70 39.02
CA THR A 40 -22.85 34.91 39.04
C THR A 40 -22.09 33.88 39.86
N GLN A 41 -22.68 33.36 40.93
CA GLN A 41 -22.04 32.33 41.74
C GLN A 41 -22.55 30.97 41.28
N SER A 42 -21.67 30.18 40.66
CA SER A 42 -22.04 28.88 40.11
C SER A 42 -22.16 27.79 41.18
N LYS A 43 -21.67 28.04 42.40
CA LYS A 43 -21.75 27.02 43.44
C LYS A 43 -23.18 26.73 43.84
N LYS A 44 -24.08 27.70 43.67
CA LYS A 44 -25.47 27.54 44.08
C LYS A 44 -26.27 26.65 43.14
N CYS A 45 -25.72 26.23 42.01
CA CYS A 45 -26.44 25.36 41.09
C CYS A 45 -25.66 24.12 40.66
N ILE A 46 -24.32 24.19 40.60
CA ILE A 46 -23.53 23.08 40.11
C ILE A 46 -22.30 22.89 41.00
N ILE A 47 -21.94 21.64 41.24
CA ILE A 47 -20.81 21.25 42.08
C ILE A 47 -19.74 20.63 41.20
N SER A 48 -18.49 21.01 41.42
CA SER A 48 -17.38 20.53 40.58
C SER A 48 -16.19 20.13 41.46
N ASN A 49 -15.18 19.56 40.79
CA ASN A 49 -13.91 19.18 41.41
C ASN A 49 -14.11 18.18 42.56
N LYS A 50 -15.04 17.25 42.38
CA LYS A 50 -15.31 16.21 43.42
C LYS A 50 -14.89 14.83 42.88
N LYS A 51 -14.83 13.81 43.74
CA LYS A 51 -14.38 12.46 43.31
C LYS A 51 -15.38 11.87 42.30
N SER A 52 -14.87 11.18 41.27
CA SER A 52 -15.76 10.49 40.29
C SER A 52 -16.50 9.33 40.98
N GLN A 53 -17.78 9.13 40.66
CA GLN A 53 -18.54 7.98 41.21
C GLN A 53 -17.94 6.67 40.67
N PRO A 54 -17.78 5.61 41.49
CA PRO A 54 -17.24 4.32 41.03
C PRO A 54 -18.12 3.58 40.00
N GLY A 55 -17.50 2.90 39.02
CA GLY A 55 -18.24 2.10 38.02
C GLY A 55 -19.24 2.88 37.18
N LEU A 56 -18.93 4.12 36.80
CA LEU A 56 -19.87 4.96 36.02
C LEU A 56 -19.25 5.36 34.67
N MET A 57 -18.06 4.85 34.36
CA MET A 57 -17.36 5.11 33.09
C MET A 57 -17.15 6.61 32.88
N THR A 58 -16.35 7.17 33.78
CA THR A 58 -15.94 8.57 33.69
C THR A 58 -14.93 8.79 32.57
N ILE A 59 -14.82 10.05 32.14
CA ILE A 59 -13.90 10.43 31.08
C ILE A 59 -12.57 10.95 31.64
N ARG A 60 -12.51 11.24 32.93
CA ARG A 60 -11.37 11.89 33.55
C ARG A 60 -10.11 11.03 33.48
N GLY A 61 -8.96 11.70 33.52
CA GLY A 61 -7.67 11.06 33.66
C GLY A 61 -7.13 11.17 35.07
N CYS A 62 -5.81 11.09 35.22
CA CYS A 62 -5.15 11.11 36.53
C CYS A 62 -4.18 12.28 36.61
N ALA A 63 -3.53 12.40 37.78
CA ALA A 63 -2.58 13.48 38.00
C ALA A 63 -1.32 13.32 37.16
N TYR A 64 -0.92 12.08 36.86
CA TYR A 64 0.24 11.88 35.99
C TYR A 64 -0.04 12.44 34.60
N ALA A 65 -1.25 12.24 34.08
CA ALA A 65 -1.61 12.84 32.80
C ALA A 65 -1.61 14.36 32.87
N GLY A 66 -2.07 14.91 33.99
CA GLY A 66 -2.07 16.36 34.14
C GLY A 66 -0.68 16.96 34.23
N SER A 67 0.25 16.23 34.85
CA SER A 67 1.60 16.76 35.04
C SER A 67 2.53 16.38 33.89
N LYS A 68 2.73 15.07 33.68
CA LYS A 68 3.64 14.64 32.62
C LYS A 68 3.03 14.90 31.25
N GLY A 69 1.77 14.52 31.06
CA GLY A 69 1.16 14.64 29.74
C GLY A 69 0.91 16.08 29.31
N VAL A 70 0.53 16.95 30.25
CA VAL A 70 0.05 18.27 29.89
C VAL A 70 1.14 19.32 30.07
N VAL A 71 1.70 19.42 31.27
CA VAL A 71 2.54 20.56 31.62
C VAL A 71 4.01 20.32 31.29
N TRP A 72 4.57 19.21 31.75
CA TRP A 72 6.02 19.01 31.64
C TRP A 72 6.42 18.44 30.28
N GLY A 73 5.58 17.57 29.71
CA GLY A 73 5.91 16.90 28.47
C GLY A 73 6.26 17.80 27.30
N PRO A 74 5.55 18.92 27.10
CA PRO A 74 5.89 19.80 25.97
C PRO A 74 7.29 20.42 26.01
N ILE A 75 7.95 20.48 27.17
CA ILE A 75 9.26 21.12 27.28
C ILE A 75 10.27 20.30 26.47
N LYS A 76 10.73 20.86 25.36
CA LYS A 76 11.38 20.05 24.34
C LYS A 76 12.81 19.66 24.69
N ASP A 77 13.56 20.52 25.36
CA ASP A 77 14.97 20.26 25.61
C ASP A 77 15.23 19.52 26.92
N MET A 78 14.20 19.08 27.62
CA MET A 78 14.35 18.27 28.81
C MET A 78 13.93 16.83 28.53
N ILE A 79 14.48 15.92 29.33
CA ILE A 79 14.15 14.51 29.27
C ILE A 79 13.25 14.19 30.46
N HIS A 80 12.09 13.64 30.18
CA HIS A 80 11.07 13.36 31.19
C HIS A 80 11.00 11.86 31.41
N ILE A 81 11.40 11.42 32.59
CA ILE A 81 11.44 10.00 32.96
C ILE A 81 10.10 9.64 33.60
N SER A 82 9.36 8.75 32.96
CA SER A 82 8.21 8.12 33.61
C SER A 82 8.75 7.08 34.58
N HIS A 83 8.61 7.34 35.88
CA HIS A 83 9.23 6.54 36.92
C HIS A 83 8.20 5.53 37.41
N GLY A 84 8.39 4.26 37.09
CA GLY A 84 7.47 3.21 37.46
C GLY A 84 7.31 2.15 36.38
N PRO A 85 6.19 1.43 36.40
CA PRO A 85 5.94 0.41 35.37
C PRO A 85 5.72 1.01 33.99
N VAL A 86 5.78 0.14 32.98
CA VAL A 86 5.93 0.57 31.59
C VAL A 86 4.66 1.19 31.01
N GLY A 87 3.49 0.84 31.55
CA GLY A 87 2.24 1.19 30.89
C GLY A 87 2.05 2.69 30.68
N CYS A 88 2.37 3.47 31.71
CA CYS A 88 1.95 4.86 31.80
C CYS A 88 2.53 5.68 30.64
N GLY A 89 3.86 5.66 30.51
CA GLY A 89 4.50 6.42 29.46
C GLY A 89 4.20 5.92 28.07
N GLN A 90 3.97 4.62 27.94
CA GLN A 90 3.64 4.06 26.63
C GLN A 90 2.29 4.55 26.13
N TYR A 91 1.28 4.59 27.00
CA TYR A 91 -0.02 5.08 26.54
C TYR A 91 -0.01 6.57 26.26
N SER A 92 0.86 7.33 26.92
CA SER A 92 0.91 8.78 26.72
C SER A 92 1.99 9.21 25.74
N ARG A 93 2.68 8.28 25.09
CA ARG A 93 3.77 8.65 24.19
C ARG A 93 3.20 9.27 22.93
N ALA A 94 3.45 10.57 22.74
CA ALA A 94 3.11 11.32 21.53
C ALA A 94 1.61 11.29 21.23
N GLY A 95 0.78 11.11 22.25
CA GLY A 95 -0.68 11.10 22.06
C GLY A 95 -1.26 12.50 22.06
N ARG A 96 -0.48 13.48 22.54
CA ARG A 96 -0.92 14.90 22.55
C ARG A 96 -0.11 15.67 21.51
N ARG A 97 -0.76 16.45 20.65
CA ARG A 97 -0.04 17.14 19.54
C ARG A 97 0.55 18.47 20.03
N ASN A 98 1.57 18.43 20.88
CA ASN A 98 2.25 19.70 21.30
C ASN A 98 3.37 19.93 20.29
N TYR A 99 3.19 20.86 19.34
CA TYR A 99 4.18 21.02 18.25
C TYR A 99 5.49 21.61 18.78
N TYR A 100 6.61 21.12 18.25
CA TYR A 100 7.95 21.64 18.66
C TYR A 100 8.90 21.66 17.47
N ILE A 101 9.92 22.53 17.53
CA ILE A 101 10.98 22.51 16.47
C ILE A 101 12.25 21.95 17.12
N GLY A 102 12.83 20.89 16.56
CA GLY A 102 14.07 20.35 17.10
C GLY A 102 14.50 19.11 16.36
N THR A 103 15.60 18.53 16.84
CA THR A 103 16.15 17.28 16.32
C THR A 103 15.90 16.20 17.38
N THR A 104 14.90 15.36 17.13
CA THR A 104 14.47 14.40 18.14
C THR A 104 15.54 13.35 18.38
N GLY A 105 15.79 13.07 19.67
CA GLY A 105 16.83 12.17 20.07
C GLY A 105 18.19 12.80 20.25
N VAL A 106 18.33 14.09 19.91
CA VAL A 106 19.62 14.78 20.00
C VAL A 106 19.49 15.99 20.91
N ASN A 107 18.65 16.95 20.55
CA ASN A 107 18.42 18.11 21.40
C ASN A 107 16.97 18.26 21.84
N ALA A 108 16.04 17.48 21.28
CA ALA A 108 14.63 17.53 21.66
C ALA A 108 14.15 16.10 21.88
N PHE A 109 13.24 15.94 22.84
CA PHE A 109 12.87 14.60 23.31
C PHE A 109 11.38 14.46 23.58
N VAL A 110 10.54 15.23 22.88
CA VAL A 110 9.12 15.31 23.22
C VAL A 110 8.41 14.00 22.90
N THR A 111 8.63 13.46 21.71
CA THR A 111 7.89 12.28 21.27
C THR A 111 8.49 10.97 21.76
N MET A 112 9.54 11.02 22.56
CA MET A 112 10.19 9.82 23.09
C MET A 112 9.61 9.47 24.46
N ASN A 113 9.72 8.19 24.79
CA ASN A 113 9.24 7.64 26.06
C ASN A 113 10.45 7.13 26.84
N PHE A 114 10.85 7.88 27.86
CA PHE A 114 11.88 7.42 28.80
C PHE A 114 11.19 6.89 30.05
N THR A 115 11.57 5.67 30.43
CA THR A 115 10.85 5.04 31.56
C THR A 115 11.75 4.16 32.44
N SER A 116 11.43 4.09 33.73
CA SER A 116 12.12 3.18 34.67
C SER A 116 11.84 1.72 34.24
N ASP A 117 10.64 1.41 33.71
CA ASP A 117 10.27 0.00 33.40
C ASP A 117 10.36 -0.86 34.67
N PHE A 118 9.70 -0.41 35.75
CA PHE A 118 9.78 -1.09 37.07
C PHE A 118 9.29 -2.52 36.99
N GLN A 119 9.94 -3.41 37.75
CA GLN A 119 9.66 -4.87 37.75
C GLN A 119 9.40 -5.25 39.21
N GLU A 120 8.96 -6.47 39.49
CA GLU A 120 8.55 -6.81 40.88
C GLU A 120 9.73 -6.61 41.84
N LYS A 121 10.96 -6.95 41.46
CA LYS A 121 12.14 -6.63 42.33
C LYS A 121 12.13 -5.15 42.71
N ASP A 122 11.94 -4.23 41.76
CA ASP A 122 11.89 -2.80 42.02
C ASP A 122 10.74 -2.44 42.95
N ILE A 123 9.63 -3.18 42.87
CA ILE A 123 8.52 -2.95 43.79
C ILE A 123 8.89 -3.43 45.19
N VAL A 124 9.54 -4.58 45.29
CA VAL A 124 9.81 -5.16 46.60
C VAL A 124 10.90 -4.40 47.34
N PHE A 125 11.98 -4.04 46.66
CA PHE A 125 13.15 -3.46 47.30
C PHE A 125 13.38 -1.99 46.99
N GLY A 126 12.59 -1.37 46.12
CA GLY A 126 12.71 0.04 45.86
C GLY A 126 13.51 0.34 44.61
N GLY A 127 13.33 1.55 44.10
CA GLY A 127 13.96 1.94 42.84
C GLY A 127 14.82 3.19 42.89
N ASP A 128 15.35 3.54 44.06
CA ASP A 128 16.18 4.73 44.16
C ASP A 128 17.55 4.53 43.50
N LYS A 129 18.21 3.41 43.79
CA LYS A 129 19.48 3.10 43.13
C LYS A 129 19.28 2.91 41.64
N LYS A 130 18.16 2.31 41.24
CA LYS A 130 17.86 2.18 39.82
C LYS A 130 17.65 3.55 39.19
N LEU A 131 17.02 4.49 39.91
CA LEU A 131 16.84 5.84 39.40
C LEU A 131 18.17 6.54 39.21
N ALA A 132 19.09 6.38 40.16
CA ALA A 132 20.41 7.01 40.02
C ALA A 132 21.17 6.42 38.82
N LYS A 133 21.15 5.10 38.68
CA LYS A 133 21.81 4.48 37.55
C LYS A 133 21.19 4.92 36.23
N LEU A 134 19.86 5.06 36.22
CA LEU A 134 19.14 5.55 35.04
C LEU A 134 19.60 6.96 34.68
N ILE A 135 19.75 7.83 35.69
CA ILE A 135 20.17 9.20 35.41
C ILE A 135 21.57 9.22 34.81
N ASP A 136 22.47 8.38 35.33
CA ASP A 136 23.80 8.28 34.73
C ASP A 136 23.74 7.81 33.28
N GLU A 137 22.91 6.80 33.01
CA GLU A 137 22.79 6.30 31.63
C GLU A 137 22.23 7.38 30.71
N VAL A 138 21.27 8.16 31.21
CA VAL A 138 20.71 9.27 30.43
C VAL A 138 21.80 10.28 30.09
N GLU A 139 22.64 10.62 31.06
CA GLU A 139 23.72 11.55 30.80
C GLU A 139 24.70 11.00 29.77
N THR A 140 24.92 9.68 29.80
CA THR A 140 25.82 9.07 28.83
C THR A 140 25.26 9.11 27.40
N LEU A 141 23.99 8.76 27.23
CA LEU A 141 23.46 8.54 25.89
C LEU A 141 22.83 9.78 25.25
N PHE A 142 22.49 10.80 26.03
CA PHE A 142 21.84 12.00 25.52
C PHE A 142 22.56 13.24 26.05
N PRO A 143 23.77 13.50 25.55
CA PRO A 143 24.60 14.55 26.15
C PRO A 143 24.09 15.97 25.97
N LEU A 144 23.19 16.20 25.02
CA LEU A 144 22.70 17.55 24.75
C LEU A 144 21.41 17.88 25.49
N ASN A 145 20.96 17.02 26.39
CA ASN A 145 19.81 17.38 27.22
C ASN A 145 20.17 18.53 28.15
N LYS A 146 19.16 19.35 28.46
CA LYS A 146 19.35 20.55 29.28
C LYS A 146 18.66 20.43 30.63
N GLY A 147 18.26 19.23 31.01
CA GLY A 147 17.57 19.00 32.26
C GLY A 147 16.77 17.72 32.22
N ILE A 148 16.46 17.22 33.42
CA ILE A 148 15.72 15.98 33.59
C ILE A 148 14.59 16.21 34.58
N SER A 149 13.41 15.72 34.26
CA SER A 149 12.31 15.66 35.21
C SER A 149 11.96 14.20 35.46
N VAL A 150 11.55 13.89 36.69
CA VAL A 150 11.16 12.55 37.09
C VAL A 150 9.70 12.59 37.48
N GLN A 151 8.82 12.04 36.64
CA GLN A 151 7.39 12.03 36.86
C GLN A 151 7.00 10.72 37.53
N SER A 152 6.48 10.81 38.76
CA SER A 152 6.15 9.60 39.51
C SER A 152 4.82 9.00 39.06
N GLU A 153 4.81 7.68 38.92
CA GLU A 153 3.53 6.97 38.62
C GLU A 153 2.95 6.43 39.93
N CYS A 154 1.89 5.62 39.88
CA CYS A 154 1.19 5.22 41.14
C CYS A 154 2.06 4.41 42.12
N PRO A 155 2.92 3.43 41.75
CA PRO A 155 3.72 2.69 42.76
C PRO A 155 4.69 3.58 43.54
N ILE A 156 5.36 4.53 42.89
CA ILE A 156 6.40 5.38 43.56
C ILE A 156 5.83 5.98 44.86
N GLY A 157 4.64 6.56 44.85
CA GLY A 157 4.01 7.01 46.08
C GLY A 157 3.59 5.88 46.99
N LEU A 158 3.10 4.77 46.41
CA LEU A 158 2.59 3.70 47.28
C LEU A 158 3.71 2.98 48.02
N ILE A 159 4.82 2.67 47.34
CA ILE A 159 5.99 2.14 48.02
C ILE A 159 6.78 3.34 48.55
N GLY A 160 7.78 3.09 49.40
CA GLY A 160 8.44 4.20 50.05
C GLY A 160 9.63 4.79 49.33
N ASP A 161 9.49 5.14 48.05
CA ASP A 161 10.57 5.80 47.33
C ASP A 161 10.69 7.25 47.75
N ASP A 162 11.93 7.76 47.69
CA ASP A 162 12.25 9.15 48.03
C ASP A 162 13.07 9.72 46.87
N ILE A 163 12.37 10.18 45.82
CA ILE A 163 13.04 10.66 44.63
C ILE A 163 13.62 12.06 44.82
N GLU A 164 13.20 12.79 45.85
CA GLU A 164 13.74 14.13 46.08
C GLU A 164 15.23 14.06 46.43
N SER A 165 15.61 13.13 47.30
CA SER A 165 17.02 13.01 47.69
C SER A 165 17.87 12.58 46.50
N VAL A 166 17.37 11.64 45.70
CA VAL A 166 18.10 11.22 44.51
C VAL A 166 18.29 12.40 43.56
N SER A 167 17.22 13.18 43.35
CA SER A 167 17.32 14.36 42.51
C SER A 167 18.37 15.33 43.02
N LYS A 168 18.35 15.62 44.33
CA LYS A 168 19.32 16.56 44.88
C LYS A 168 20.76 16.06 44.71
N VAL A 169 21.00 14.81 45.10
CA VAL A 169 22.36 14.27 45.05
C VAL A 169 22.87 14.23 43.62
N LYS A 170 22.05 13.73 42.70
CA LYS A 170 22.51 13.59 41.32
C LYS A 170 22.65 14.95 40.64
N GLY A 171 21.76 15.87 40.99
CA GLY A 171 21.78 17.22 40.41
C GLY A 171 23.09 17.92 40.67
N ALA A 172 23.50 18.00 41.94
CA ALA A 172 24.77 18.69 42.31
C ALA A 172 25.97 17.98 41.66
N GLU A 173 25.97 16.63 41.67
CA GLU A 173 27.13 15.88 41.13
C GLU A 173 27.31 16.13 39.63
N LEU A 174 26.21 16.14 38.86
CA LEU A 174 26.30 16.32 37.39
C LEU A 174 26.14 17.79 36.99
N SER A 175 25.87 18.69 37.95
CA SER A 175 25.59 20.13 37.63
C SER A 175 24.40 20.19 36.67
N LYS A 176 23.41 19.30 36.87
CA LYS A 176 22.24 19.21 35.96
C LYS A 176 20.95 19.42 36.74
N THR A 177 20.04 20.26 36.24
CA THR A 177 18.73 20.45 36.91
C THR A 177 17.92 19.16 36.84
N ILE A 178 17.57 18.58 37.99
CA ILE A 178 16.74 17.38 38.08
C ILE A 178 15.52 17.72 38.94
N VAL A 179 14.34 17.61 38.35
CA VAL A 179 13.09 18.07 38.94
C VAL A 179 12.26 16.85 39.33
N PRO A 180 12.13 16.53 40.63
CA PRO A 180 11.23 15.45 41.04
C PRO A 180 9.78 15.96 41.09
N VAL A 181 8.88 15.19 40.49
CA VAL A 181 7.46 15.52 40.45
C VAL A 181 6.67 14.37 41.05
N ARG A 182 5.95 14.66 42.13
CA ARG A 182 5.13 13.69 42.85
C ARG A 182 3.72 13.69 42.28
N CYS A 183 3.61 13.21 41.05
CA CYS A 183 2.35 13.26 40.30
C CYS A 183 1.67 11.89 40.23
N GLU A 184 1.74 11.11 41.31
CA GLU A 184 1.14 9.79 41.32
C GLU A 184 -0.33 9.86 40.97
N GLY A 185 -0.77 8.94 40.09
CA GLY A 185 -2.11 9.00 39.54
C GLY A 185 -3.23 8.92 40.55
N PHE A 186 -2.98 8.32 41.71
CA PHE A 186 -4.03 8.20 42.71
C PHE A 186 -4.24 9.46 43.53
N ARG A 187 -3.37 10.46 43.40
CA ARG A 187 -3.58 11.74 44.06
C ARG A 187 -4.64 12.56 43.32
N GLY A 188 -5.47 13.24 44.08
CA GLY A 188 -6.50 14.07 43.48
C GLY A 188 -7.64 13.26 42.92
N VAL A 189 -8.39 13.91 42.03
CA VAL A 189 -9.56 13.32 41.40
C VAL A 189 -9.53 13.40 39.88
N SER A 190 -8.52 14.02 39.29
CA SER A 190 -8.48 14.31 37.86
C SER A 190 -7.07 14.77 37.49
N GLN A 191 -6.93 15.32 36.28
CA GLN A 191 -5.69 15.93 35.81
C GLN A 191 -5.37 17.26 36.49
N SER A 192 -6.34 17.92 37.13
CA SER A 192 -6.10 19.27 37.64
C SER A 192 -5.10 19.28 38.79
N LEU A 193 -5.15 18.28 39.68
CA LEU A 193 -4.12 18.18 40.71
C LEU A 193 -2.75 17.96 40.08
N GLY A 194 -2.70 17.25 38.94
CA GLY A 194 -1.46 17.15 38.20
C GLY A 194 -0.94 18.50 37.77
N HIS A 195 -1.83 19.37 37.27
CA HIS A 195 -1.43 20.74 36.95
C HIS A 195 -0.82 21.44 38.17
N HIS A 196 -1.51 21.34 39.31
CA HIS A 196 -1.04 22.01 40.53
C HIS A 196 0.34 21.51 40.94
N ILE A 197 0.54 20.19 40.94
CA ILE A 197 1.81 19.59 41.33
C ILE A 197 2.92 20.01 40.37
N ALA A 198 2.63 20.02 39.06
CA ALA A 198 3.63 20.42 38.07
C ALA A 198 4.03 21.88 38.25
N ASN A 199 3.06 22.76 38.51
CA ASN A 199 3.40 24.17 38.73
C ASN A 199 4.23 24.35 39.99
N ASP A 200 3.91 23.60 41.04
CA ASP A 200 4.70 23.68 42.27
C ASP A 200 6.14 23.25 42.01
N ALA A 201 6.32 22.18 41.23
CA ALA A 201 7.66 21.72 40.88
C ALA A 201 8.40 22.78 40.06
N VAL A 202 7.69 23.45 39.15
CA VAL A 202 8.30 24.50 38.35
C VAL A 202 8.79 25.63 39.25
N ARG A 203 7.97 26.06 40.22
CA ARG A 203 8.43 27.18 41.04
C ARG A 203 9.59 26.75 41.93
N ASP A 204 9.57 25.50 42.41
CA ASP A 204 10.54 25.09 43.41
C ASP A 204 11.89 24.67 42.83
N TRP A 205 11.95 24.24 41.58
CA TRP A 205 13.19 23.69 41.06
C TRP A 205 13.73 24.37 39.81
N VAL A 206 12.94 25.15 39.08
CA VAL A 206 13.35 25.73 37.82
C VAL A 206 13.27 27.25 37.81
N LEU A 207 12.20 27.81 38.38
CA LEU A 207 11.83 29.19 38.07
C LEU A 207 12.85 30.19 38.61
N GLY A 208 13.52 29.88 39.72
CA GLY A 208 14.39 30.85 40.35
C GLY A 208 15.88 30.72 40.06
N LYS A 209 16.25 30.04 38.98
CA LYS A 209 17.67 29.83 38.68
C LYS A 209 18.38 31.14 38.36
N ARG A 210 17.69 32.09 37.72
CA ARG A 210 18.30 33.34 37.30
C ARG A 210 17.85 34.53 38.13
N ASP A 211 17.45 34.29 39.38
CA ASP A 211 17.04 35.39 40.25
C ASP A 211 18.19 36.37 40.49
N GLU A 212 19.41 35.86 40.63
CA GLU A 212 20.58 36.70 40.82
C GLU A 212 21.19 37.18 39.50
N ASP A 213 20.73 36.66 38.36
CA ASP A 213 21.31 36.98 37.07
C ASP A 213 20.61 38.19 36.47
N THR A 214 21.40 39.10 35.90
CA THR A 214 20.87 40.30 35.26
C THR A 214 21.53 40.54 33.90
N THR A 215 21.95 39.47 33.23
CA THR A 215 22.59 39.59 31.93
C THR A 215 21.63 39.56 30.76
N PHE A 216 20.35 39.27 30.99
CA PHE A 216 19.36 39.34 29.93
C PHE A 216 18.86 40.78 29.81
N ALA A 217 18.86 41.30 28.58
CA ALA A 217 18.43 42.66 28.33
C ALA A 217 16.92 42.71 28.12
N SER A 218 16.22 43.49 28.93
CA SER A 218 14.78 43.56 28.92
C SER A 218 14.30 44.85 28.27
N THR A 219 13.11 44.78 27.67
CA THR A 219 12.45 45.90 27.03
C THR A 219 11.10 46.14 27.70
N PRO A 220 10.54 47.35 27.55
CA PRO A 220 9.21 47.59 28.12
C PRO A 220 8.11 46.73 27.51
N TYR A 221 8.35 46.12 26.34
CA TYR A 221 7.36 45.31 25.66
C TYR A 221 7.62 43.82 25.80
N ASP A 222 8.06 43.37 26.98
CA ASP A 222 8.35 41.95 27.21
C ASP A 222 7.14 41.26 27.82
N VAL A 223 6.66 40.23 27.13
CA VAL A 223 5.52 39.43 27.56
C VAL A 223 5.89 37.96 27.50
N ALA A 224 5.15 37.16 28.27
CA ALA A 224 5.30 35.72 28.24
C ALA A 224 3.94 35.07 28.04
N ILE A 225 3.86 34.17 27.07
CA ILE A 225 2.61 33.39 26.84
C ILE A 225 2.62 32.25 27.85
N ILE A 226 1.56 32.11 28.65
CA ILE A 226 1.47 31.04 29.69
C ILE A 226 0.23 30.20 29.38
N GLY A 227 0.32 28.88 29.51
CA GLY A 227 -0.88 28.04 29.31
C GLY A 227 -1.22 27.75 27.86
N ASP A 228 -0.33 28.06 26.91
CA ASP A 228 -0.59 27.65 25.51
C ASP A 228 0.34 26.49 25.18
N TYR A 229 -0.22 25.35 24.78
CA TYR A 229 0.60 24.13 24.56
C TYR A 229 0.89 23.89 23.07
N ASN A 230 0.54 24.83 22.19
CA ASN A 230 0.92 24.71 20.75
C ASN A 230 0.28 23.45 20.15
N ILE A 231 -1.02 23.23 20.36
CA ILE A 231 -1.65 22.04 19.71
C ILE A 231 -1.82 22.36 18.23
N GLY A 232 -1.25 21.53 17.35
CA GLY A 232 -1.28 21.86 15.91
C GLY A 232 -0.63 23.22 15.67
N GLY A 233 0.44 23.56 16.39
CA GLY A 233 1.05 24.90 16.30
C GLY A 233 0.13 26.05 16.67
N ASP A 234 -0.75 25.85 17.66
CA ASP A 234 -1.68 26.92 18.12
C ASP A 234 -0.93 28.13 18.69
N ALA A 235 0.11 27.89 19.49
CA ALA A 235 0.92 28.98 20.10
C ALA A 235 1.62 29.79 19.00
N TRP A 236 2.14 29.12 17.96
CA TRP A 236 2.85 29.82 16.85
C TRP A 236 1.88 30.76 16.13
N SER A 237 0.64 30.31 15.93
CA SER A 237 -0.40 31.18 15.29
C SER A 237 -0.67 32.39 16.19
N SER A 238 -0.67 32.20 17.51
CA SER A 238 -0.90 33.32 18.45
C SER A 238 0.34 34.23 18.56
N ARG A 239 1.55 33.67 18.55
CA ARG A 239 2.76 34.46 18.78
C ARG A 239 2.98 35.46 17.67
N ILE A 240 2.74 35.05 16.41
CA ILE A 240 2.94 35.95 15.28
C ILE A 240 2.10 37.22 15.46
N LEU A 241 0.84 37.08 15.87
CA LEU A 241 0.01 38.26 16.09
C LEU A 241 0.63 39.16 17.14
N LEU A 242 1.13 38.57 18.24
CA LEU A 242 1.74 39.38 19.28
C LEU A 242 2.97 40.09 18.76
N GLU A 243 3.74 39.44 17.88
CA GLU A 243 4.93 40.10 17.35
C GLU A 243 4.54 41.09 16.26
N GLU A 244 3.35 40.96 15.68
CA GLU A 244 2.91 41.95 14.71
C GLU A 244 2.42 43.21 15.41
N MET A 245 2.05 43.09 16.69
CA MET A 245 1.62 44.22 17.49
C MET A 245 2.79 45.00 18.10
N GLY A 246 4.02 44.51 17.93
CA GLY A 246 5.19 45.17 18.44
C GLY A 246 5.78 44.58 19.71
N LEU A 247 5.08 43.65 20.35
CA LEU A 247 5.56 43.06 21.58
C LEU A 247 6.65 42.02 21.28
N ARG A 248 7.41 41.68 22.33
CA ARG A 248 8.45 40.66 22.25
C ARG A 248 8.08 39.53 23.19
N CYS A 249 7.96 38.32 22.66
CA CYS A 249 7.57 37.15 23.44
CA CYS A 249 7.57 37.15 23.44
C CYS A 249 8.82 36.43 23.92
N VAL A 250 9.16 36.62 25.20
CA VAL A 250 10.34 36.01 25.76
C VAL A 250 10.17 34.50 25.93
N ALA A 251 8.97 34.07 26.34
CA ALA A 251 8.76 32.66 26.65
C ALA A 251 7.35 32.25 26.29
N GLN A 252 7.16 30.94 26.10
CA GLN A 252 5.83 30.38 25.98
C GLN A 252 5.76 29.05 26.72
N TRP A 253 4.78 28.93 27.61
CA TRP A 253 4.60 27.76 28.47
C TRP A 253 3.38 26.98 28.02
N SER A 254 3.58 25.73 27.63
CA SER A 254 4.89 25.10 27.57
C SER A 254 5.13 24.49 26.18
N GLY A 255 4.17 24.70 25.27
CA GLY A 255 4.29 24.22 23.91
C GLY A 255 5.43 24.86 23.14
N ASP A 256 6.28 24.03 22.52
CA ASP A 256 7.53 24.47 21.90
C ASP A 256 8.43 25.20 22.90
N GLY A 257 8.26 24.92 24.19
CA GLY A 257 8.98 25.63 25.21
C GLY A 257 10.31 25.00 25.57
N SER A 258 11.22 25.83 26.03
CA SER A 258 12.53 25.40 26.48
C SER A 258 12.73 25.84 27.92
N ILE A 259 13.65 25.16 28.61
CA ILE A 259 13.88 25.45 30.03
C ILE A 259 14.45 26.86 30.21
N SER A 260 15.25 27.33 29.26
CA SER A 260 15.78 28.69 29.33
C SER A 260 14.67 29.73 29.26
N GLU A 261 13.63 29.48 28.46
CA GLU A 261 12.49 30.40 28.41
C GLU A 261 11.77 30.47 29.74
N ILE A 262 11.58 29.32 30.39
CA ILE A 262 10.99 29.30 31.73
C ILE A 262 11.84 30.11 32.69
N GLU A 263 13.16 29.93 32.64
CA GLU A 263 14.04 30.65 33.55
C GLU A 263 14.06 32.15 33.23
N LEU A 264 13.78 32.52 32.00
CA LEU A 264 13.76 33.92 31.60
C LEU A 264 12.42 34.60 31.92
N THR A 265 11.36 33.83 32.10
CA THR A 265 10.04 34.41 32.34
C THR A 265 9.96 35.44 33.46
N PRO A 266 10.63 35.30 34.62
CA PRO A 266 10.51 36.34 35.66
C PRO A 266 11.07 37.70 35.28
N LYS A 267 11.57 37.90 34.06
CA LYS A 267 12.08 39.20 33.63
C LYS A 267 11.12 39.97 32.74
N VAL A 268 9.95 39.41 32.43
CA VAL A 268 9.03 40.04 31.48
C VAL A 268 8.20 41.11 32.18
N LYS A 269 7.51 41.92 31.39
CA LYS A 269 6.61 42.94 31.90
C LYS A 269 5.17 42.46 32.02
N LEU A 270 4.75 41.48 31.22
CA LEU A 270 3.36 41.04 31.31
C LEU A 270 3.27 39.55 31.07
N ASN A 271 2.33 38.90 31.76
CA ASN A 271 2.06 37.48 31.60
C ASN A 271 0.69 37.28 30.97
N LEU A 272 0.67 36.75 29.75
CA LEU A 272 -0.61 36.48 29.05
C LEU A 272 -0.97 35.00 29.24
N VAL A 273 -1.97 34.69 30.06
CA VAL A 273 -2.25 33.25 30.33
C VAL A 273 -3.40 32.78 29.46
N HIS A 274 -3.10 31.95 28.44
CA HIS A 274 -4.18 31.37 27.60
C HIS A 274 -5.06 30.36 28.37
N CYS A 275 -4.47 29.49 29.19
CA CYS A 275 -5.35 28.58 29.97
C CYS A 275 -5.22 28.95 31.44
N TYR A 276 -6.30 29.46 32.01
CA TYR A 276 -6.31 29.80 33.45
C TYR A 276 -6.17 28.53 34.30
N ARG A 277 -6.88 27.46 33.94
CA ARG A 277 -6.91 26.28 34.85
C ARG A 277 -5.54 25.63 35.04
N SER A 278 -4.80 25.39 33.95
CA SER A 278 -3.44 24.79 34.05
C SER A 278 -2.40 25.69 34.71
N MET A 279 -2.36 26.99 34.38
CA MET A 279 -1.22 27.84 34.85
C MET A 279 -1.57 28.95 35.85
N ASN A 280 -2.80 29.07 36.35
CA ASN A 280 -3.10 30.22 37.25
C ASN A 280 -2.22 30.15 38.49
N TYR A 281 -1.72 28.97 38.84
CA TYR A 281 -0.99 28.78 40.09
C TYR A 281 0.33 29.54 40.03
N ILE A 282 1.10 29.26 38.99
CA ILE A 282 2.38 29.91 38.78
C ILE A 282 2.20 31.37 38.39
N SER A 283 1.10 31.72 37.71
CA SER A 283 0.89 33.13 37.39
C SER A 283 0.71 33.97 38.66
N ARG A 284 -0.11 33.47 39.59
CA ARG A 284 -0.27 34.16 40.88
C ARG A 284 1.05 34.19 41.64
N HIS A 285 1.82 33.09 41.59
CA HIS A 285 3.10 33.09 42.29
C HIS A 285 4.03 34.17 41.74
N MET A 286 4.10 34.29 40.42
CA MET A 286 4.97 35.31 39.83
C MET A 286 4.48 36.71 40.12
N GLU A 287 3.16 36.92 40.18
CA GLU A 287 2.67 38.24 40.53
C GLU A 287 3.06 38.61 41.96
N GLU A 288 2.98 37.64 42.88
CA GLU A 288 3.33 37.94 44.27
C GLU A 288 4.84 38.12 44.44
N LYS A 289 5.65 37.30 43.77
CA LYS A 289 7.08 37.30 44.03
C LYS A 289 7.85 38.31 43.20
N TYR A 290 7.45 38.55 41.95
CA TYR A 290 8.20 39.37 41.03
C TYR A 290 7.46 40.66 40.68
N GLY A 291 6.21 40.80 41.08
CA GLY A 291 5.44 41.97 40.70
C GLY A 291 5.01 41.99 39.25
N ILE A 292 4.95 40.84 38.60
CA ILE A 292 4.56 40.75 37.19
C ILE A 292 3.04 40.63 37.13
N PRO A 293 2.35 41.57 36.48
CA PRO A 293 0.92 41.40 36.25
C PRO A 293 0.64 40.33 35.21
N TRP A 294 -0.53 39.74 35.31
CA TRP A 294 -0.99 38.70 34.39
C TRP A 294 -2.45 38.95 34.02
N MET A 295 -2.79 38.62 32.78
CA MET A 295 -4.15 38.77 32.29
C MET A 295 -4.52 37.59 31.40
N GLU A 296 -5.79 37.19 31.46
CA GLU A 296 -6.31 36.14 30.59
C GLU A 296 -6.73 36.73 29.24
N TYR A 297 -6.56 35.93 28.19
CA TYR A 297 -6.93 36.34 26.85
C TYR A 297 -7.53 35.14 26.10
N ASN A 298 -8.13 35.42 24.94
CA ASN A 298 -8.83 34.41 24.15
C ASN A 298 -8.55 34.70 22.68
N PHE A 299 -8.01 33.73 21.96
CA PHE A 299 -7.74 33.86 20.52
C PHE A 299 -8.56 32.87 19.69
N PHE A 300 -9.73 32.46 20.19
CA PHE A 300 -10.65 31.63 19.42
C PHE A 300 -11.68 32.50 18.72
N GLY A 301 -11.54 32.61 17.39
CA GLY A 301 -12.47 33.38 16.60
C GLY A 301 -12.10 34.84 16.52
N PRO A 302 -12.52 35.50 15.43
CA PRO A 302 -12.11 36.90 15.22
C PRO A 302 -12.57 37.86 16.31
N THR A 303 -13.79 37.70 16.83
CA THR A 303 -14.30 38.65 17.82
C THR A 303 -13.47 38.63 19.10
N LYS A 304 -13.27 37.44 19.67
CA LYS A 304 -12.45 37.31 20.86
C LYS A 304 -11.01 37.73 20.59
N THR A 305 -10.47 37.37 19.42
CA THR A 305 -9.09 37.74 19.11
C THR A 305 -8.92 39.25 19.08
N ILE A 306 -9.84 39.96 18.42
CA ILE A 306 -9.76 41.42 18.33
C ILE A 306 -9.90 42.04 19.71
N GLU A 307 -10.86 41.56 20.50
CA GLU A 307 -11.02 42.06 21.86
C GLU A 307 -9.76 41.85 22.70
N SER A 308 -9.17 40.65 22.62
CA SER A 308 -7.98 40.35 23.40
C SER A 308 -6.80 41.21 22.96
N LEU A 309 -6.63 41.37 21.65
CA LEU A 309 -5.54 42.21 21.15
C LEU A 309 -5.68 43.65 21.63
N ARG A 310 -6.91 44.17 21.62
CA ARG A 310 -7.12 45.55 22.06
C ARG A 310 -6.84 45.70 23.55
N ALA A 311 -7.28 44.74 24.37
CA ALA A 311 -7.00 44.82 25.81
C ALA A 311 -5.50 44.71 26.09
N ILE A 312 -4.82 43.77 25.43
CA ILE A 312 -3.39 43.59 25.63
C ILE A 312 -2.64 44.86 25.23
N ALA A 313 -3.02 45.46 24.10
CA ALA A 313 -2.41 46.72 23.70
C ALA A 313 -2.71 47.83 24.70
N ALA A 314 -3.92 47.82 25.29
CA ALA A 314 -4.27 48.81 26.31
C ALA A 314 -3.38 48.70 27.53
N LYS A 315 -2.83 47.52 27.81
CA LYS A 315 -1.84 47.43 28.89
C LYS A 315 -0.56 48.20 28.60
N PHE A 316 -0.31 48.61 27.35
CA PHE A 316 0.93 49.28 26.97
C PHE A 316 0.68 50.70 26.44
N ASP A 317 1.73 51.31 25.89
CA ASP A 317 1.68 52.69 25.43
C ASP A 317 1.04 52.80 24.04
N GLU A 318 1.09 54.01 23.48
CA GLU A 318 0.25 54.35 22.33
C GLU A 318 0.78 53.75 21.03
N SER A 319 2.10 53.60 20.94
CA SER A 319 2.73 52.97 19.75
C SER A 319 2.17 51.55 19.58
N ILE A 320 2.11 50.78 20.66
CA ILE A 320 1.59 49.38 20.60
C ILE A 320 0.11 49.40 20.18
N GLN A 321 -0.67 50.35 20.71
CA GLN A 321 -2.11 50.48 20.34
C GLN A 321 -2.24 50.83 18.86
N LYS A 322 -1.39 51.72 18.34
CA LYS A 322 -1.42 52.07 16.90
C LYS A 322 -1.07 50.82 16.07
N LYS A 323 -0.07 50.05 16.50
CA LYS A 323 0.33 48.80 15.81
C LYS A 323 -0.82 47.80 15.85
N CYS A 324 -1.53 47.73 16.99
CA CYS A 324 -2.66 46.78 17.16
C CYS A 324 -3.76 47.10 16.16
N GLU A 325 -4.05 48.39 15.95
CA GLU A 325 -5.09 48.80 14.97
C GLU A 325 -4.62 48.43 13.56
N GLU A 326 -3.31 48.51 13.29
CA GLU A 326 -2.81 48.08 11.99
C GLU A 326 -2.98 46.58 11.78
N VAL A 327 -2.71 45.78 12.82
CA VAL A 327 -2.86 44.33 12.71
C VAL A 327 -4.30 43.95 12.46
N ILE A 328 -5.22 44.57 13.22
CA ILE A 328 -6.64 44.30 13.04
C ILE A 328 -7.10 44.66 11.64
N ALA A 329 -6.68 45.83 11.15
CA ALA A 329 -7.05 46.24 9.80
C ALA A 329 -6.46 45.32 8.75
N LYS A 330 -5.24 44.83 8.97
CA LYS A 330 -4.62 43.93 8.00
C LYS A 330 -5.36 42.61 7.91
N TYR A 331 -5.82 42.09 9.05
CA TYR A 331 -6.43 40.76 9.03
C TYR A 331 -7.94 40.78 8.82
N LYS A 332 -8.58 41.94 8.86
CA LYS A 332 -10.04 42.01 8.73
C LYS A 332 -10.59 41.38 7.44
N PRO A 333 -10.05 41.67 6.24
CA PRO A 333 -10.62 41.05 5.03
C PRO A 333 -10.55 39.53 5.01
N GLU A 334 -9.50 38.94 5.59
CA GLU A 334 -9.35 37.48 5.51
C GLU A 334 -10.44 36.76 6.32
N TRP A 335 -10.63 37.16 7.58
CA TRP A 335 -11.67 36.49 8.36
C TRP A 335 -13.06 36.91 7.91
N GLU A 336 -13.20 38.10 7.33
CA GLU A 336 -14.49 38.45 6.73
C GLU A 336 -14.82 37.54 5.56
N ALA A 337 -13.83 37.22 4.72
CA ALA A 337 -14.06 36.28 3.63
C ALA A 337 -14.38 34.89 4.18
N VAL A 338 -13.70 34.48 5.23
CA VAL A 338 -13.99 33.19 5.85
C VAL A 338 -15.45 33.14 6.30
N VAL A 339 -15.91 34.20 6.95
CA VAL A 339 -17.29 34.27 7.41
C VAL A 339 -18.24 34.24 6.22
N ALA A 340 -17.97 35.04 5.19
CA ALA A 340 -18.85 35.10 4.04
C ALA A 340 -18.96 33.75 3.34
N LYS A 341 -17.91 32.94 3.38
CA LYS A 341 -17.95 31.68 2.67
C LYS A 341 -18.58 30.57 3.51
N TYR A 342 -18.38 30.60 4.83
CA TYR A 342 -18.78 29.45 5.64
C TYR A 342 -19.97 29.66 6.56
N ARG A 343 -20.27 30.94 6.87
CA ARG A 343 -21.41 31.28 7.78
C ARG A 343 -22.75 30.71 7.27
N PRO A 344 -23.20 30.89 6.01
CA PRO A 344 -24.53 30.42 5.61
C PRO A 344 -24.66 28.90 5.74
N ARG A 345 -23.60 28.17 5.38
CA ARG A 345 -23.63 26.67 5.45
C ARG A 345 -23.80 26.16 6.89
N LEU A 346 -23.15 26.79 7.87
CA LEU A 346 -23.30 26.37 9.30
C LEU A 346 -24.29 27.24 10.08
N GLU A 347 -24.99 28.20 9.44
CA GLU A 347 -25.86 29.13 10.21
C GLU A 347 -27.00 28.37 10.89
N GLY A 348 -27.30 28.70 12.15
CA GLY A 348 -28.44 28.09 12.87
C GLY A 348 -28.16 26.70 13.42
N LYS A 349 -26.91 26.22 13.35
CA LYS A 349 -26.62 24.82 13.77
C LYS A 349 -26.33 24.76 15.27
N ARG A 350 -26.68 23.65 15.91
CA ARG A 350 -26.57 23.55 17.37
C ARG A 350 -25.50 22.54 17.76
N VAL A 351 -24.71 22.90 18.79
CA VAL A 351 -23.51 22.19 19.18
C VAL A 351 -23.58 21.87 20.67
N MET A 352 -23.04 20.69 21.03
CA MET A 352 -22.91 20.27 22.46
C MET A 352 -21.44 19.94 22.69
N LEU A 353 -20.75 20.60 23.63
CA LEU A 353 -19.29 20.37 23.78
C LEU A 353 -18.88 19.84 25.17
N TYR A 354 -18.11 18.74 25.22
CA TYR A 354 -17.52 18.30 26.51
C TYR A 354 -16.01 18.29 26.27
N ILE A 355 -15.26 19.26 26.82
CA ILE A 355 -13.81 19.34 26.43
C ILE A 355 -12.80 19.32 27.60
N GLY A 356 -13.20 19.15 28.85
CA GLY A 356 -12.18 19.31 29.93
C GLY A 356 -12.11 20.74 30.45
N GLY A 357 -10.99 21.15 31.07
CA GLY A 357 -10.85 22.43 31.79
C GLY A 357 -11.11 23.79 31.14
N LEU A 358 -10.36 24.20 30.11
CA LEU A 358 -10.57 25.60 29.59
C LEU A 358 -11.39 25.68 28.30
N ARG A 359 -11.24 24.72 27.39
CA ARG A 359 -11.84 24.85 26.02
C ARG A 359 -13.36 25.02 25.91
N PRO A 360 -14.26 24.37 26.69
CA PRO A 360 -15.69 24.51 26.38
C PRO A 360 -16.19 25.96 26.45
N ARG A 361 -15.83 26.74 27.47
CA ARG A 361 -16.16 28.21 27.45
C ARG A 361 -15.35 28.94 26.36
N HIS A 362 -14.08 28.59 26.18
CA HIS A 362 -13.18 29.35 25.26
C HIS A 362 -13.61 29.33 23.80
N VAL A 363 -14.14 28.20 23.31
CA VAL A 363 -14.45 28.09 21.86
C VAL A 363 -15.86 28.57 21.53
N ILE A 364 -16.65 29.06 22.50
CA ILE A 364 -18.04 29.38 22.17
C ILE A 364 -18.12 30.56 21.22
N GLY A 365 -17.26 31.56 21.42
CA GLY A 365 -17.28 32.74 20.57
C GLY A 365 -16.99 32.43 19.11
N ALA A 366 -16.10 31.46 18.86
CA ALA A 366 -15.80 31.08 17.48
C ALA A 366 -17.00 30.42 16.82
N TYR A 367 -17.70 29.55 17.55
CA TYR A 367 -18.94 28.97 17.02
C TYR A 367 -19.98 30.03 16.75
N GLU A 368 -20.10 31.00 17.66
CA GLU A 368 -21.06 32.09 17.44
C GLU A 368 -20.67 32.98 16.27
N ASP A 369 -19.37 33.14 16.01
CA ASP A 369 -18.92 33.93 14.87
C ASP A 369 -19.39 33.31 13.56
N LEU A 370 -19.62 32.02 13.55
CA LEU A 370 -20.13 31.29 12.40
C LEU A 370 -21.65 31.07 12.48
N GLY A 371 -22.33 31.75 13.39
CA GLY A 371 -23.77 31.63 13.49
C GLY A 371 -24.28 30.34 14.10
N MET A 372 -23.47 29.72 14.95
CA MET A 372 -23.79 28.42 15.53
C MET A 372 -24.09 28.58 17.02
N GLU A 373 -25.07 27.84 17.50
CA GLU A 373 -25.54 27.96 18.88
C GLU A 373 -25.05 26.79 19.72
N VAL A 374 -24.42 27.09 20.85
CA VAL A 374 -23.86 26.02 21.74
C VAL A 374 -24.89 25.69 22.83
N VAL A 375 -25.79 24.74 22.57
CA VAL A 375 -26.79 24.29 23.59
C VAL A 375 -26.12 23.61 24.79
N GLY A 376 -25.07 22.80 24.60
CA GLY A 376 -24.50 22.07 25.76
C GLY A 376 -23.03 22.38 26.01
N THR A 377 -22.67 22.73 27.25
CA THR A 377 -21.23 22.91 27.60
C THR A 377 -20.90 22.02 28.81
N GLY A 378 -19.82 21.25 28.74
CA GLY A 378 -19.43 20.40 29.87
C GLY A 378 -17.95 20.32 30.15
N TYR A 379 -17.58 20.12 31.42
CA TYR A 379 -16.15 20.04 31.81
C TYR A 379 -15.84 18.74 32.55
N GLU A 380 -14.73 18.10 32.21
CA GLU A 380 -14.32 16.88 32.95
C GLU A 380 -13.77 17.23 34.33
N PHE A 381 -13.01 18.32 34.47
CA PHE A 381 -12.31 18.56 35.73
C PHE A 381 -12.25 20.03 36.12
N ALA A 382 -13.18 20.86 35.66
CA ALA A 382 -13.10 22.28 36.01
C ALA A 382 -13.52 22.50 37.45
N HIS A 383 -13.17 23.68 37.95
CA HIS A 383 -13.49 24.20 39.27
C HIS A 383 -14.60 25.23 39.16
N ASN A 384 -15.11 25.67 40.31
CA ASN A 384 -16.28 26.54 40.32
C ASN A 384 -16.03 27.86 39.61
N ASP A 385 -14.80 28.37 39.65
CA ASP A 385 -14.50 29.62 38.96
C ASP A 385 -14.62 29.49 37.44
N ASP A 386 -14.26 28.33 36.90
CA ASP A 386 -14.49 28.08 35.47
C ASP A 386 -15.96 28.14 35.14
N TYR A 387 -16.82 27.53 35.97
CA TYR A 387 -18.25 27.61 35.75
C TYR A 387 -18.78 29.02 35.95
N ASP A 388 -18.15 29.80 36.83
CA ASP A 388 -18.54 31.20 36.99
C ASP A 388 -18.33 31.98 35.69
N ARG A 389 -17.20 31.75 35.03
CA ARG A 389 -16.94 32.42 33.73
C ARG A 389 -17.85 31.83 32.65
N THR A 390 -18.11 30.51 32.71
CA THR A 390 -18.95 29.81 31.71
C THR A 390 -20.39 30.32 31.69
N MET A 391 -20.98 30.60 32.85
CA MET A 391 -22.44 30.94 32.88
C MET A 391 -22.74 32.20 32.08
N LYS A 392 -21.91 33.24 32.19
CA LYS A 392 -22.12 34.46 31.36
C LYS A 392 -21.95 34.14 29.87
N GLU A 393 -20.94 33.35 29.51
CA GLU A 393 -20.67 32.99 28.10
C GLU A 393 -21.83 32.15 27.52
N MET A 394 -22.35 31.20 28.30
CA MET A 394 -23.45 30.30 27.85
C MET A 394 -24.79 31.05 27.76
N GLY A 395 -25.67 30.61 26.86
CA GLY A 395 -27.00 31.23 26.72
C GLY A 395 -28.00 30.70 27.74
N ASP A 396 -29.18 31.34 27.84
CA ASP A 396 -30.20 30.95 28.80
C ASP A 396 -30.80 29.59 28.44
N SER A 397 -31.13 28.82 29.47
CA SER A 397 -31.82 27.55 29.37
C SER A 397 -31.00 26.48 28.64
N THR A 398 -29.68 26.58 28.68
CA THR A 398 -28.81 25.58 28.10
C THR A 398 -28.29 24.62 29.18
N LEU A 399 -27.82 23.46 28.74
CA LEU A 399 -27.46 22.41 29.70
C LEU A 399 -26.01 22.54 30.13
N LEU A 400 -25.78 22.42 31.45
CA LEU A 400 -24.46 22.44 32.05
C LEU A 400 -24.22 21.14 32.79
N TYR A 401 -22.99 20.65 32.70
CA TYR A 401 -22.68 19.29 33.14
C TYR A 401 -21.19 19.07 33.41
N ASP A 402 -20.90 18.57 34.61
CA ASP A 402 -19.57 18.39 35.16
C ASP A 402 -19.30 16.92 35.38
N ASP A 403 -18.17 16.43 34.86
CA ASP A 403 -17.76 15.03 35.01
C ASP A 403 -18.86 14.08 34.56
N VAL A 404 -19.38 14.32 33.35
CA VAL A 404 -20.52 13.57 32.86
C VAL A 404 -20.15 12.11 32.63
N THR A 405 -21.10 11.22 32.88
CA THR A 405 -20.90 9.80 32.62
C THR A 405 -21.25 9.47 31.17
N GLY A 406 -20.84 8.28 30.74
CA GLY A 406 -21.16 7.85 29.38
C GLY A 406 -22.66 7.71 29.16
N TYR A 407 -23.35 7.08 30.12
CA TYR A 407 -24.81 6.96 30.05
C TYR A 407 -25.46 8.34 29.98
N GLU A 408 -25.06 9.25 30.87
CA GLU A 408 -25.67 10.57 30.93
C GLU A 408 -25.52 11.31 29.62
N PHE A 409 -24.30 11.35 29.09
CA PHE A 409 -24.05 12.12 27.88
C PHE A 409 -24.76 11.50 26.68
N GLU A 410 -24.81 10.16 26.61
CA GLU A 410 -25.55 9.53 25.53
C GLU A 410 -27.04 9.86 25.60
N GLU A 411 -27.63 9.82 26.80
CA GLU A 411 -29.06 10.15 26.93
C GLU A 411 -29.34 11.61 26.59
N PHE A 412 -28.48 12.51 27.07
CA PHE A 412 -28.66 13.92 26.76
C PHE A 412 -28.59 14.16 25.25
N VAL A 413 -27.63 13.52 24.58
CA VAL A 413 -27.53 13.68 23.13
C VAL A 413 -28.75 13.12 22.43
N LYS A 414 -29.25 11.97 22.87
CA LYS A 414 -30.46 11.41 22.26
C LYS A 414 -31.65 12.36 22.40
N ARG A 415 -31.77 13.04 23.53
CA ARG A 415 -32.93 13.92 23.70
C ARG A 415 -32.76 15.24 22.99
N ILE A 416 -31.63 15.92 23.19
CA ILE A 416 -31.42 17.25 22.62
C ILE A 416 -31.27 17.17 21.10
N LYS A 417 -30.62 16.12 20.60
CA LYS A 417 -30.37 15.90 19.17
C LYS A 417 -29.57 17.06 18.57
N PRO A 418 -28.32 17.24 18.95
CA PRO A 418 -27.50 18.29 18.35
C PRO A 418 -27.12 17.97 16.92
N ASP A 419 -26.82 19.03 16.17
CA ASP A 419 -26.25 18.86 14.84
C ASP A 419 -24.80 18.43 14.89
N LEU A 420 -24.06 18.77 15.95
CA LEU A 420 -22.64 18.49 16.04
C LEU A 420 -22.26 18.35 17.51
N ILE A 421 -21.26 17.51 17.76
CA ILE A 421 -20.71 17.29 19.10
C ILE A 421 -19.21 17.45 19.05
N GLY A 422 -18.66 18.23 19.96
CA GLY A 422 -17.22 18.35 20.09
C GLY A 422 -16.68 17.77 21.37
N SER A 423 -15.88 16.71 21.28
CA SER A 423 -15.40 16.07 22.50
C SER A 423 -14.12 15.29 22.18
N GLY A 424 -13.74 14.37 23.07
CA GLY A 424 -12.51 13.62 22.94
C GLY A 424 -12.65 12.30 22.18
N ILE A 425 -11.54 11.55 22.19
CA ILE A 425 -11.45 10.34 21.38
C ILE A 425 -12.32 9.21 21.96
N LYS A 426 -12.64 9.26 23.25
CA LYS A 426 -13.45 8.20 23.84
C LYS A 426 -14.95 8.38 23.62
N GLU A 427 -15.39 9.48 22.99
CA GLU A 427 -16.79 9.66 22.65
C GLU A 427 -17.05 9.66 21.14
N LYS A 428 -15.98 9.91 20.37
CA LYS A 428 -16.08 10.05 18.88
C LYS A 428 -16.85 8.91 18.22
N PHE A 429 -16.33 7.69 18.31
CA PHE A 429 -16.94 6.54 17.58
C PHE A 429 -18.36 6.29 18.10
N ILE A 430 -18.58 6.41 19.41
CA ILE A 430 -19.96 6.27 19.99
C ILE A 430 -20.92 7.18 19.21
N PHE A 431 -20.60 8.47 19.05
CA PHE A 431 -21.56 9.36 18.40
C PHE A 431 -21.52 9.31 16.88
N GLN A 432 -20.43 8.85 16.27
CA GLN A 432 -20.47 8.63 14.83
C GLN A 432 -21.38 7.45 14.48
N LYS A 433 -21.41 6.41 15.32
CA LYS A 433 -22.34 5.32 15.05
C LYS A 433 -23.79 5.74 15.27
N MET A 434 -24.01 6.75 16.10
CA MET A 434 -25.35 7.30 16.31
C MET A 434 -25.82 8.16 15.15
N GLY A 435 -24.94 8.49 14.21
CA GLY A 435 -25.31 9.33 13.08
C GLY A 435 -25.14 10.82 13.30
N ILE A 436 -24.36 11.23 14.28
CA ILE A 436 -24.21 12.64 14.64
C ILE A 436 -22.78 13.06 14.34
N PRO A 437 -22.57 14.09 13.52
CA PRO A 437 -21.21 14.55 13.24
C PRO A 437 -20.46 14.94 14.51
N PHE A 438 -19.18 14.60 14.54
CA PHE A 438 -18.34 14.71 15.73
C PHE A 438 -17.01 15.33 15.36
N ARG A 439 -16.55 16.27 16.20
CA ARG A 439 -15.23 16.86 16.05
C ARG A 439 -14.45 16.62 17.33
N GLU A 440 -13.21 16.16 17.20
CA GLU A 440 -12.33 16.04 18.35
C GLU A 440 -11.85 17.43 18.74
N MET A 441 -12.11 17.81 19.98
CA MET A 441 -11.80 19.15 20.45
C MET A 441 -10.55 19.20 21.32
N HIS A 442 -9.82 18.09 21.43
CA HIS A 442 -8.53 18.08 22.11
C HIS A 442 -7.38 18.15 21.11
N SER A 443 -7.36 17.20 20.16
CA SER A 443 -6.31 17.15 19.12
C SER A 443 -6.75 17.92 17.86
N TRP A 444 -7.96 18.48 17.85
CA TRP A 444 -8.52 19.17 16.65
C TRP A 444 -8.66 18.19 15.49
N ASP A 445 -8.93 16.91 15.79
CA ASP A 445 -9.01 15.85 14.75
C ASP A 445 -7.77 15.93 13.86
N TYR A 446 -6.59 16.13 14.46
CA TYR A 446 -5.29 16.17 13.73
C TYR A 446 -5.30 17.29 12.67
N SER A 447 -5.95 18.43 12.98
CA SER A 447 -5.96 19.58 12.03
C SER A 447 -5.59 20.89 12.75
N GLY A 448 -4.32 21.08 13.12
CA GLY A 448 -3.84 22.34 13.73
C GLY A 448 -3.72 23.48 12.72
N PRO A 449 -3.67 24.77 13.12
CA PRO A 449 -4.22 25.26 14.39
C PRO A 449 -5.61 25.93 14.37
N TYR A 450 -6.27 26.02 15.54
CA TYR A 450 -7.58 26.74 15.65
C TYR A 450 -7.40 28.11 16.30
N HIS A 451 -6.17 28.57 16.55
CA HIS A 451 -5.94 29.83 17.32
C HIS A 451 -5.60 31.01 16.42
N GLY A 452 -6.25 32.16 16.64
CA GLY A 452 -5.90 33.38 15.89
C GLY A 452 -6.68 33.53 14.60
N PHE A 453 -6.22 34.42 13.72
CA PHE A 453 -6.89 34.67 12.45
C PHE A 453 -6.65 33.52 11.47
N ASP A 454 -5.40 33.06 11.39
CA ASP A 454 -5.07 31.91 10.51
C ASP A 454 -5.79 30.67 11.04
N GLY A 455 -5.88 30.53 12.36
CA GLY A 455 -6.57 29.38 12.98
C GLY A 455 -8.05 29.34 12.64
N PHE A 456 -8.70 30.51 12.60
CA PHE A 456 -10.17 30.57 12.36
C PHE A 456 -10.51 29.98 10.99
N ALA A 457 -9.71 30.26 9.97
CA ALA A 457 -10.00 29.75 8.61
C ALA A 457 -10.00 28.22 8.60
N ILE A 458 -9.02 27.58 9.27
CA ILE A 458 -9.01 26.10 9.39
C ILE A 458 -10.23 25.65 10.19
N PHE A 459 -10.57 26.36 11.26
CA PHE A 459 -11.71 25.98 12.13
C PHE A 459 -12.99 25.96 11.29
N ALA A 460 -13.28 27.03 10.55
CA ALA A 460 -14.50 27.10 9.77
C ALA A 460 -14.54 26.01 8.71
N ARG A 461 -13.40 25.78 8.02
CA ARG A 461 -13.35 24.72 7.02
C ARG A 461 -13.64 23.35 7.63
N ASP A 462 -13.07 23.07 8.81
CA ASP A 462 -13.25 21.77 9.45
C ASP A 462 -14.70 21.57 9.91
N MET A 463 -15.29 22.58 10.54
CA MET A 463 -16.68 22.46 10.96
C MET A 463 -17.60 22.26 9.76
N ASP A 464 -17.37 23.00 8.67
CA ASP A 464 -18.19 22.82 7.49
C ASP A 464 -18.02 21.42 6.90
N MET A 465 -16.78 20.94 6.80
CA MET A 465 -16.53 19.66 6.15
C MET A 465 -17.10 18.50 6.96
N THR A 466 -17.25 18.63 8.28
CA THR A 466 -17.75 17.44 9.02
C THR A 466 -19.29 17.50 9.08
N LEU A 467 -19.86 18.66 9.43
CA LEU A 467 -21.33 18.80 9.57
C LEU A 467 -22.05 18.55 8.24
N ASN A 468 -21.49 19.04 7.12
CA ASN A 468 -22.18 18.97 5.80
C ASN A 468 -21.75 17.72 5.02
N ASN A 469 -20.97 16.81 5.62
CA ASN A 469 -20.44 15.64 4.88
C ASN A 469 -21.56 14.75 4.34
N PRO A 470 -21.42 14.19 3.13
CA PRO A 470 -22.44 13.31 2.49
C PRO A 470 -22.78 12.03 3.27
N CYS A 471 -21.80 11.40 3.93
CA CYS A 471 -22.03 10.06 4.57
C CYS A 471 -23.14 10.11 5.63
N TRP A 472 -23.24 11.17 6.43
CA TRP A 472 -24.30 11.29 7.47
C TRP A 472 -25.72 11.05 6.90
N LYS A 473 -25.93 11.18 5.59
CA LYS A 473 -27.22 10.92 4.98
C LYS A 473 -27.40 9.47 4.56
N LYS A 474 -26.47 8.59 4.92
CA LYS A 474 -26.44 7.23 4.39
C LYS A 474 -26.46 6.14 5.44
N LEU A 475 -26.74 6.44 6.71
CA LEU A 475 -26.69 5.38 7.71
C LEU A 475 -27.91 4.47 7.67
N GLN A 476 -29.03 4.91 7.10
CA GLN A 476 -30.22 4.08 7.01
C GLN A 476 -30.25 3.41 5.64
N ALA A 477 -30.27 2.08 5.63
CA ALA A 477 -30.35 1.35 4.38
C ALA A 477 -31.67 1.65 3.68
N PRO A 478 -31.67 1.72 2.34
CA PRO A 478 -32.92 2.04 1.63
C PRO A 478 -34.03 1.03 1.88
N TRP A 479 -33.70 -0.25 2.07
CA TRP A 479 -34.72 -1.27 2.20
C TRP A 479 -35.30 -1.38 3.60
N GLU A 480 -34.79 -0.61 4.56
CA GLU A 480 -35.35 -0.64 5.91
C GLU A 480 -35.91 0.72 6.29
N SER B 2 -1.13 34.51 7.25
CA SER B 2 -2.16 34.82 6.27
C SER B 2 -2.76 33.55 5.68
N GLN B 3 -4.03 33.62 5.29
CA GLN B 3 -4.73 32.51 4.67
C GLN B 3 -5.46 32.98 3.43
N GLN B 4 -5.48 32.13 2.41
CA GLN B 4 -6.28 32.34 1.21
C GLN B 4 -7.55 31.51 1.35
N VAL B 5 -8.71 32.18 1.33
CA VAL B 5 -9.95 31.49 1.66
C VAL B 5 -10.24 30.36 0.69
N ASP B 6 -9.79 30.49 -0.57
CA ASP B 6 -10.07 29.46 -1.56
C ASP B 6 -9.16 28.25 -1.41
N LYS B 7 -7.98 28.46 -0.82
CA LYS B 7 -7.01 27.34 -0.60
C LYS B 7 -6.45 27.48 0.82
N ILE B 8 -7.27 27.21 1.83
CA ILE B 8 -6.84 27.36 3.26
C ILE B 8 -5.71 26.36 3.54
N LYS B 9 -4.70 26.79 4.30
CA LYS B 9 -3.57 25.89 4.65
C LYS B 9 -3.59 25.64 6.16
N ALA B 10 -3.55 24.38 6.56
CA ALA B 10 -3.51 24.01 7.99
C ALA B 10 -2.04 23.99 8.45
N SER B 11 -1.67 23.35 9.56
CA SER B 11 -0.31 23.53 10.14
C SER B 11 0.76 23.16 9.11
N TYR B 12 0.58 22.09 8.34
CA TYR B 12 1.52 21.86 7.22
C TYR B 12 0.75 22.21 5.94
N PRO B 13 1.23 23.14 5.09
CA PRO B 13 2.45 23.91 5.31
C PRO B 13 2.31 25.41 5.65
N LEU B 14 1.39 25.78 6.54
CA LEU B 14 1.24 27.20 6.98
C LEU B 14 2.54 27.67 7.66
N PHE B 15 3.16 26.82 8.46
CA PHE B 15 4.44 27.15 9.18
C PHE B 15 5.56 27.37 8.15
N LEU B 16 5.51 26.68 7.01
CA LEU B 16 6.51 26.82 5.92
C LEU B 16 6.48 28.24 5.32
N ASP B 17 5.40 29.01 5.50
CA ASP B 17 5.38 30.42 5.02
C ASP B 17 6.49 31.22 5.71
N GLN B 18 7.11 32.15 4.99
CA GLN B 18 8.31 32.87 5.50
C GLN B 18 8.05 33.70 6.77
N ASP B 19 6.91 34.39 6.88
CA ASP B 19 6.60 35.13 8.14
C ASP B 19 6.76 34.19 9.35
N TYR B 20 6.26 32.96 9.26
CA TYR B 20 6.38 32.00 10.34
C TYR B 20 7.83 31.53 10.52
N LYS B 21 8.55 31.31 9.41
CA LYS B 21 9.96 30.97 9.51
C LYS B 21 10.76 32.08 10.18
N ASP B 22 10.50 33.33 9.82
CA ASP B 22 11.19 34.44 10.47
C ASP B 22 10.87 34.52 11.96
N MET B 23 9.60 34.33 12.33
CA MET B 23 9.21 34.27 13.73
C MET B 23 9.99 33.19 14.48
N LEU B 24 10.00 31.98 13.93
CA LEU B 24 10.64 30.86 14.60
C LEU B 24 12.15 31.08 14.71
N ALA B 25 12.76 31.67 13.68
CA ALA B 25 14.18 31.98 13.73
C ALA B 25 14.48 32.98 14.84
N LYS B 26 13.67 34.04 14.95
CA LYS B 26 13.89 35.00 16.02
C LYS B 26 13.69 34.36 17.39
N LYS B 27 12.67 33.52 17.54
CA LYS B 27 12.43 32.84 18.81
C LYS B 27 13.62 31.99 19.22
N ARG B 28 14.10 31.16 18.29
CA ARG B 28 15.25 30.29 18.57
C ARG B 28 16.49 31.11 18.91
N ASP B 29 16.78 32.13 18.09
CA ASP B 29 18.02 32.89 18.29
C ASP B 29 17.97 33.75 19.54
N GLY B 30 16.77 34.13 19.99
CA GLY B 30 16.68 35.06 21.10
C GLY B 30 16.50 34.43 22.45
N PHE B 31 15.75 33.32 22.55
CA PHE B 31 15.40 32.84 23.88
C PHE B 31 15.55 31.35 24.12
N GLU B 32 15.82 30.53 23.10
CA GLU B 32 15.90 29.10 23.32
C GLU B 32 17.29 28.63 23.77
N GLU B 33 18.31 29.48 23.65
CA GLU B 33 19.70 29.11 23.97
C GLU B 33 20.06 27.76 23.38
N LYS B 34 19.75 27.58 22.10
CA LYS B 34 19.90 26.30 21.43
C LYS B 34 21.36 26.03 21.09
N TYR B 35 21.75 24.76 21.19
CA TYR B 35 23.08 24.35 20.80
C TYR B 35 23.31 24.67 19.32
N PRO B 36 24.54 25.04 18.93
CA PRO B 36 24.80 25.31 17.53
C PRO B 36 24.53 24.09 16.65
N GLN B 37 24.09 24.35 15.42
CA GLN B 37 23.68 23.28 14.53
C GLN B 37 24.83 22.32 14.23
N ASP B 38 26.06 22.80 14.20
CA ASP B 38 27.20 21.91 13.98
C ASP B 38 27.34 20.90 15.12
N LYS B 39 27.14 21.35 16.37
CA LYS B 39 27.18 20.44 17.51
C LYS B 39 26.07 19.41 17.43
N ILE B 40 24.87 19.83 17.02
CA ILE B 40 23.74 18.92 16.89
C ILE B 40 24.03 17.87 15.82
N ASP B 41 24.55 18.31 14.68
CA ASP B 41 24.88 17.38 13.60
C ASP B 41 25.94 16.37 14.05
N GLU B 42 26.95 16.84 14.77
CA GLU B 42 28.01 15.95 15.25
C GLU B 42 27.46 14.92 16.23
N VAL B 43 26.60 15.36 17.15
CA VAL B 43 26.03 14.43 18.13
C VAL B 43 25.14 13.40 17.42
N PHE B 44 24.35 13.82 16.44
CA PHE B 44 23.52 12.87 15.71
C PHE B 44 24.37 11.83 15.00
N GLN B 45 25.40 12.28 14.29
CA GLN B 45 26.29 11.37 13.59
C GLN B 45 26.93 10.40 14.58
N TRP B 46 27.29 10.89 15.76
CA TRP B 46 27.82 10.03 16.81
C TRP B 46 26.80 8.97 17.23
N THR B 47 25.52 9.36 17.36
CA THR B 47 24.50 8.39 17.76
C THR B 47 24.23 7.36 16.67
N THR B 48 24.67 7.58 15.44
CA THR B 48 24.55 6.52 14.44
C THR B 48 25.76 5.58 14.37
N THR B 49 26.68 5.64 15.33
CA THR B 49 27.91 4.88 15.23
C THR B 49 27.89 3.59 16.06
N LYS B 50 28.91 2.77 15.85
CA LYS B 50 29.05 1.49 16.53
C LYS B 50 29.45 1.67 17.99
N GLU B 51 30.27 2.69 18.28
CA GLU B 51 30.62 3.00 19.66
C GLU B 51 29.40 3.40 20.46
N TYR B 52 28.54 4.25 19.87
CA TYR B 52 27.28 4.59 20.51
C TYR B 52 26.45 3.34 20.74
N GLN B 53 26.47 2.40 19.80
CA GLN B 53 25.68 1.19 19.94
C GLN B 53 26.20 0.35 21.11
N GLU B 54 27.52 0.28 21.30
CA GLU B 54 28.07 -0.40 22.47
C GLU B 54 27.56 0.23 23.75
N LEU B 55 27.68 1.56 23.86
CA LEU B 55 27.16 2.26 25.04
C LEU B 55 25.67 1.98 25.23
N ASN B 56 24.92 2.01 24.13
CA ASN B 56 23.47 1.83 24.17
C ASN B 56 23.11 0.45 24.69
N PHE B 57 23.81 -0.58 24.23
CA PHE B 57 23.54 -1.95 24.66
C PHE B 57 24.13 -2.26 26.03
N GLN B 58 24.92 -1.36 26.61
CA GLN B 58 25.30 -1.52 28.01
C GLN B 58 24.25 -1.01 28.99
N ARG B 59 23.10 -0.54 28.51
CA ARG B 59 22.07 -0.03 29.40
C ARG B 59 21.53 -1.13 30.31
N GLU B 60 21.27 -0.76 31.57
CA GLU B 60 20.71 -1.67 32.56
C GLU B 60 19.48 -1.13 33.26
N ALA B 61 19.42 0.18 33.52
CA ALA B 61 18.30 0.78 34.24
C ALA B 61 17.34 1.55 33.34
N LEU B 62 17.84 2.19 32.30
CA LEU B 62 17.03 3.06 31.45
C LEU B 62 16.43 2.26 30.31
N THR B 63 15.13 2.43 30.10
CA THR B 63 14.42 1.91 28.93
C THR B 63 13.95 3.10 28.10
N VAL B 64 14.21 3.05 26.79
CA VAL B 64 13.85 4.14 25.89
C VAL B 64 12.99 3.57 24.77
N ASN B 65 11.79 4.11 24.61
CA ASN B 65 10.85 3.71 23.57
C ASN B 65 10.56 2.22 23.66
N PRO B 66 9.87 1.77 24.70
CA PRO B 66 9.59 0.34 24.84
C PRO B 66 8.62 -0.16 23.77
N ALA B 67 8.57 -1.48 23.65
CA ALA B 67 7.71 -2.11 22.65
C ALA B 67 6.76 -3.09 23.32
N LYS B 68 6.09 -2.64 24.38
CA LYS B 68 5.15 -3.47 25.13
C LYS B 68 4.27 -2.56 25.97
N ALA B 69 3.19 -3.15 26.48
CA ALA B 69 2.28 -2.45 27.38
C ALA B 69 2.14 -3.21 28.71
N CYS B 70 1.23 -2.79 29.57
CA CYS B 70 1.04 -3.43 30.86
C CYS B 70 -0.17 -4.36 30.86
N GLN B 71 -0.18 -5.29 31.83
CA GLN B 71 -1.12 -6.41 31.88
C GLN B 71 -2.60 -6.02 31.77
N PRO B 72 -3.11 -5.02 32.49
CA PRO B 72 -4.57 -4.77 32.45
C PRO B 72 -5.12 -4.45 31.06
N LEU B 73 -4.31 -3.92 30.16
CA LEU B 73 -4.77 -3.70 28.79
C LEU B 73 -5.16 -5.03 28.12
N GLY B 74 -4.29 -6.03 28.24
CA GLY B 74 -4.62 -7.35 27.73
C GLY B 74 -5.78 -7.98 28.46
N ALA B 75 -5.88 -7.74 29.77
CA ALA B 75 -7.03 -8.24 30.52
C ALA B 75 -8.34 -7.65 29.99
N VAL B 76 -8.35 -6.35 29.68
CA VAL B 76 -9.54 -5.71 29.15
C VAL B 76 -9.89 -6.28 27.78
N LEU B 77 -8.88 -6.47 26.92
CA LEU B 77 -9.15 -7.05 25.61
C LEU B 77 -9.75 -8.45 25.74
N CYS B 78 -9.23 -9.27 26.64
CA CYS B 78 -9.80 -10.60 26.86
C CYS B 78 -11.24 -10.51 27.34
N ALA B 79 -11.52 -9.62 28.29
CA ALA B 79 -12.88 -9.49 28.81
C ALA B 79 -13.85 -9.06 27.73
N LEU B 80 -13.40 -8.21 26.80
CA LEU B 80 -14.27 -7.74 25.74
C LEU B 80 -14.76 -8.87 24.83
N GLY B 81 -14.11 -10.03 24.84
CA GLY B 81 -14.48 -11.15 24.01
C GLY B 81 -15.63 -12.00 24.49
N PHE B 82 -16.27 -11.67 25.60
CA PHE B 82 -17.38 -12.45 26.13
C PHE B 82 -18.68 -11.65 26.05
N GLU B 83 -19.78 -12.38 25.87
CA GLU B 83 -21.08 -11.76 25.62
C GLU B 83 -21.52 -10.87 26.77
N LYS B 84 -21.94 -9.65 26.44
CA LYS B 84 -22.47 -8.66 27.38
C LYS B 84 -21.65 -8.59 28.65
N THR B 85 -20.35 -8.39 28.48
CA THR B 85 -19.41 -8.36 29.58
C THR B 85 -18.81 -6.96 29.68
N MET B 86 -18.84 -6.39 30.87
CA MET B 86 -18.21 -5.11 31.12
C MET B 86 -16.83 -5.34 31.69
N PRO B 87 -15.77 -4.92 31.01
CA PRO B 87 -14.44 -4.94 31.65
C PRO B 87 -14.41 -3.95 32.80
N TYR B 88 -13.99 -4.44 33.96
CA TYR B 88 -14.00 -3.67 35.19
C TYR B 88 -12.60 -3.72 35.77
N VAL B 89 -12.02 -2.56 36.01
CA VAL B 89 -10.62 -2.46 36.39
C VAL B 89 -10.56 -1.85 37.78
N HIS B 90 -10.24 -2.66 38.77
CA HIS B 90 -10.17 -2.22 40.17
C HIS B 90 -8.87 -1.45 40.36
N GLY B 91 -8.99 -0.18 40.69
CA GLY B 91 -7.82 0.65 40.87
C GLY B 91 -8.11 2.09 40.46
N SER B 92 -7.12 2.72 39.85
CA SER B 92 -7.14 4.13 39.48
C SER B 92 -7.74 4.33 38.08
N GLN B 93 -8.40 5.47 37.90
CA GLN B 93 -9.16 5.75 36.69
C GLN B 93 -8.31 6.22 35.51
N GLY B 94 -7.15 6.82 35.78
CA GLY B 94 -6.27 7.23 34.70
C GLY B 94 -5.85 6.05 33.83
N CYS B 95 -5.67 4.89 34.44
CA CYS B 95 -5.36 3.68 33.67
C CYS B 95 -6.46 3.35 32.68
N VAL B 96 -7.71 3.42 33.11
CA VAL B 96 -8.83 3.10 32.21
C VAL B 96 -8.94 4.13 31.10
N ALA B 97 -8.73 5.41 31.42
CA ALA B 97 -8.73 6.42 30.37
C ALA B 97 -7.69 6.10 29.30
N TYR B 98 -6.48 5.74 29.74
CA TYR B 98 -5.42 5.41 28.78
C TYR B 98 -5.75 4.16 27.97
N PHE B 99 -6.21 3.09 28.63
CA PHE B 99 -6.54 1.85 27.90
C PHE B 99 -7.60 2.12 26.84
N ARG B 100 -8.69 2.77 27.24
CA ARG B 100 -9.79 3.04 26.28
C ARG B 100 -9.25 3.82 25.09
N SER B 101 -8.51 4.90 25.33
CA SER B 101 -7.99 5.76 24.23
C SER B 101 -7.03 4.98 23.32
N TYR B 102 -6.14 4.17 23.91
CA TYR B 102 -5.18 3.35 23.12
C TYR B 102 -5.95 2.45 22.14
N PHE B 103 -6.88 1.65 22.67
CA PHE B 103 -7.67 0.73 21.82
C PHE B 103 -8.54 1.52 20.84
N ASN B 104 -9.09 2.67 21.27
CA ASN B 104 -10.01 3.44 20.39
C ASN B 104 -9.27 3.89 19.14
N ARG B 105 -8.03 4.39 19.31
CA ARG B 105 -7.25 4.84 18.14
C ARG B 105 -6.93 3.67 17.19
N HIS B 106 -6.53 2.52 17.73
CA HIS B 106 -6.15 1.37 16.85
C HIS B 106 -7.34 0.81 16.03
N PHE B 107 -8.51 0.62 16.66
CA PHE B 107 -9.64 -0.02 15.94
C PHE B 107 -10.64 0.98 15.37
N ARG B 108 -10.50 2.29 15.68
CA ARG B 108 -11.49 3.32 15.26
C ARG B 108 -12.88 2.90 15.75
N GLU B 109 -12.98 2.35 16.97
CA GLU B 109 -14.28 1.82 17.49
C GLU B 109 -14.46 2.19 18.96
N PRO B 110 -15.70 2.26 19.51
CA PRO B 110 -15.91 2.52 20.93
C PRO B 110 -15.43 1.33 21.79
N VAL B 111 -14.69 1.62 22.86
CA VAL B 111 -14.20 0.55 23.78
C VAL B 111 -14.82 0.87 25.13
N SER B 112 -15.57 -0.07 25.71
CA SER B 112 -16.27 0.25 26.98
C SER B 112 -15.55 -0.41 28.15
N CYS B 113 -15.14 0.39 29.13
CA CYS B 113 -14.49 -0.14 30.36
C CYS B 113 -14.87 0.77 31.54
N VAL B 114 -14.94 0.21 32.76
CA VAL B 114 -15.29 1.04 33.95
C VAL B 114 -14.18 0.98 35.00
N SER B 115 -14.13 1.97 35.89
CA SER B 115 -13.13 2.02 36.99
C SER B 115 -13.84 2.36 38.31
N ASP B 116 -13.29 1.92 39.44
CA ASP B 116 -13.89 2.28 40.76
C ASP B 116 -13.28 3.61 41.24
N SER B 117 -12.40 4.22 40.44
CA SER B 117 -11.81 5.54 40.79
C SER B 117 -11.21 5.51 42.21
N MET B 118 -10.16 4.70 42.40
CA MET B 118 -9.50 4.62 43.74
C MET B 118 -8.78 5.93 44.06
N THR B 119 -8.67 6.28 45.35
CA THR B 119 -8.15 7.60 45.80
C THR B 119 -7.08 7.43 46.89
N GLU B 120 -6.42 8.52 47.27
CA GLU B 120 -5.32 8.47 48.27
C GLU B 120 -5.85 7.90 49.59
N ASP B 121 -7.08 8.25 49.97
CA ASP B 121 -7.69 7.71 51.21
C ASP B 121 -7.80 6.19 51.10
N ALA B 122 -8.14 5.66 49.91
CA ALA B 122 -8.20 4.20 49.70
C ALA B 122 -6.83 3.56 49.92
N ALA B 123 -5.73 4.19 49.47
CA ALA B 123 -4.38 3.58 49.59
C ALA B 123 -4.10 3.05 51.01
N VAL B 124 -4.69 3.64 52.05
CA VAL B 124 -4.44 3.24 53.42
C VAL B 124 -5.55 2.37 54.01
N PHE B 125 -6.77 2.46 53.44
CA PHE B 125 -7.93 1.70 53.97
C PHE B 125 -8.32 0.58 53.01
N GLY B 126 -7.70 0.50 51.84
CA GLY B 126 -8.06 -0.50 50.81
C GLY B 126 -9.18 -0.05 49.88
N GLY B 127 -9.50 -0.86 48.86
CA GLY B 127 -10.51 -0.47 47.84
C GLY B 127 -11.87 -1.11 48.00
N GLN B 128 -12.16 -1.77 49.13
CA GLN B 128 -13.43 -2.55 49.24
C GLN B 128 -14.67 -1.67 49.10
N GLN B 129 -14.70 -0.47 49.69
CA GLN B 129 -15.90 0.39 49.49
C GLN B 129 -16.05 0.78 48.01
N ASN B 130 -14.94 1.08 47.33
CA ASN B 130 -14.98 1.43 45.89
C ASN B 130 -15.49 0.22 45.10
N MET B 131 -15.04 -0.98 45.46
CA MET B 131 -15.48 -2.22 44.77
C MET B 131 -16.99 -2.39 44.90
N LYS B 132 -17.53 -2.28 46.13
CA LYS B 132 -18.98 -2.53 46.33
C LYS B 132 -19.82 -1.51 45.57
N ASP B 133 -19.44 -0.23 45.65
CA ASP B 133 -20.17 0.84 44.92
C ASP B 133 -20.02 0.64 43.41
N GLY B 134 -18.81 0.31 42.96
CA GLY B 134 -18.55 0.15 41.52
C GLY B 134 -19.35 -0.98 40.92
N LEU B 135 -19.45 -2.11 41.64
CA LEU B 135 -20.18 -3.28 41.12
C LEU B 135 -21.67 -2.93 41.06
N GLN B 136 -22.20 -2.29 42.10
CA GLN B 136 -23.61 -1.90 42.10
C GLN B 136 -23.91 -0.90 40.99
N ASN B 137 -23.09 0.14 40.88
CA ASN B 137 -23.34 1.20 39.90
C ASN B 137 -23.25 0.68 38.48
N CYS B 138 -22.22 -0.11 38.18
CA CYS B 138 -22.03 -0.62 36.83
C CYS B 138 -23.18 -1.52 36.43
N LYS B 139 -23.59 -2.43 37.33
CA LYS B 139 -24.70 -3.32 37.00
C LYS B 139 -25.99 -2.54 36.79
N ALA B 140 -26.22 -1.50 37.59
CA ALA B 140 -27.49 -0.76 37.44
C ALA B 140 -27.47 -0.01 36.10
N THR B 141 -26.57 0.97 35.97
CA THR B 141 -26.55 1.84 34.76
C THR B 141 -26.24 1.12 33.44
N TYR B 142 -25.26 0.22 33.40
CA TYR B 142 -24.87 -0.37 32.08
C TYR B 142 -25.52 -1.73 31.81
N LYS B 143 -26.18 -2.34 32.82
CA LYS B 143 -26.91 -3.63 32.64
C LYS B 143 -26.05 -4.77 32.05
N PRO B 144 -24.77 -5.02 32.42
CA PRO B 144 -24.01 -6.15 31.85
C PRO B 144 -24.44 -7.54 32.32
N ASP B 145 -24.40 -8.55 31.45
CA ASP B 145 -24.64 -9.96 31.87
C ASP B 145 -23.52 -10.40 32.83
N MET B 146 -22.27 -10.00 32.56
CA MET B 146 -21.11 -10.45 33.36
C MET B 146 -20.16 -9.27 33.64
N ILE B 147 -19.45 -9.30 34.78
CA ILE B 147 -18.47 -8.25 35.07
C ILE B 147 -17.13 -8.94 35.35
N ALA B 148 -16.13 -8.64 34.53
CA ALA B 148 -14.81 -9.24 34.64
C ALA B 148 -13.85 -8.23 35.25
N VAL B 149 -13.25 -8.58 36.39
CA VAL B 149 -12.51 -7.64 37.21
C VAL B 149 -11.02 -7.88 37.04
N SER B 150 -10.29 -6.83 36.66
CA SER B 150 -8.81 -6.90 36.56
C SER B 150 -8.23 -5.85 37.52
N THR B 151 -6.90 -5.78 37.67
CA THR B 151 -6.34 -4.85 38.70
C THR B 151 -5.26 -3.90 38.20
N THR B 152 -5.31 -2.63 38.62
CA THR B 152 -4.24 -1.65 38.34
C THR B 152 -3.05 -1.91 39.27
N CYS B 153 -1.89 -1.34 38.96
CA CYS B 153 -0.67 -1.56 39.79
C CYS B 153 -0.92 -1.05 41.21
N MET B 154 -1.64 0.06 41.37
CA MET B 154 -1.86 0.62 42.73
C MET B 154 -2.61 -0.40 43.57
N ALA B 155 -3.63 -1.07 43.00
CA ALA B 155 -4.37 -2.11 43.75
C ALA B 155 -3.44 -3.28 44.10
N GLU B 156 -2.58 -3.69 43.16
CA GLU B 156 -1.62 -4.79 43.42
C GLU B 156 -0.62 -4.41 44.53
N VAL B 157 -0.11 -3.18 44.51
CA VAL B 157 0.88 -2.74 45.54
C VAL B 157 0.24 -2.73 46.93
N ILE B 158 -1.01 -2.26 47.04
CA ILE B 158 -1.66 -2.17 48.37
C ILE B 158 -2.19 -3.56 48.75
N GLY B 159 -2.19 -4.50 47.79
CA GLY B 159 -2.58 -5.86 48.14
C GLY B 159 -4.06 -6.08 48.36
N ASP B 160 -4.91 -5.46 47.54
CA ASP B 160 -6.34 -5.69 47.65
C ASP B 160 -6.68 -7.13 47.29
N ASP B 161 -7.50 -7.76 48.13
CA ASP B 161 -7.93 -9.14 47.92
C ASP B 161 -9.24 -9.13 47.14
N LEU B 162 -9.15 -9.41 45.83
CA LEU B 162 -10.32 -9.31 44.97
C LEU B 162 -11.41 -10.31 45.37
N ASN B 163 -11.01 -11.55 45.64
CA ASN B 163 -11.99 -12.58 45.98
C ASN B 163 -12.80 -12.19 47.21
N ALA B 164 -12.11 -11.72 48.26
CA ALA B 164 -12.82 -11.31 49.47
C ALA B 164 -13.70 -10.10 49.20
N PHE B 165 -13.22 -9.15 48.40
CA PHE B 165 -14.01 -7.95 48.13
C PHE B 165 -15.30 -8.30 47.40
N ILE B 166 -15.20 -9.13 46.37
CA ILE B 166 -16.36 -9.50 45.58
C ILE B 166 -17.33 -10.34 46.41
N ASN B 167 -16.79 -11.27 47.21
CA ASN B 167 -17.66 -12.05 48.09
C ASN B 167 -18.40 -11.16 49.07
N ASN B 168 -17.71 -10.20 49.69
CA ASN B 168 -18.38 -9.29 50.62
C ASN B 168 -19.42 -8.44 49.92
N SER B 169 -19.16 -8.04 48.67
CA SER B 169 -20.18 -7.32 47.91
C SER B 169 -21.41 -8.18 47.69
N LYS B 170 -21.21 -9.49 47.50
CA LYS B 170 -22.35 -10.39 47.29
C LYS B 170 -23.11 -10.65 48.59
N LYS B 171 -22.37 -10.82 49.70
CA LYS B 171 -23.02 -11.07 51.02
C LYS B 171 -23.75 -9.80 51.45
N GLU B 172 -23.19 -8.63 51.14
CA GLU B 172 -23.82 -7.32 51.43
C GLU B 172 -25.14 -7.19 50.65
N GLY B 173 -25.20 -7.73 49.42
CA GLY B 173 -26.39 -7.51 48.58
C GLY B 173 -26.22 -6.34 47.62
N PHE B 174 -25.00 -5.78 47.53
CA PHE B 174 -24.74 -4.73 46.51
C PHE B 174 -24.95 -5.37 45.12
N ILE B 175 -24.51 -6.62 44.94
CA ILE B 175 -24.76 -7.36 43.66
C ILE B 175 -25.34 -8.75 43.99
N PRO B 176 -26.19 -9.35 43.13
CA PRO B 176 -26.81 -10.66 43.38
C PRO B 176 -25.80 -11.81 43.48
N ASP B 177 -26.05 -12.77 44.38
CA ASP B 177 -25.08 -13.88 44.60
C ASP B 177 -24.93 -14.77 43.35
N GLU B 178 -25.91 -14.79 42.44
CA GLU B 178 -25.72 -15.57 41.23
C GLU B 178 -25.12 -14.78 40.08
N PHE B 179 -24.85 -13.49 40.25
CA PHE B 179 -24.28 -12.70 39.17
C PHE B 179 -22.82 -13.05 38.96
N PRO B 180 -22.39 -13.42 37.75
CA PRO B 180 -21.01 -13.89 37.55
C PRO B 180 -20.01 -12.73 37.57
N VAL B 181 -19.06 -12.81 38.49
CA VAL B 181 -18.01 -11.81 38.61
C VAL B 181 -16.65 -12.51 38.64
N PRO B 182 -16.14 -12.99 37.50
CA PRO B 182 -14.77 -13.52 37.48
C PRO B 182 -13.75 -12.40 37.63
N PHE B 183 -12.58 -12.76 38.13
CA PHE B 183 -11.56 -11.78 38.45
C PHE B 183 -10.18 -12.37 38.17
N ALA B 184 -9.20 -11.49 38.02
CA ALA B 184 -7.81 -11.89 37.86
C ALA B 184 -6.91 -10.80 38.37
N HIS B 185 -5.80 -11.19 39.00
CA HIS B 185 -4.78 -10.21 39.45
C HIS B 185 -3.89 -9.90 38.24
N THR B 186 -3.72 -8.61 37.89
CA THR B 186 -2.97 -8.30 36.65
C THR B 186 -1.88 -7.26 36.93
N PRO B 187 -0.73 -7.58 37.59
CA PRO B 187 0.25 -6.54 37.93
C PRO B 187 1.02 -5.99 36.71
N SER B 188 1.07 -4.67 36.59
CA SER B 188 1.78 -4.00 35.47
C SER B 188 3.29 -4.31 35.51
N PHE B 189 3.87 -4.38 36.71
CA PHE B 189 5.34 -4.61 36.84
C PHE B 189 5.71 -5.97 36.24
N VAL B 190 4.90 -7.00 36.45
CA VAL B 190 5.19 -8.37 35.93
C VAL B 190 4.70 -8.53 34.48
N GLY B 191 5.49 -9.19 33.62
CA GLY B 191 5.12 -9.45 32.22
C GLY B 191 4.69 -8.25 31.39
N SER B 192 3.66 -8.40 30.55
CA SER B 192 3.17 -7.35 29.67
C SER B 192 1.68 -7.59 29.42
N HIS B 193 1.14 -6.93 28.39
CA HIS B 193 -0.29 -7.02 28.11
C HIS B 193 -0.74 -8.44 27.76
N VAL B 194 0.11 -9.22 27.07
CA VAL B 194 -0.27 -10.60 26.75
C VAL B 194 -0.38 -11.44 28.02
N THR B 195 0.48 -11.16 29.01
CA THR B 195 0.35 -11.82 30.30
C THR B 195 -0.99 -11.48 30.95
N GLY B 196 -1.43 -10.23 30.82
CA GLY B 196 -2.74 -9.87 31.34
C GLY B 196 -3.87 -10.59 30.65
N TRP B 197 -3.78 -10.76 29.32
CA TRP B 197 -4.78 -11.53 28.61
C TRP B 197 -4.83 -12.96 29.13
N ASP B 198 -3.68 -13.58 29.32
CA ASP B 198 -3.61 -14.95 29.83
C ASP B 198 -4.23 -15.05 31.23
N ASN B 199 -3.87 -14.12 32.12
CA ASN B 199 -4.42 -14.14 33.47
C ASN B 199 -5.93 -13.95 33.48
N MET B 200 -6.45 -13.00 32.69
CA MET B 200 -7.88 -12.77 32.66
C MET B 200 -8.63 -14.00 32.13
N PHE B 201 -8.12 -14.60 31.05
CA PHE B 201 -8.79 -15.78 30.50
C PHE B 201 -8.79 -16.92 31.51
N GLU B 202 -7.67 -17.14 32.19
CA GLU B 202 -7.61 -18.22 33.16
C GLU B 202 -8.57 -17.96 34.31
N GLY B 203 -8.69 -16.70 34.74
CA GLY B 203 -9.66 -16.38 35.78
C GLY B 203 -11.09 -16.68 35.37
N ILE B 204 -11.45 -16.29 34.14
CA ILE B 204 -12.81 -16.55 33.66
C ILE B 204 -13.08 -18.05 33.54
N ALA B 205 -12.14 -18.79 32.95
CA ALA B 205 -12.32 -20.22 32.78
C ALA B 205 -12.43 -20.92 34.13
N ARG B 206 -11.57 -20.55 35.07
CA ARG B 206 -11.64 -21.11 36.41
C ARG B 206 -13.00 -20.82 37.05
N TYR B 207 -13.45 -19.57 36.95
CA TYR B 207 -14.71 -19.17 37.55
C TYR B 207 -15.87 -20.00 37.02
N PHE B 208 -15.86 -20.29 35.72
CA PHE B 208 -17.00 -21.02 35.16
C PHE B 208 -16.87 -22.54 35.20
N THR B 209 -15.68 -23.10 35.44
CA THR B 209 -15.55 -24.55 35.34
C THR B 209 -15.00 -25.25 36.58
N LEU B 210 -14.33 -24.56 37.50
CA LEU B 210 -13.56 -25.25 38.52
C LEU B 210 -14.45 -26.07 39.45
N LYS B 211 -15.62 -25.56 39.80
CA LYS B 211 -16.47 -26.19 40.81
C LYS B 211 -17.54 -27.08 40.22
N SER B 212 -17.48 -27.39 38.92
CA SER B 212 -18.53 -28.16 38.27
C SER B 212 -17.95 -29.25 37.37
N MET B 213 -16.77 -29.76 37.70
CA MET B 213 -16.07 -30.72 36.86
C MET B 213 -16.60 -32.14 36.99
N ASP B 214 -17.46 -32.42 37.97
CA ASP B 214 -17.85 -33.80 38.25
C ASP B 214 -18.60 -34.42 37.08
N ASP B 215 -19.48 -33.68 36.44
CA ASP B 215 -20.32 -34.20 35.37
C ASP B 215 -19.69 -34.07 33.99
N LYS B 216 -18.46 -33.57 33.90
CA LYS B 216 -17.83 -33.28 32.62
C LYS B 216 -17.16 -34.53 32.07
N VAL B 217 -17.44 -34.85 30.80
CA VAL B 217 -16.82 -35.97 30.10
C VAL B 217 -16.12 -35.40 28.88
N VAL B 218 -14.83 -35.72 28.72
CA VAL B 218 -14.05 -35.17 27.62
C VAL B 218 -14.56 -35.73 26.29
N GLY B 219 -14.82 -34.83 25.35
CA GLY B 219 -15.20 -35.21 24.01
C GLY B 219 -16.68 -35.43 23.77
N SER B 220 -17.53 -35.15 24.76
CA SER B 220 -18.95 -35.50 24.64
C SER B 220 -19.71 -34.54 23.73
N ASN B 221 -19.28 -33.28 23.60
CA ASN B 221 -19.99 -32.35 22.74
C ASN B 221 -19.46 -32.29 21.32
N LYS B 222 -18.43 -33.09 21.00
CA LYS B 222 -17.89 -33.21 19.65
C LYS B 222 -17.44 -31.87 19.07
N LYS B 223 -16.85 -31.02 19.91
CA LYS B 223 -16.28 -29.77 19.46
C LYS B 223 -14.82 -29.65 19.89
N ILE B 224 -14.16 -28.65 19.33
CA ILE B 224 -12.79 -28.28 19.71
C ILE B 224 -12.82 -26.84 20.22
N ASN B 225 -12.25 -26.62 21.40
CA ASN B 225 -12.09 -25.26 21.90
C ASN B 225 -10.89 -24.59 21.23
N ILE B 226 -11.05 -23.33 20.88
CA ILE B 226 -9.98 -22.52 20.29
C ILE B 226 -9.79 -21.28 21.15
N VAL B 227 -8.59 -21.09 21.67
CA VAL B 227 -8.24 -19.91 22.46
C VAL B 227 -7.35 -19.02 21.60
N PRO B 228 -7.74 -17.75 21.24
CA PRO B 228 -6.92 -16.94 20.32
C PRO B 228 -5.76 -16.15 20.95
N GLY B 229 -5.76 -15.94 22.27
CA GLY B 229 -4.72 -15.08 22.86
C GLY B 229 -5.00 -13.62 22.56
N PHE B 230 -4.00 -12.75 22.69
CA PHE B 230 -4.23 -11.31 22.47
C PHE B 230 -4.13 -11.10 20.96
N GLU B 231 -5.26 -10.80 20.32
CA GLU B 231 -5.27 -10.62 18.84
C GLU B 231 -5.89 -9.26 18.50
N THR B 232 -5.18 -8.46 17.71
CA THR B 232 -5.70 -7.12 17.30
C THR B 232 -6.13 -7.10 15.83
N TYR B 233 -6.17 -8.27 15.16
CA TYR B 233 -6.67 -8.30 13.77
C TYR B 233 -8.01 -9.01 13.74
N LEU B 234 -9.04 -8.35 13.18
CA LEU B 234 -10.39 -8.96 13.09
C LEU B 234 -10.31 -10.14 12.12
N GLY B 235 -9.55 -9.98 11.04
CA GLY B 235 -9.45 -11.00 10.03
C GLY B 235 -8.94 -12.33 10.55
N ASN B 236 -8.15 -12.31 11.64
CA ASN B 236 -7.67 -13.56 12.21
C ASN B 236 -8.81 -14.39 12.81
N PHE B 237 -9.70 -13.74 13.57
CA PHE B 237 -10.90 -14.41 14.04
C PHE B 237 -11.74 -14.93 12.88
N ARG B 238 -11.95 -14.07 11.87
CA ARG B 238 -12.79 -14.47 10.72
C ARG B 238 -12.16 -15.68 10.02
N VAL B 239 -10.85 -15.65 9.71
CA VAL B 239 -10.21 -16.76 8.94
C VAL B 239 -10.28 -18.06 9.77
N ILE B 240 -10.05 -18.00 11.07
CA ILE B 240 -10.04 -19.26 11.89
C ILE B 240 -11.44 -19.88 11.84
N LYS B 241 -12.48 -19.04 11.97
CA LYS B 241 -13.87 -19.56 11.88
C LYS B 241 -14.14 -20.12 10.50
N ARG B 242 -13.70 -19.42 9.44
CA ARG B 242 -13.98 -19.87 8.06
C ARG B 242 -13.31 -21.21 7.78
N MET B 243 -12.04 -21.38 8.19
CA MET B 243 -11.29 -22.63 7.93
C MET B 243 -11.96 -23.79 8.67
N LEU B 244 -12.39 -23.55 9.91
CA LEU B 244 -12.99 -24.62 10.74
C LEU B 244 -14.37 -24.98 10.17
N SER B 245 -15.13 -23.97 9.72
CA SER B 245 -16.43 -24.26 9.13
C SER B 245 -16.30 -24.98 7.80
N GLU B 246 -15.27 -24.63 7.00
CA GLU B 246 -15.06 -25.31 5.73
C GLU B 246 -14.75 -26.79 5.93
N MET B 247 -13.98 -27.12 6.97
CA MET B 247 -13.71 -28.50 7.29
C MET B 247 -14.90 -29.23 7.87
N GLY B 248 -15.97 -28.51 8.22
CA GLY B 248 -17.08 -29.13 8.91
C GLY B 248 -16.74 -29.57 10.32
N VAL B 249 -15.95 -28.78 11.03
CA VAL B 249 -15.47 -29.13 12.36
C VAL B 249 -16.25 -28.28 13.37
N GLY B 250 -16.91 -28.95 14.31
CA GLY B 250 -17.53 -28.24 15.41
C GLY B 250 -16.48 -27.56 16.28
N TYR B 251 -16.68 -26.29 16.58
CA TYR B 251 -15.70 -25.52 17.33
C TYR B 251 -16.40 -24.57 18.28
N SER B 252 -15.67 -24.17 19.31
CA SER B 252 -16.19 -23.17 20.28
C SER B 252 -15.09 -22.13 20.52
N LEU B 253 -15.11 -21.03 19.77
CA LEU B 253 -14.12 -19.94 19.97
C LEU B 253 -14.35 -19.35 21.36
N LEU B 254 -13.28 -19.02 22.07
CA LEU B 254 -13.40 -18.50 23.46
C LEU B 254 -12.79 -17.09 23.48
N SER B 255 -13.41 -16.12 24.17
CA SER B 255 -12.93 -14.72 24.16
C SER B 255 -12.84 -14.12 22.74
N ASP B 256 -13.86 -14.30 21.90
CA ASP B 256 -13.85 -13.67 20.56
C ASP B 256 -14.57 -12.31 20.58
N PRO B 257 -13.87 -11.18 20.33
CA PRO B 257 -14.48 -9.83 20.27
C PRO B 257 -14.76 -9.25 18.87
N GLU B 258 -14.55 -10.00 17.79
CA GLU B 258 -14.67 -9.44 16.40
C GLU B 258 -15.97 -8.63 16.22
N GLU B 259 -17.09 -9.08 16.78
CA GLU B 259 -18.41 -8.41 16.60
C GLU B 259 -18.47 -7.07 17.36
N VAL B 260 -17.99 -7.04 18.61
CA VAL B 260 -18.01 -5.79 19.44
C VAL B 260 -17.12 -4.72 18.80
N LEU B 261 -15.96 -5.12 18.25
CA LEU B 261 -15.00 -4.13 17.68
C LEU B 261 -15.28 -3.90 16.19
N ASP B 262 -16.41 -4.39 15.67
CA ASP B 262 -16.74 -4.13 14.27
C ASP B 262 -18.24 -3.87 14.11
N THR B 263 -18.83 -3.09 15.00
CA THR B 263 -20.26 -2.86 14.87
C THR B 263 -20.54 -1.88 13.74
N PRO B 264 -21.68 -2.02 13.06
CA PRO B 264 -22.00 -1.12 11.95
C PRO B 264 -22.46 0.25 12.44
N ALA B 265 -22.45 1.20 11.51
CA ALA B 265 -22.91 2.56 11.77
C ALA B 265 -24.28 2.72 11.13
N ASP B 266 -25.32 2.38 11.88
CA ASP B 266 -26.69 2.41 11.37
C ASP B 266 -27.61 3.33 12.16
N GLY B 267 -27.05 4.24 12.94
CA GLY B 267 -27.85 5.18 13.70
C GLY B 267 -28.13 4.80 15.14
N GLN B 268 -27.60 3.67 15.62
CA GLN B 268 -27.68 3.33 17.03
C GLN B 268 -26.32 2.87 17.53
N PHE B 269 -26.04 3.16 18.80
CA PHE B 269 -24.83 2.70 19.45
C PHE B 269 -25.11 1.40 20.19
N ARG B 270 -24.36 0.36 19.86
CA ARG B 270 -24.47 -0.94 20.51
C ARG B 270 -23.25 -1.10 21.41
N MET B 271 -23.45 -1.02 22.72
CA MET B 271 -22.35 -1.23 23.65
C MET B 271 -21.85 -2.67 23.64
N TYR B 272 -22.75 -3.64 23.46
CA TYR B 272 -22.38 -5.05 23.39
C TYR B 272 -22.81 -5.66 22.06
N ALA B 273 -22.02 -6.63 21.60
CA ALA B 273 -22.32 -7.40 20.40
C ALA B 273 -21.51 -8.68 20.37
N GLY B 274 -22.17 -9.82 20.12
CA GLY B 274 -21.49 -11.09 19.99
C GLY B 274 -20.83 -11.54 21.27
N GLY B 275 -19.69 -12.22 21.10
CA GLY B 275 -18.89 -12.67 22.23
C GLY B 275 -19.22 -14.10 22.64
N THR B 276 -18.24 -14.72 23.28
CA THR B 276 -18.44 -16.06 23.85
C THR B 276 -19.51 -16.02 24.94
N THR B 277 -20.47 -16.93 24.84
CA THR B 277 -21.54 -17.00 25.82
C THR B 277 -21.08 -17.75 27.06
N GLN B 278 -21.82 -17.54 28.16
CA GLN B 278 -21.51 -18.24 29.40
C GLN B 278 -21.76 -19.74 29.28
N GLU B 279 -22.75 -20.14 28.47
CA GLU B 279 -23.03 -21.56 28.27
C GLU B 279 -21.88 -22.24 27.55
N GLU B 280 -21.28 -21.56 26.56
CA GLU B 280 -20.13 -22.12 25.87
C GLU B 280 -18.96 -22.35 26.83
N MET B 281 -18.70 -21.38 27.71
CA MET B 281 -17.62 -21.52 28.67
C MET B 281 -17.92 -22.63 29.67
N LYS B 282 -19.18 -22.76 30.09
CA LYS B 282 -19.54 -23.83 31.01
C LYS B 282 -19.40 -25.20 30.37
N ASP B 283 -19.68 -25.31 29.07
CA ASP B 283 -19.62 -26.58 28.37
C ASP B 283 -18.25 -26.87 27.77
N ALA B 284 -17.31 -25.93 27.85
CA ALA B 284 -15.97 -26.12 27.31
C ALA B 284 -15.24 -27.38 27.78
N PRO B 285 -15.31 -27.81 29.05
CA PRO B 285 -14.63 -29.06 29.43
C PRO B 285 -15.16 -30.31 28.74
N ASN B 286 -16.30 -30.24 28.07
CA ASN B 286 -16.86 -31.37 27.34
C ASN B 286 -16.36 -31.47 25.90
N ALA B 287 -15.47 -30.57 25.49
CA ALA B 287 -14.93 -30.60 24.15
C ALA B 287 -13.94 -31.75 23.98
N LEU B 288 -13.68 -32.09 22.72
CA LEU B 288 -12.69 -33.13 22.41
C LEU B 288 -11.30 -32.75 22.90
N ASN B 289 -10.94 -31.49 22.75
CA ASN B 289 -9.60 -30.98 23.05
C ASN B 289 -9.65 -29.46 22.95
N THR B 290 -8.55 -28.82 23.30
CA THR B 290 -8.42 -27.37 23.26
C THR B 290 -7.15 -27.00 22.51
N VAL B 291 -7.26 -26.08 21.55
CA VAL B 291 -6.13 -25.57 20.78
C VAL B 291 -5.84 -24.15 21.24
N LEU B 292 -4.56 -23.87 21.53
CA LEU B 292 -4.11 -22.52 21.86
C LEU B 292 -3.37 -21.96 20.64
N LEU B 293 -3.93 -20.88 20.07
CA LEU B 293 -3.36 -20.34 18.83
C LEU B 293 -2.03 -19.64 19.06
N GLN B 294 -1.81 -19.08 20.25
CA GLN B 294 -0.58 -18.36 20.58
C GLN B 294 -0.02 -18.91 21.88
N PRO B 295 0.60 -20.10 21.83
CA PRO B 295 0.96 -20.80 23.06
C PRO B 295 1.99 -20.09 23.93
N TRP B 296 2.80 -19.20 23.36
CA TRP B 296 3.89 -18.60 24.13
C TRP B 296 3.43 -17.55 25.12
N HIS B 297 2.18 -17.08 25.06
CA HIS B 297 1.66 -16.25 26.15
C HIS B 297 0.37 -16.82 26.73
N LEU B 298 0.14 -18.13 26.58
CA LEU B 298 -1.00 -18.80 27.17
C LEU B 298 -0.56 -19.96 28.05
N GLU B 299 0.54 -19.77 28.79
CA GLU B 299 1.11 -20.86 29.57
C GLU B 299 0.25 -21.20 30.79
N LYS B 300 -0.22 -20.17 31.50
CA LYS B 300 -1.09 -20.40 32.65
C LYS B 300 -2.42 -21.01 32.22
N THR B 301 -2.97 -20.55 31.09
CA THR B 301 -4.16 -21.17 30.54
C THR B 301 -3.90 -22.62 30.18
N LYS B 302 -2.72 -22.92 29.62
CA LYS B 302 -2.38 -24.31 29.31
C LYS B 302 -2.36 -25.16 30.57
N LYS B 303 -1.75 -24.64 31.64
CA LYS B 303 -1.68 -25.42 32.88
C LYS B 303 -3.08 -25.70 33.41
N PHE B 304 -3.95 -24.68 33.39
CA PHE B 304 -5.32 -24.90 33.88
C PHE B 304 -6.07 -25.91 33.00
N VAL B 305 -5.95 -25.78 31.68
CA VAL B 305 -6.73 -26.61 30.77
C VAL B 305 -6.27 -28.06 30.85
N GLU B 306 -4.97 -28.29 30.97
CA GLU B 306 -4.50 -29.66 31.11
C GLU B 306 -4.77 -30.23 32.50
N GLY B 307 -4.56 -29.43 33.55
CA GLY B 307 -4.72 -29.95 34.90
C GLY B 307 -6.17 -30.19 35.28
N THR B 308 -7.06 -29.29 34.88
CA THR B 308 -8.45 -29.32 35.34
C THR B 308 -9.39 -29.94 34.31
N TRP B 309 -9.37 -29.47 33.07
CA TRP B 309 -10.24 -30.03 32.04
C TRP B 309 -9.76 -31.38 31.52
N LYS B 310 -8.51 -31.76 31.83
CA LYS B 310 -7.91 -33.01 31.36
C LYS B 310 -7.93 -33.12 29.83
N HIS B 311 -7.69 -32.00 29.16
CA HIS B 311 -7.50 -32.00 27.72
C HIS B 311 -6.01 -32.12 27.39
N GLU B 312 -5.70 -32.93 26.38
CA GLU B 312 -4.31 -33.12 25.94
C GLU B 312 -4.00 -32.07 24.87
N VAL B 313 -3.62 -30.88 25.33
CA VAL B 313 -3.39 -29.73 24.46
C VAL B 313 -2.24 -30.02 23.49
N PRO B 314 -2.46 -29.90 22.19
CA PRO B 314 -1.40 -30.19 21.23
C PRO B 314 -0.27 -29.17 21.28
N LYS B 315 0.92 -29.64 20.88
CA LYS B 315 2.09 -28.78 20.71
C LYS B 315 2.05 -28.21 19.30
N LEU B 316 1.37 -27.09 19.15
CA LEU B 316 1.23 -26.43 17.85
C LEU B 316 1.82 -25.04 17.89
N ASN B 317 2.48 -24.67 16.80
CA ASN B 317 2.88 -23.28 16.61
C ASN B 317 1.69 -22.45 16.15
N ILE B 318 1.85 -21.14 16.22
CA ILE B 318 0.81 -20.25 15.70
C ILE B 318 0.61 -20.54 14.21
N PRO B 319 -0.63 -20.68 13.72
CA PRO B 319 -0.83 -21.05 12.31
C PRO B 319 -0.52 -19.91 11.35
N MET B 320 0.76 -19.57 11.24
CA MET B 320 1.23 -18.51 10.35
C MET B 320 2.14 -19.13 9.30
N GLY B 321 1.90 -18.77 8.05
CA GLY B 321 2.69 -19.30 6.95
C GLY B 321 2.29 -20.71 6.57
N LEU B 322 3.00 -21.21 5.56
CA LEU B 322 2.61 -22.45 4.88
C LEU B 322 2.71 -23.65 5.81
N ASP B 323 3.91 -23.94 6.33
CA ASP B 323 4.11 -25.17 7.09
C ASP B 323 3.29 -25.20 8.36
N TRP B 324 3.25 -24.09 9.10
CA TRP B 324 2.52 -24.08 10.35
C TRP B 324 1.00 -24.10 10.13
N THR B 325 0.51 -23.46 9.06
CA THR B 325 -0.90 -23.65 8.73
C THR B 325 -1.20 -25.10 8.37
N ASP B 326 -0.31 -25.74 7.61
CA ASP B 326 -0.50 -27.15 7.26
C ASP B 326 -0.56 -28.02 8.52
N GLU B 327 0.37 -27.79 9.46
CA GLU B 327 0.40 -28.57 10.69
C GLU B 327 -0.85 -28.33 11.53
N PHE B 328 -1.30 -27.07 11.62
CA PHE B 328 -2.51 -26.78 12.38
C PHE B 328 -3.71 -27.50 11.79
N LEU B 329 -3.87 -27.44 10.46
CA LEU B 329 -5.00 -28.10 9.82
C LEU B 329 -4.94 -29.62 9.99
N MET B 330 -3.75 -30.21 9.86
CA MET B 330 -3.62 -31.65 10.04
C MET B 330 -3.95 -32.07 11.47
N LYS B 331 -3.53 -31.28 12.46
CA LYS B 331 -3.86 -31.60 13.84
C LYS B 331 -5.36 -31.49 14.09
N VAL B 332 -6.01 -30.46 13.53
CA VAL B 332 -7.45 -30.32 13.67
C VAL B 332 -8.16 -31.51 13.05
N SER B 333 -7.71 -31.93 11.86
CA SER B 333 -8.31 -33.08 11.19
C SER B 333 -8.13 -34.35 12.01
N GLU B 334 -6.96 -34.54 12.60
CA GLU B 334 -6.71 -35.73 13.41
C GLU B 334 -7.56 -35.73 14.68
N ILE B 335 -7.75 -34.58 15.29
CA ILE B 335 -8.55 -34.51 16.52
C ILE B 335 -10.02 -34.75 16.21
N SER B 336 -10.55 -34.11 15.18
CA SER B 336 -11.97 -34.15 14.91
C SER B 336 -12.42 -35.31 14.02
N GLY B 337 -11.51 -35.89 13.24
CA GLY B 337 -11.87 -36.93 12.32
C GLY B 337 -12.44 -36.46 10.99
N GLN B 338 -12.36 -35.16 10.70
CA GLN B 338 -12.83 -34.59 9.46
C GLN B 338 -11.68 -34.43 8.48
N PRO B 339 -11.79 -34.95 7.26
CA PRO B 339 -10.71 -34.75 6.28
C PRO B 339 -10.59 -33.31 5.86
N ILE B 340 -9.39 -32.93 5.43
CA ILE B 340 -9.18 -31.58 4.91
C ILE B 340 -9.85 -31.45 3.54
N PRO B 341 -10.74 -30.49 3.36
CA PRO B 341 -11.50 -30.41 2.10
C PRO B 341 -10.69 -29.81 0.95
N ALA B 342 -11.25 -29.94 -0.25
CA ALA B 342 -10.54 -29.54 -1.46
C ALA B 342 -10.42 -28.02 -1.58
N SER B 343 -11.34 -27.27 -0.98
CA SER B 343 -11.25 -25.82 -1.03
C SER B 343 -9.98 -25.31 -0.33
N LEU B 344 -9.64 -25.90 0.81
CA LEU B 344 -8.41 -25.50 1.51
C LEU B 344 -7.17 -25.95 0.76
N THR B 345 -7.24 -27.13 0.12
CA THR B 345 -6.13 -27.57 -0.72
C THR B 345 -5.88 -26.59 -1.86
N LYS B 346 -6.95 -26.14 -2.51
CA LYS B 346 -6.80 -25.15 -3.57
C LYS B 346 -6.29 -23.82 -3.05
N GLU B 347 -6.75 -23.40 -1.86
CA GLU B 347 -6.25 -22.16 -1.28
C GLU B 347 -4.76 -22.23 -1.02
N ARG B 348 -4.30 -23.37 -0.47
CA ARG B 348 -2.87 -23.57 -0.25
C ARG B 348 -2.10 -23.53 -1.57
N GLY B 349 -2.63 -24.18 -2.60
CA GLY B 349 -1.98 -24.13 -3.91
C GLY B 349 -1.89 -22.72 -4.47
N ARG B 350 -2.92 -21.92 -4.28
CA ARG B 350 -2.90 -20.54 -4.77
C ARG B 350 -1.86 -19.71 -4.02
N LEU B 351 -1.72 -19.93 -2.71
CA LEU B 351 -0.64 -19.27 -1.98
C LEU B 351 0.72 -19.68 -2.53
N VAL B 352 0.90 -20.97 -2.83
CA VAL B 352 2.18 -21.46 -3.39
C VAL B 352 2.42 -20.78 -4.76
N ASP B 353 1.36 -20.61 -5.55
CA ASP B 353 1.49 -19.94 -6.87
C ASP B 353 1.97 -18.49 -6.69
N MET B 354 1.42 -17.78 -5.69
CA MET B 354 1.84 -16.38 -5.42
C MET B 354 3.30 -16.37 -4.96
N MET B 355 3.73 -17.40 -4.23
CA MET B 355 5.12 -17.49 -3.81
C MET B 355 6.05 -17.65 -5.00
N THR B 356 5.71 -18.56 -5.92
CA THR B 356 6.55 -18.77 -7.13
C THR B 356 6.54 -17.50 -8.00
N ASP B 357 5.40 -16.80 -8.07
CA ASP B 357 5.28 -15.55 -8.87
C ASP B 357 6.20 -14.45 -8.33
N SER B 358 6.35 -14.31 -7.00
CA SER B 358 7.09 -13.15 -6.43
C SER B 358 8.47 -13.52 -5.85
N HIS B 359 8.91 -14.78 -5.95
CA HIS B 359 10.16 -15.17 -5.29
C HIS B 359 11.38 -14.38 -5.77
N THR B 360 11.44 -13.99 -7.05
CA THR B 360 12.63 -13.27 -7.51
C THR B 360 12.78 -11.92 -6.83
N TRP B 361 11.68 -11.23 -6.59
CA TRP B 361 11.76 -9.96 -5.89
C TRP B 361 11.96 -10.15 -4.39
N LEU B 362 11.47 -11.26 -3.82
CA LEU B 362 11.60 -11.40 -2.38
C LEU B 362 12.96 -11.93 -1.93
N HIS B 363 13.71 -12.62 -2.81
CA HIS B 363 14.86 -13.41 -2.37
C HIS B 363 15.98 -12.52 -1.84
N GLY B 364 16.46 -12.84 -0.64
CA GLY B 364 17.63 -12.21 -0.06
C GLY B 364 17.41 -10.88 0.61
N LYS B 365 16.18 -10.37 0.64
CA LYS B 365 15.91 -9.10 1.28
C LYS B 365 16.09 -9.21 2.80
N ARG B 366 16.66 -8.16 3.39
CA ARG B 366 17.00 -8.15 4.80
C ARG B 366 15.99 -7.34 5.60
N PHE B 367 15.48 -7.92 6.68
CA PHE B 367 14.41 -7.34 7.48
C PHE B 367 14.83 -7.27 8.94
N ALA B 368 14.54 -6.13 9.56
CA ALA B 368 14.43 -6.06 11.01
C ALA B 368 12.94 -6.12 11.35
N LEU B 369 12.61 -6.56 12.56
CA LEU B 369 11.21 -6.78 12.88
C LEU B 369 11.03 -6.89 14.39
N TRP B 370 9.84 -6.50 14.85
CA TRP B 370 9.54 -6.61 16.27
C TRP B 370 8.05 -6.80 16.50
N GLY B 371 7.71 -7.19 17.71
CA GLY B 371 6.33 -7.43 18.10
C GLY B 371 6.25 -8.39 19.28
N ASP B 372 5.09 -8.98 19.44
CA ASP B 372 4.82 -9.98 20.47
C ASP B 372 5.39 -11.33 20.08
N PRO B 373 5.70 -12.20 21.05
CA PRO B 373 6.51 -13.40 20.75
C PRO B 373 5.92 -14.31 19.67
N ASP B 374 4.66 -14.73 19.79
CA ASP B 374 4.09 -15.66 18.83
C ASP B 374 4.03 -15.05 17.44
N PHE B 375 3.61 -13.78 17.34
CA PHE B 375 3.55 -13.10 16.05
C PHE B 375 4.93 -12.97 15.43
N VAL B 376 5.94 -12.62 16.25
CA VAL B 376 7.30 -12.50 15.75
C VAL B 376 7.81 -13.82 15.21
N MET B 377 7.59 -14.91 15.94
CA MET B 377 8.12 -16.19 15.48
C MET B 377 7.40 -16.68 14.23
N GLY B 378 6.08 -16.46 14.15
CA GLY B 378 5.37 -16.79 12.93
C GLY B 378 5.86 -16.00 11.73
N LEU B 379 6.10 -14.71 11.93
CA LEU B 379 6.61 -13.88 10.84
C LEU B 379 8.02 -14.31 10.43
N VAL B 380 8.87 -14.66 11.38
CA VAL B 380 10.22 -15.13 11.05
C VAL B 380 10.14 -16.43 10.25
N LYS B 381 9.26 -17.34 10.66
CA LYS B 381 9.08 -18.60 9.94
C LYS B 381 8.64 -18.34 8.50
N PHE B 382 7.64 -17.47 8.32
CA PHE B 382 7.16 -17.19 6.97
C PHE B 382 8.24 -16.52 6.13
N LEU B 383 8.99 -15.59 6.73
CA LEU B 383 10.07 -14.93 6.00
C LEU B 383 11.12 -15.92 5.54
N LEU B 384 11.46 -16.89 6.39
CA LEU B 384 12.39 -17.93 5.96
C LEU B 384 11.81 -18.76 4.83
N GLU B 385 10.51 -19.06 4.89
CA GLU B 385 9.87 -19.80 3.80
C GLU B 385 9.95 -19.07 2.47
N LEU B 386 9.99 -17.74 2.50
CA LEU B 386 10.02 -16.93 1.28
C LEU B 386 11.42 -16.69 0.74
N GLY B 387 12.46 -17.17 1.41
CA GLY B 387 13.82 -16.88 1.00
C GLY B 387 14.33 -15.53 1.45
N CYS B 388 13.67 -14.90 2.42
CA CYS B 388 14.10 -13.62 2.96
C CYS B 388 15.03 -13.85 4.16
N GLU B 389 15.71 -12.78 4.56
CA GLU B 389 16.68 -12.84 5.65
C GLU B 389 16.26 -11.97 6.82
N PRO B 390 15.72 -12.54 7.90
CA PRO B 390 15.53 -11.75 9.12
C PRO B 390 16.88 -11.50 9.76
N VAL B 391 17.21 -10.22 9.94
CA VAL B 391 18.53 -9.85 10.45
C VAL B 391 18.43 -9.54 11.94
N HIS B 392 17.54 -8.61 12.28
CA HIS B 392 17.35 -8.17 13.66
C HIS B 392 15.95 -8.58 14.11
N ILE B 393 15.90 -9.49 15.06
CA ILE B 393 14.64 -9.99 15.61
C ILE B 393 14.57 -9.54 17.06
N LEU B 394 13.58 -8.72 17.37
CA LEU B 394 13.47 -8.13 18.70
C LEU B 394 12.09 -8.40 19.27
N CYS B 395 12.05 -8.85 20.52
CA CYS B 395 10.81 -9.06 21.26
C CYS B 395 11.07 -8.53 22.66
N HIS B 396 10.55 -7.33 22.94
CA HIS B 396 10.77 -6.69 24.23
C HIS B 396 10.22 -7.52 25.38
N ASN B 397 9.12 -8.23 25.15
CA ASN B 397 8.49 -9.07 26.17
C ASN B 397 8.75 -10.56 25.95
N GLY B 398 9.89 -10.91 25.35
CA GLY B 398 10.26 -12.29 25.19
C GLY B 398 11.10 -12.82 26.33
N ASN B 399 11.20 -14.14 26.41
CA ASN B 399 11.97 -14.80 27.45
C ASN B 399 13.02 -15.70 26.82
N LYS B 400 13.77 -16.40 27.67
CA LYS B 400 14.91 -17.18 27.21
C LYS B 400 14.48 -18.45 26.47
N ARG B 401 13.40 -19.10 26.93
CA ARG B 401 12.93 -20.30 26.25
C ARG B 401 12.42 -19.98 24.85
N TRP B 402 11.68 -18.88 24.72
CA TRP B 402 11.23 -18.44 23.41
C TRP B 402 12.40 -18.11 22.51
N LYS B 403 13.43 -17.47 23.05
CA LYS B 403 14.62 -17.17 22.26
C LYS B 403 15.30 -18.45 21.78
N LYS B 404 15.36 -19.47 22.63
CA LYS B 404 15.92 -20.75 22.22
C LYS B 404 15.10 -21.37 21.08
N ALA B 405 13.77 -21.30 21.17
CA ALA B 405 12.92 -21.83 20.11
C ALA B 405 13.15 -21.09 18.78
N VAL B 406 13.25 -19.75 18.84
CA VAL B 406 13.46 -18.97 17.62
C VAL B 406 14.85 -19.26 17.05
N ASP B 407 15.85 -19.43 17.90
CA ASP B 407 17.19 -19.78 17.42
C ASP B 407 17.18 -21.13 16.72
N ALA B 408 16.45 -22.10 17.28
CA ALA B 408 16.31 -23.39 16.62
C ALA B 408 15.65 -23.25 15.25
N ILE B 409 14.60 -22.42 15.16
CA ILE B 409 13.95 -22.21 13.87
C ILE B 409 14.92 -21.59 12.88
N LEU B 410 15.71 -20.61 13.31
CA LEU B 410 16.67 -19.96 12.41
C LEU B 410 17.74 -20.93 11.95
N ALA B 411 18.21 -21.82 12.84
CA ALA B 411 19.25 -22.78 12.48
C ALA B 411 18.76 -23.81 11.47
N ALA B 412 17.45 -24.03 11.37
CA ALA B 412 16.91 -25.01 10.43
C ALA B 412 16.91 -24.51 8.99
N SER B 413 17.27 -23.25 8.75
CA SER B 413 17.25 -22.73 7.39
C SER B 413 18.58 -22.05 7.05
N PRO B 414 19.02 -22.15 5.80
CA PRO B 414 20.21 -21.37 5.39
C PRO B 414 19.99 -19.88 5.40
N TYR B 415 18.75 -19.42 5.44
CA TYR B 415 18.44 -17.99 5.41
C TYR B 415 18.46 -17.35 6.79
N GLY B 416 18.71 -18.14 7.84
CA GLY B 416 18.84 -17.62 9.19
C GLY B 416 20.26 -17.47 9.68
N LYS B 417 21.26 -17.57 8.79
CA LYS B 417 22.65 -17.54 9.24
C LYS B 417 23.06 -16.18 9.79
N ASN B 418 22.46 -15.11 9.29
CA ASN B 418 22.82 -13.75 9.70
C ASN B 418 21.85 -13.14 10.70
N ALA B 419 21.00 -13.95 11.32
CA ALA B 419 19.97 -13.46 12.23
C ALA B 419 20.48 -13.43 13.67
N THR B 420 20.07 -12.39 14.40
CA THR B 420 20.29 -12.32 15.84
C THR B 420 18.96 -12.01 16.52
N VAL B 421 18.69 -12.70 17.61
CA VAL B 421 17.45 -12.53 18.38
C VAL B 421 17.77 -11.75 19.65
N TYR B 422 16.96 -10.72 19.93
CA TYR B 422 17.14 -9.88 21.11
C TYR B 422 15.86 -9.91 21.94
N ILE B 423 16.00 -10.20 23.23
CA ILE B 423 14.90 -10.11 24.17
C ILE B 423 15.25 -9.07 25.20
N GLY B 424 14.21 -8.39 25.70
CA GLY B 424 14.41 -7.34 26.68
C GLY B 424 14.99 -6.05 26.13
N LYS B 425 15.09 -5.91 24.81
CA LYS B 425 15.58 -4.69 24.19
C LYS B 425 14.41 -3.86 23.69
N ASP B 426 14.65 -2.56 23.54
CA ASP B 426 13.62 -1.61 23.16
C ASP B 426 13.93 -1.05 21.76
N LEU B 427 13.11 -0.08 21.34
CA LEU B 427 13.24 0.45 19.99
C LEU B 427 14.45 1.37 19.81
N TRP B 428 15.02 1.90 20.89
CA TRP B 428 16.25 2.67 20.75
C TRP B 428 17.43 1.75 20.43
N HIS B 429 17.46 0.57 21.05
CA HIS B 429 18.39 -0.48 20.65
C HIS B 429 18.24 -0.81 19.17
N LEU B 430 16.99 -0.95 18.71
CA LEU B 430 16.75 -1.30 17.32
C LEU B 430 17.18 -0.18 16.39
N ARG B 431 17.05 1.07 16.83
CA ARG B 431 17.55 2.20 16.03
C ARG B 431 19.05 2.08 15.83
N SER B 432 19.79 1.77 16.90
CA SER B 432 21.22 1.54 16.73
C SER B 432 21.50 0.37 15.78
N LEU B 433 20.72 -0.72 15.91
CA LEU B 433 20.94 -1.88 15.07
C LEU B 433 20.73 -1.56 13.58
N VAL B 434 19.66 -0.83 13.26
CA VAL B 434 19.40 -0.53 11.85
C VAL B 434 20.34 0.55 11.32
N PHE B 435 20.99 1.32 12.20
CA PHE B 435 22.03 2.22 11.70
C PHE B 435 23.31 1.47 11.40
N THR B 436 23.80 0.67 12.34
CA THR B 436 25.11 0.05 12.19
C THR B 436 25.11 -1.14 11.24
N ASP B 437 24.01 -1.90 11.17
CA ASP B 437 23.87 -3.02 10.24
C ASP B 437 22.56 -2.81 9.49
N LYS B 438 22.61 -2.07 8.39
CA LYS B 438 21.38 -1.59 7.76
C LYS B 438 20.66 -2.73 7.05
N PRO B 439 19.43 -3.02 7.39
CA PRO B 439 18.64 -3.96 6.59
C PRO B 439 17.85 -3.25 5.50
N ASP B 440 17.09 -4.01 4.72
CA ASP B 440 16.29 -3.42 3.66
C ASP B 440 14.98 -2.84 4.17
N PHE B 441 14.29 -3.53 5.09
CA PHE B 441 13.03 -3.00 5.61
C PHE B 441 12.88 -3.31 7.10
N MET B 442 12.04 -2.51 7.76
CA MET B 442 11.53 -2.82 9.09
C MET B 442 10.11 -3.37 8.97
N ILE B 443 9.77 -4.32 9.84
CA ILE B 443 8.40 -4.75 10.02
C ILE B 443 8.03 -4.56 11.50
N GLY B 444 7.00 -3.75 11.73
CA GLY B 444 6.59 -3.48 13.09
C GLY B 444 5.43 -2.51 13.12
N ASN B 445 5.17 -1.99 14.31
CA ASN B 445 4.02 -1.13 14.54
C ASN B 445 4.38 0.33 14.23
N SER B 446 3.46 1.25 14.55
CA SER B 446 3.59 2.65 14.16
C SER B 446 4.79 3.33 14.81
N TYR B 447 5.22 2.88 15.98
CA TYR B 447 6.36 3.48 16.67
C TYR B 447 7.64 3.39 15.86
N GLY B 448 7.70 2.50 14.87
CA GLY B 448 8.82 2.44 13.96
C GLY B 448 8.98 3.63 13.05
N LYS B 449 7.92 4.40 12.81
CA LYS B 449 8.02 5.53 11.89
C LYS B 449 9.12 6.50 12.32
N PHE B 450 9.26 6.74 13.62
CA PHE B 450 10.32 7.64 14.09
C PHE B 450 11.69 7.12 13.70
N ILE B 451 11.92 5.81 13.86
CA ILE B 451 13.19 5.24 13.40
C ILE B 451 13.40 5.52 11.93
N GLN B 452 12.37 5.32 11.11
CA GLN B 452 12.53 5.61 9.70
C GLN B 452 12.96 7.06 9.50
N ARG B 453 12.30 7.99 10.19
CA ARG B 453 12.67 9.38 10.08
C ARG B 453 14.15 9.57 10.41
N ASP B 454 14.60 8.98 11.53
CA ASP B 454 16.00 9.13 11.90
C ASP B 454 16.92 8.66 10.78
N THR B 455 16.62 7.51 10.18
CA THR B 455 17.53 7.00 9.15
C THR B 455 17.52 7.92 7.93
N LEU B 456 16.36 8.48 7.58
CA LEU B 456 16.33 9.40 6.46
C LEU B 456 17.19 10.63 6.75
N HIS B 457 17.30 11.00 8.02
CA HIS B 457 18.12 12.16 8.36
C HIS B 457 19.58 11.88 8.07
N LYS B 458 20.01 10.63 8.22
CA LYS B 458 21.39 10.29 7.87
C LYS B 458 21.62 10.41 6.37
N GLY B 459 20.62 10.05 5.57
CA GLY B 459 20.70 10.16 4.13
C GLY B 459 19.66 9.28 3.45
N LYS B 460 19.33 9.60 2.20
CA LYS B 460 18.35 8.80 1.47
C LYS B 460 18.86 7.37 1.25
N GLU B 461 20.16 7.21 1.00
CA GLU B 461 20.73 5.88 0.84
C GLU B 461 20.79 5.09 2.13
N PHE B 462 20.53 5.73 3.28
CA PHE B 462 20.49 5.02 4.55
C PHE B 462 19.08 4.80 5.08
N GLU B 463 18.05 5.30 4.39
CA GLU B 463 16.70 5.23 4.91
C GLU B 463 16.19 3.79 4.91
N VAL B 464 15.58 3.38 6.03
CA VAL B 464 14.98 2.06 6.17
C VAL B 464 13.48 2.20 6.22
N PRO B 465 12.74 1.87 5.16
CA PRO B 465 11.29 2.01 5.18
C PRO B 465 10.65 1.08 6.20
N LEU B 466 9.52 1.53 6.74
CA LEU B 466 8.75 0.76 7.71
C LEU B 466 7.56 0.11 7.02
N ILE B 467 7.31 -1.15 7.37
CA ILE B 467 6.14 -1.89 6.94
C ILE B 467 5.30 -2.16 8.19
N ARG B 468 4.06 -1.68 8.17
CA ARG B 468 3.21 -1.68 9.36
C ARG B 468 2.46 -3.00 9.45
N ILE B 469 2.98 -3.92 10.26
CA ILE B 469 2.28 -5.14 10.65
C ILE B 469 2.46 -5.33 12.15
N GLY B 470 1.35 -5.40 12.88
CA GLY B 470 1.42 -5.57 14.32
C GLY B 470 0.52 -4.60 15.07
N PHE B 471 0.79 -4.42 16.36
CA PHE B 471 -0.05 -3.60 17.22
C PHE B 471 0.81 -2.66 18.04
N PRO B 472 0.41 -1.40 18.18
CA PRO B 472 -0.75 -0.76 17.55
C PRO B 472 -0.40 -0.08 16.23
N ILE B 473 -1.42 0.23 15.40
CA ILE B 473 -1.19 0.95 14.10
C ILE B 473 -1.98 2.27 14.08
N PHE B 474 -1.57 3.26 14.87
CA PHE B 474 -2.31 4.55 14.94
C PHE B 474 -2.32 5.36 13.64
N ASP B 475 -1.18 5.49 12.94
CA ASP B 475 -1.11 6.38 11.75
C ASP B 475 -1.98 5.90 10.57
N ARG B 476 -1.99 4.60 10.28
CA ARG B 476 -2.76 4.03 9.13
C ARG B 476 -4.24 3.85 9.47
N HIS B 477 -5.09 3.74 8.44
CA HIS B 477 -6.56 3.59 8.65
C HIS B 477 -7.06 2.22 8.21
N HIS B 478 -7.82 1.52 9.07
CA HIS B 478 -8.49 0.23 8.72
C HIS B 478 -7.54 -0.95 8.45
N LEU B 479 -6.28 -0.89 8.87
CA LEU B 479 -5.41 -2.06 8.73
C LEU B 479 -5.72 -3.13 9.77
N HIS B 480 -6.45 -2.78 10.84
CA HIS B 480 -6.92 -3.74 11.83
C HIS B 480 -7.92 -4.73 11.25
N ARG B 481 -8.46 -4.47 10.07
CA ARG B 481 -9.32 -5.42 9.37
C ARG B 481 -8.55 -6.51 8.66
N SER B 482 -7.22 -6.43 8.61
CA SER B 482 -6.41 -7.39 7.87
C SER B 482 -6.39 -8.75 8.56
N THR B 483 -5.76 -9.70 7.88
CA THR B 483 -5.57 -11.07 8.36
C THR B 483 -4.08 -11.40 8.32
N THR B 484 -3.58 -12.06 9.36
CA THR B 484 -2.22 -12.57 9.35
C THR B 484 -2.13 -14.09 9.52
N LEU B 485 -3.22 -14.76 9.91
CA LEU B 485 -3.22 -16.20 10.11
C LEU B 485 -3.69 -16.94 8.86
N GLY B 486 -3.24 -18.18 8.73
CA GLY B 486 -3.70 -19.05 7.67
C GLY B 486 -3.13 -18.69 6.30
N TYR B 487 -3.66 -19.38 5.29
CA TYR B 487 -3.24 -19.13 3.91
C TYR B 487 -3.66 -17.73 3.46
N GLU B 488 -4.84 -17.28 3.87
CA GLU B 488 -5.30 -15.94 3.54
C GLU B 488 -4.38 -14.87 4.13
N GLY B 489 -4.00 -15.05 5.40
CA GLY B 489 -3.08 -14.10 6.02
C GLY B 489 -1.71 -14.13 5.38
N ALA B 490 -1.22 -15.32 5.02
CA ALA B 490 0.05 -15.42 4.33
C ALA B 490 -0.02 -14.70 2.99
N MET B 491 -1.13 -14.84 2.27
CA MET B 491 -1.30 -14.16 0.99
C MET B 491 -1.25 -12.64 1.17
N GLN B 492 -1.97 -12.13 2.16
CA GLN B 492 -1.97 -10.69 2.42
C GLN B 492 -0.58 -10.19 2.77
N ILE B 493 0.13 -10.92 3.64
CA ILE B 493 1.47 -10.47 4.05
C ILE B 493 2.44 -10.51 2.88
N LEU B 494 2.37 -11.56 2.06
CA LEU B 494 3.25 -11.66 0.88
C LEU B 494 3.00 -10.49 -0.06
N THR B 495 1.74 -10.18 -0.32
CA THR B 495 1.41 -9.07 -1.21
C THR B 495 1.97 -7.75 -0.65
N THR B 496 1.74 -7.52 0.65
CA THR B 496 2.25 -6.31 1.29
C THR B 496 3.77 -6.20 1.12
N LEU B 497 4.49 -7.30 1.37
CA LEU B 497 5.95 -7.28 1.30
C LEU B 497 6.45 -7.00 -0.11
N VAL B 498 5.96 -7.78 -1.09
CA VAL B 498 6.47 -7.65 -2.45
C VAL B 498 6.14 -6.28 -3.01
N ASN B 499 4.97 -5.73 -2.68
CA ASN B 499 4.63 -4.44 -3.22
C ASN B 499 5.34 -3.30 -2.50
N SER B 500 5.72 -3.48 -1.22
CA SER B 500 6.60 -2.51 -0.59
C SER B 500 7.97 -2.49 -1.27
N ILE B 501 8.50 -3.68 -1.60
CA ILE B 501 9.77 -3.75 -2.30
C ILE B 501 9.67 -3.03 -3.65
N LEU B 502 8.60 -3.31 -4.41
CA LEU B 502 8.44 -2.69 -5.72
C LEU B 502 8.21 -1.18 -5.63
N GLU B 503 7.45 -0.72 -4.63
CA GLU B 503 7.23 0.71 -4.47
C GLU B 503 8.52 1.43 -4.13
N ARG B 504 9.36 0.84 -3.27
CA ARG B 504 10.67 1.42 -3.02
C ARG B 504 11.51 1.47 -4.29
N LEU B 505 11.47 0.40 -5.09
CA LEU B 505 12.26 0.39 -6.32
C LEU B 505 11.81 1.48 -7.29
N ASP B 506 10.49 1.67 -7.44
CA ASP B 506 10.01 2.78 -8.26
C ASP B 506 10.42 4.13 -7.70
N GLU B 507 10.42 4.28 -6.36
CA GLU B 507 10.89 5.53 -5.80
C GLU B 507 12.34 5.79 -6.16
N GLU B 508 13.17 4.76 -6.13
CA GLU B 508 14.60 4.91 -6.40
C GLU B 508 14.93 5.12 -7.87
N THR B 509 14.05 4.73 -8.79
CA THR B 509 14.33 4.84 -10.22
C THR B 509 13.46 5.87 -10.91
N ARG B 510 12.89 6.82 -10.17
CA ARG B 510 12.00 7.81 -10.77
C ARG B 510 12.73 9.03 -11.32
N GLY B 511 14.04 9.13 -11.10
CA GLY B 511 14.80 10.31 -11.52
C GLY B 511 15.07 10.41 -13.01
N MET B 512 14.50 11.42 -13.65
CA MET B 512 14.63 11.60 -15.10
C MET B 512 16.09 11.73 -15.50
N GLN B 513 16.47 10.96 -16.52
CA GLN B 513 17.81 10.97 -17.12
C GLN B 513 18.92 10.65 -16.12
N ALA B 514 18.57 10.18 -14.91
CA ALA B 514 19.56 9.84 -13.89
C ALA B 514 19.46 8.39 -13.45
N THR B 515 18.30 7.94 -12.97
CA THR B 515 18.11 6.56 -12.57
C THR B 515 16.92 5.90 -13.27
N ASP B 516 16.21 6.63 -14.11
CA ASP B 516 14.97 6.13 -14.70
C ASP B 516 15.20 5.20 -15.88
N TYR B 517 16.46 4.88 -16.21
CA TYR B 517 16.71 3.80 -17.16
C TYR B 517 16.19 2.47 -16.64
N ASN B 518 16.12 2.30 -15.31
CA ASN B 518 15.58 1.10 -14.69
C ASN B 518 14.15 1.31 -14.17
N HIS B 519 13.44 2.28 -14.73
CA HIS B 519 12.05 2.54 -14.34
C HIS B 519 11.12 1.78 -15.28
N ASP B 520 11.07 0.46 -15.07
CA ASP B 520 10.41 -0.45 -16.00
C ASP B 520 8.90 -0.45 -15.81
N LEU B 521 8.17 -0.50 -16.93
CA LEU B 521 6.72 -0.66 -16.87
C LEU B 521 6.34 -1.99 -16.23
N VAL B 522 7.00 -3.07 -16.68
CA VAL B 522 6.61 -4.42 -16.22
C VAL B 522 7.59 -4.92 -15.16
N ARG B 523 7.07 -5.34 -14.00
CA ARG B 523 7.94 -5.93 -12.94
C ARG B 523 7.41 -7.34 -12.61
N MET C 4 21.12 -38.89 -21.88
CA MET C 4 21.47 -39.38 -23.22
C MET C 4 20.35 -40.25 -23.78
N SER C 5 20.71 -41.46 -24.23
CA SER C 5 19.76 -42.41 -24.82
C SER C 5 19.09 -41.81 -26.05
N ARG C 6 19.90 -41.69 -27.11
CA ARG C 6 19.41 -41.19 -28.39
C ARG C 6 18.15 -41.92 -28.85
N GLU C 7 18.14 -43.25 -28.71
CA GLU C 7 16.97 -44.02 -29.09
C GLU C 7 15.76 -43.67 -28.25
N GLU C 8 15.96 -43.42 -26.95
CA GLU C 8 14.85 -42.99 -26.08
C GLU C 8 14.34 -41.62 -26.56
N VAL C 9 15.24 -40.68 -26.84
CA VAL C 9 14.82 -39.30 -27.25
C VAL C 9 14.05 -39.40 -28.58
N GLU C 10 14.54 -40.22 -29.52
CA GLU C 10 13.82 -40.42 -30.81
C GLU C 10 12.45 -41.06 -30.57
N SER C 11 12.38 -42.05 -29.67
CA SER C 11 11.08 -42.70 -29.33
C SER C 11 10.14 -41.66 -28.71
N LEU C 12 10.65 -40.79 -27.83
CA LEU C 12 9.82 -39.75 -27.17
C LEU C 12 9.27 -38.81 -28.25
N ILE C 13 10.08 -38.47 -29.25
CA ILE C 13 9.63 -37.55 -30.35
C ILE C 13 8.47 -38.24 -31.08
N GLN C 14 8.57 -39.54 -31.31
CA GLN C 14 7.50 -40.27 -32.05
C GLN C 14 6.21 -40.33 -31.23
N GLU C 15 6.28 -40.67 -29.94
CA GLU C 15 5.10 -40.71 -29.09
C GLU C 15 4.44 -39.35 -28.98
N VAL C 16 5.23 -38.28 -28.88
CA VAL C 16 4.65 -36.95 -28.83
C VAL C 16 3.96 -36.62 -30.13
N LEU C 17 4.54 -37.05 -31.26
CA LEU C 17 3.93 -36.77 -32.55
C LEU C 17 2.65 -37.56 -32.80
N GLU C 18 2.44 -38.66 -32.08
CA GLU C 18 1.26 -39.50 -32.33
C GLU C 18 -0.06 -38.73 -32.26
N VAL C 19 -0.14 -37.65 -31.46
CA VAL C 19 -1.41 -36.96 -31.26
C VAL C 19 -1.86 -36.24 -32.53
N TYR C 20 -0.92 -35.78 -33.35
CA TYR C 20 -1.23 -34.86 -34.43
C TYR C 20 -2.03 -35.54 -35.55
N PRO C 21 -2.84 -34.77 -36.28
CA PRO C 21 -3.34 -35.25 -37.58
C PRO C 21 -2.18 -35.44 -38.56
N GLU C 22 -2.50 -36.10 -39.68
CA GLU C 22 -1.46 -36.59 -40.58
C GLU C 22 -0.63 -35.45 -41.17
N LYS C 23 -1.29 -34.42 -41.68
CA LYS C 23 -0.58 -33.29 -42.28
C LYS C 23 0.33 -32.60 -41.27
N ALA C 24 -0.26 -32.24 -40.13
CA ALA C 24 0.50 -31.52 -39.09
C ALA C 24 1.68 -32.37 -38.62
N ARG C 25 1.46 -33.66 -38.37
CA ARG C 25 2.54 -34.54 -37.83
C ARG C 25 3.72 -34.63 -38.82
N LYS C 26 3.42 -34.78 -40.11
CA LYS C 26 4.51 -34.95 -41.11
C LYS C 26 5.37 -33.69 -41.13
N ASP C 27 4.75 -32.50 -41.10
CA ASP C 27 5.52 -31.23 -41.05
C ASP C 27 6.30 -31.13 -39.73
N ARG C 28 5.66 -31.49 -38.60
CA ARG C 28 6.28 -31.32 -37.25
C ARG C 28 7.52 -32.19 -37.08
N ASN C 29 7.53 -33.41 -37.63
CA ASN C 29 8.67 -34.35 -37.41
C ASN C 29 9.94 -33.72 -37.98
N LYS C 30 9.86 -33.06 -39.13
CA LYS C 30 11.03 -32.37 -39.73
C LYS C 30 11.61 -31.31 -38.78
N HIS C 31 10.85 -30.84 -37.78
CA HIS C 31 11.33 -29.76 -36.93
C HIS C 31 11.85 -30.24 -35.59
N LEU C 32 11.99 -31.55 -35.40
CA LEU C 32 12.50 -32.12 -34.16
C LEU C 32 13.65 -33.05 -34.49
N ALA C 33 14.70 -33.00 -33.68
CA ALA C 33 15.90 -33.77 -34.00
C ALA C 33 16.66 -34.15 -32.75
N VAL C 34 17.48 -35.18 -32.88
CA VAL C 34 18.42 -35.58 -31.84
C VAL C 34 19.80 -35.12 -32.26
N ASN C 35 20.49 -34.42 -31.37
CA ASN C 35 21.72 -33.75 -31.75
C ASN C 35 22.83 -34.75 -32.05
N ASP C 36 23.61 -34.43 -33.08
CA ASP C 36 24.88 -35.08 -33.33
C ASP C 36 25.93 -34.00 -33.56
N PRO C 37 26.86 -33.80 -32.63
CA PRO C 37 27.85 -32.73 -32.78
C PRO C 37 28.69 -32.86 -34.04
N ALA C 38 29.00 -34.09 -34.48
CA ALA C 38 29.82 -34.28 -35.66
C ALA C 38 29.15 -33.75 -36.92
N VAL C 39 27.82 -33.72 -36.94
CA VAL C 39 27.07 -33.29 -38.12
C VAL C 39 27.15 -31.77 -38.22
N THR C 40 27.64 -31.26 -39.34
CA THR C 40 27.80 -29.83 -39.54
C THR C 40 26.85 -29.26 -40.58
N GLN C 41 25.96 -30.07 -41.16
CA GLN C 41 24.93 -29.60 -42.09
C GLN C 41 23.58 -29.93 -41.47
N SER C 42 22.98 -28.95 -40.80
CA SER C 42 21.75 -29.17 -40.08
C SER C 42 20.54 -29.36 -40.98
N LYS C 43 20.64 -29.00 -42.27
CA LYS C 43 19.52 -29.19 -43.18
C LYS C 43 19.18 -30.67 -43.33
N LYS C 44 20.20 -31.53 -43.35
CA LYS C 44 19.97 -32.96 -43.40
C LYS C 44 19.36 -33.48 -42.11
N CYS C 45 19.29 -32.66 -41.07
CA CYS C 45 18.86 -33.06 -39.74
C CYS C 45 17.60 -32.35 -39.27
N ILE C 46 17.43 -31.06 -39.56
CA ILE C 46 16.30 -30.30 -39.05
C ILE C 46 15.93 -29.22 -40.06
N ILE C 47 14.66 -28.87 -40.10
CA ILE C 47 14.11 -27.88 -41.02
C ILE C 47 13.60 -26.69 -40.20
N SER C 48 13.90 -25.48 -40.65
CA SER C 48 13.51 -24.27 -39.94
C SER C 48 13.02 -23.22 -40.92
N ASN C 49 12.56 -22.09 -40.36
CA ASN C 49 12.16 -20.91 -41.12
C ASN C 49 11.00 -21.22 -42.07
N LYS C 50 10.08 -22.07 -41.61
CA LYS C 50 8.87 -22.42 -42.42
C LYS C 50 7.62 -21.93 -41.70
N LYS C 51 6.46 -21.90 -42.36
CA LYS C 51 5.21 -21.38 -41.75
C LYS C 51 4.75 -22.23 -40.56
N SER C 52 4.24 -21.59 -39.50
CA SER C 52 3.68 -22.36 -38.35
C SER C 52 2.41 -23.11 -38.78
N GLN C 53 2.24 -24.35 -38.31
CA GLN C 53 0.98 -25.09 -38.61
C GLN C 53 -0.18 -24.40 -37.87
N PRO C 54 -1.41 -24.24 -38.45
CA PRO C 54 -2.49 -23.51 -37.77
C PRO C 54 -3.09 -24.24 -36.55
N GLY C 55 -3.50 -23.50 -35.51
CA GLY C 55 -4.17 -24.09 -34.33
C GLY C 55 -3.23 -24.76 -33.35
N LEU C 56 -1.91 -24.58 -33.50
CA LEU C 56 -0.91 -25.31 -32.65
C LEU C 56 -0.36 -24.47 -31.48
N MET C 57 -0.93 -23.29 -31.21
CA MET C 57 -0.42 -22.38 -30.14
C MET C 57 1.09 -22.11 -30.34
N THR C 58 1.47 -21.58 -31.50
CA THR C 58 2.89 -21.22 -31.75
C THR C 58 3.34 -20.02 -30.88
N ILE C 59 4.54 -20.08 -30.33
CA ILE C 59 5.16 -18.94 -29.57
C ILE C 59 5.45 -17.75 -30.50
N ARG C 60 5.84 -18.01 -31.76
CA ARG C 60 6.32 -17.00 -32.75
C ARG C 60 5.59 -15.65 -32.87
N GLY C 61 6.34 -14.54 -32.79
CA GLY C 61 5.82 -13.18 -33.03
C GLY C 61 5.72 -12.79 -34.50
N CYS C 62 4.97 -11.72 -34.83
CA CYS C 62 4.83 -11.18 -36.22
C CYS C 62 6.03 -10.36 -36.72
N ALA C 63 6.06 -10.04 -38.02
CA ALA C 63 7.15 -9.24 -38.63
C ALA C 63 7.20 -7.83 -38.01
N TYR C 64 6.04 -7.24 -37.68
CA TYR C 64 6.01 -5.90 -37.04
C TYR C 64 6.77 -5.98 -35.70
N ALA C 65 6.60 -7.07 -34.94
CA ALA C 65 7.37 -7.24 -33.69
C ALA C 65 8.87 -7.31 -34.00
N GLY C 66 9.25 -7.99 -35.08
CA GLY C 66 10.68 -8.06 -35.49
C GLY C 66 11.25 -6.70 -35.86
N SER C 67 10.47 -5.87 -36.57
CA SER C 67 10.98 -4.55 -37.03
C SER C 67 10.76 -3.48 -35.97
N LYS C 68 9.51 -3.14 -35.67
CA LYS C 68 9.23 -2.07 -34.71
C LYS C 68 9.72 -2.45 -33.32
N GLY C 69 9.39 -3.66 -32.86
CA GLY C 69 9.69 -4.03 -31.49
C GLY C 69 11.17 -4.28 -31.24
N VAL C 70 11.88 -4.83 -32.22
CA VAL C 70 13.24 -5.29 -32.01
C VAL C 70 14.27 -4.28 -32.51
N VAL C 71 14.18 -3.92 -33.78
CA VAL C 71 15.26 -3.19 -34.45
C VAL C 71 15.08 -1.68 -34.31
N TRP C 72 13.90 -1.17 -34.70
CA TRP C 72 13.69 0.31 -34.75
C TRP C 72 13.30 0.92 -33.40
N GLY C 73 12.57 0.18 -32.55
CA GLY C 73 12.06 0.76 -31.29
C GLY C 73 13.13 1.24 -30.33
N PRO C 74 14.28 0.57 -30.14
CA PRO C 74 15.30 1.00 -29.19
C PRO C 74 15.90 2.39 -29.47
N ILE C 75 16.09 2.81 -30.73
CA ILE C 75 16.82 4.11 -30.93
C ILE C 75 16.02 5.21 -30.23
N LYS C 76 16.67 5.94 -29.31
CA LYS C 76 15.97 6.98 -28.49
C LYS C 76 15.49 8.25 -29.23
N ASP C 77 16.32 8.81 -30.10
CA ASP C 77 15.98 10.12 -30.75
C ASP C 77 14.77 10.01 -31.68
N MET C 78 14.65 8.90 -32.40
CA MET C 78 13.58 8.81 -33.43
C MET C 78 12.20 8.50 -32.85
N ILE C 79 11.17 9.13 -33.41
CA ILE C 79 9.78 8.86 -33.07
C ILE C 79 9.27 7.81 -34.03
N HIS C 80 8.75 6.71 -33.49
CA HIS C 80 8.29 5.57 -34.27
C HIS C 80 6.77 5.51 -34.24
N ILE C 81 6.15 5.74 -35.39
CA ILE C 81 4.71 5.76 -35.53
C ILE C 81 4.23 4.36 -35.88
N SER C 82 3.45 3.75 -35.00
CA SER C 82 2.71 2.55 -35.35
C SER C 82 1.53 2.95 -36.23
N HIS C 83 1.59 2.61 -37.51
CA HIS C 83 0.63 3.09 -38.49
C HIS C 83 -0.45 2.02 -38.65
N GLY C 84 -1.66 2.32 -38.16
CA GLY C 84 -2.75 1.38 -38.21
C GLY C 84 -3.63 1.43 -36.96
N PRO C 85 -4.36 0.35 -36.68
CA PRO C 85 -5.21 0.30 -35.49
C PRO C 85 -4.39 0.28 -34.20
N VAL C 86 -5.09 0.53 -33.10
CA VAL C 86 -4.44 0.89 -31.84
C VAL C 86 -3.76 -0.30 -31.17
N GLY C 87 -4.20 -1.53 -31.45
CA GLY C 87 -3.75 -2.66 -30.65
C GLY C 87 -2.25 -2.87 -30.66
N CYS C 88 -1.63 -2.74 -31.84
CA CYS C 88 -0.28 -3.23 -32.07
C CYS C 88 0.72 -2.52 -31.17
N GLY C 89 0.72 -1.19 -31.21
CA GLY C 89 1.66 -0.42 -30.44
C GLY C 89 1.38 -0.47 -28.95
N GLN C 90 0.11 -0.64 -28.58
CA GLN C 90 -0.23 -0.73 -27.17
C GLN C 90 0.32 -2.00 -26.55
N TYR C 91 0.22 -3.14 -27.24
CA TYR C 91 0.76 -4.36 -26.66
C TYR C 91 2.28 -4.36 -26.63
N SER C 92 2.93 -3.63 -27.52
CA SER C 92 4.38 -3.60 -27.57
C SER C 92 4.99 -2.40 -26.85
N ARG C 93 4.17 -1.57 -26.19
CA ARG C 93 4.69 -0.38 -25.55
C ARG C 93 5.51 -0.77 -24.32
N ALA C 94 6.83 -0.54 -24.39
CA ALA C 94 7.75 -0.72 -23.27
C ALA C 94 7.75 -2.14 -22.72
N GLY C 95 7.38 -3.12 -23.55
CA GLY C 95 7.44 -4.50 -23.13
C GLY C 95 8.81 -5.13 -23.20
N ARG C 96 9.71 -4.54 -23.99
CA ARG C 96 11.09 -5.04 -24.14
C ARG C 96 12.02 -4.07 -23.41
N ARG C 97 12.92 -4.60 -22.57
CA ARG C 97 13.78 -3.69 -21.75
C ARG C 97 15.00 -3.24 -22.56
N ASN C 98 14.79 -2.42 -23.60
CA ASN C 98 15.95 -1.85 -24.35
C ASN C 98 16.31 -0.57 -23.61
N TYR C 99 17.35 -0.61 -22.78
CA TYR C 99 17.65 0.52 -21.91
C TYR C 99 18.29 1.68 -22.68
N TYR C 100 18.13 2.88 -22.14
CA TYR C 100 18.62 4.08 -22.80
C TYR C 100 18.73 5.21 -21.79
N ILE C 101 19.51 6.23 -22.14
CA ILE C 101 19.66 7.44 -21.34
C ILE C 101 19.02 8.59 -22.12
N GLY C 102 18.10 9.30 -21.47
CA GLY C 102 17.50 10.47 -22.10
C GLY C 102 16.39 11.04 -21.24
N THR C 103 15.76 12.08 -21.77
CA THR C 103 14.62 12.73 -21.15
C THR C 103 13.38 12.38 -21.97
N THR C 104 12.58 11.45 -21.46
CA THR C 104 11.49 10.89 -22.23
C THR C 104 10.41 11.94 -22.49
N GLY C 105 9.95 12.00 -23.74
CA GLY C 105 9.00 13.00 -24.16
C GLY C 105 9.61 14.29 -24.66
N VAL C 106 10.93 14.46 -24.55
CA VAL C 106 11.57 15.69 -24.97
C VAL C 106 12.63 15.40 -26.03
N ASN C 107 13.64 14.59 -25.70
CA ASN C 107 14.60 14.16 -26.69
C ASN C 107 14.66 12.65 -26.89
N ALA C 108 13.99 11.87 -26.06
CA ALA C 108 13.95 10.42 -26.19
C ALA C 108 12.51 9.95 -26.10
N PHE C 109 12.19 8.91 -26.88
CA PHE C 109 10.79 8.53 -27.06
C PHE C 109 10.60 7.01 -27.07
N VAL C 110 11.47 6.27 -26.38
CA VAL C 110 11.47 4.81 -26.50
C VAL C 110 10.23 4.20 -25.86
N THR C 111 9.89 4.63 -24.64
CA THR C 111 8.79 4.02 -23.92
C THR C 111 7.43 4.57 -24.29
N MET C 112 7.36 5.48 -25.26
CA MET C 112 6.11 6.08 -25.69
C MET C 112 5.52 5.31 -26.88
N ASN C 113 4.20 5.40 -27.01
CA ASN C 113 3.45 4.75 -28.08
C ASN C 113 2.84 5.85 -28.96
N PHE C 114 3.39 6.04 -30.16
CA PHE C 114 2.81 6.92 -31.15
C PHE C 114 2.07 6.08 -32.18
N THR C 115 0.82 6.41 -32.46
CA THR C 115 0.04 5.62 -33.41
C THR C 115 -0.95 6.51 -34.14
N SER C 116 -1.31 6.08 -35.36
CA SER C 116 -2.34 6.77 -36.13
C SER C 116 -3.75 6.34 -35.73
N ASP C 117 -3.89 5.21 -35.04
CA ASP C 117 -5.15 4.77 -34.44
C ASP C 117 -6.30 4.77 -35.44
N PHE C 118 -6.20 3.89 -36.44
CA PHE C 118 -7.21 3.87 -37.49
C PHE C 118 -8.60 3.53 -36.99
N GLN C 119 -9.58 4.19 -37.58
CA GLN C 119 -10.99 3.92 -37.42
C GLN C 119 -11.53 3.34 -38.72
N GLU C 120 -12.85 3.14 -38.78
CA GLU C 120 -13.46 2.55 -39.97
C GLU C 120 -13.20 3.39 -41.21
N LYS C 121 -13.34 4.72 -41.10
CA LYS C 121 -13.19 5.57 -42.27
C LYS C 121 -11.76 5.55 -42.80
N ASP C 122 -10.78 5.38 -41.91
CA ASP C 122 -9.41 5.24 -42.38
C ASP C 122 -9.23 3.96 -43.18
N ILE C 123 -9.95 2.90 -42.81
CA ILE C 123 -9.87 1.66 -43.58
C ILE C 123 -10.55 1.82 -44.93
N VAL C 124 -11.71 2.48 -44.95
CA VAL C 124 -12.48 2.58 -46.19
C VAL C 124 -11.84 3.55 -47.17
N PHE C 125 -11.34 4.69 -46.69
CA PHE C 125 -10.89 5.77 -47.55
C PHE C 125 -9.37 5.88 -47.65
N GLY C 126 -8.63 5.27 -46.74
CA GLY C 126 -7.18 5.36 -46.76
C GLY C 126 -6.65 6.34 -45.71
N GLY C 127 -5.38 6.15 -45.35
CA GLY C 127 -4.78 6.93 -44.29
C GLY C 127 -3.58 7.76 -44.66
N ASP C 128 -3.42 8.11 -45.94
CA ASP C 128 -2.26 8.88 -46.36
C ASP C 128 -2.36 10.34 -45.90
N LYS C 129 -3.52 10.97 -46.08
CA LYS C 129 -3.73 12.32 -45.57
C LYS C 129 -3.65 12.34 -44.04
N LYS C 130 -4.19 11.31 -43.39
CA LYS C 130 -4.04 11.21 -41.95
C LYS C 130 -2.57 11.11 -41.55
N LEU C 131 -1.78 10.35 -42.31
CA LEU C 131 -0.36 10.21 -41.99
C LEU C 131 0.38 11.54 -42.15
N ALA C 132 0.05 12.30 -43.19
CA ALA C 132 0.70 13.60 -43.37
C ALA C 132 0.33 14.56 -42.24
N LYS C 133 -0.95 14.61 -41.88
CA LYS C 133 -1.37 15.48 -40.78
C LYS C 133 -0.73 15.05 -39.47
N LEU C 134 -0.61 13.73 -39.27
CA LEU C 134 0.06 13.20 -38.08
C LEU C 134 1.51 13.65 -38.03
N ILE C 135 2.21 13.61 -39.16
CA ILE C 135 3.61 14.03 -39.18
C ILE C 135 3.74 15.51 -38.82
N ASP C 136 2.82 16.33 -39.35
CA ASP C 136 2.79 17.74 -38.98
C ASP C 136 2.60 17.93 -37.47
N GLU C 137 1.65 17.18 -36.89
CA GLU C 137 1.39 17.32 -35.46
C GLU C 137 2.59 16.87 -34.64
N VAL C 138 3.28 15.82 -35.11
CA VAL C 138 4.48 15.34 -34.43
C VAL C 138 5.54 16.42 -34.43
N GLU C 139 5.74 17.09 -35.57
CA GLU C 139 6.71 18.16 -35.63
C GLU C 139 6.33 19.31 -34.70
N THR C 140 5.02 19.56 -34.55
CA THR C 140 4.59 20.63 -33.66
C THR C 140 4.87 20.30 -32.19
N LEU C 141 4.53 19.09 -31.75
CA LEU C 141 4.55 18.80 -30.32
C LEU C 141 5.86 18.21 -29.80
N PHE C 142 6.73 17.73 -30.67
CA PHE C 142 8.00 17.12 -30.26
C PHE C 142 9.13 17.69 -31.09
N PRO C 143 9.50 18.96 -30.83
CA PRO C 143 10.45 19.65 -31.72
C PRO C 143 11.87 19.12 -31.66
N LEU C 144 12.27 18.39 -30.62
CA LEU C 144 13.63 17.91 -30.50
C LEU C 144 13.84 16.51 -31.06
N ASN C 145 12.82 15.92 -31.68
CA ASN C 145 13.01 14.65 -32.34
C ASN C 145 13.93 14.82 -33.54
N LYS C 146 14.72 13.78 -33.81
CA LYS C 146 15.75 13.81 -34.84
C LYS C 146 15.41 12.91 -36.03
N GLY C 147 14.16 12.48 -36.13
CA GLY C 147 13.74 11.61 -37.21
C GLY C 147 12.48 10.87 -36.86
N ILE C 148 11.79 10.41 -37.90
CA ILE C 148 10.53 9.69 -37.76
C ILE C 148 10.60 8.40 -38.59
N SER C 149 10.15 7.30 -38.00
CA SER C 149 9.94 6.08 -38.75
C SER C 149 8.45 5.73 -38.70
N VAL C 150 7.94 5.16 -39.78
CA VAL C 150 6.55 4.75 -39.90
C VAL C 150 6.52 3.24 -40.06
N GLN C 151 6.08 2.53 -39.01
CA GLN C 151 6.03 1.08 -39.00
C GLN C 151 4.63 0.64 -39.38
N SER C 152 4.51 -0.07 -40.51
CA SER C 152 3.19 -0.46 -41.00
C SER C 152 2.66 -1.70 -40.28
N GLU C 153 1.39 -1.64 -39.92
CA GLU C 153 0.65 -2.79 -39.42
C GLU C 153 -0.16 -3.41 -40.57
N CYS C 154 -0.74 -4.59 -40.29
CA CYS C 154 -1.48 -5.40 -41.32
C CYS C 154 -2.38 -4.59 -42.27
N PRO C 155 -3.30 -3.69 -41.85
CA PRO C 155 -4.20 -3.03 -42.81
C PRO C 155 -3.45 -2.21 -43.85
N ILE C 156 -2.39 -1.49 -43.47
CA ILE C 156 -1.56 -0.70 -44.44
C ILE C 156 -1.29 -1.57 -45.68
N GLY C 157 -0.67 -2.74 -45.51
CA GLY C 157 -0.45 -3.56 -46.68
C GLY C 157 -1.72 -4.03 -47.33
N LEU C 158 -2.76 -4.30 -46.54
CA LEU C 158 -3.95 -4.87 -47.17
C LEU C 158 -4.84 -3.86 -47.89
N ILE C 159 -4.79 -2.57 -47.54
CA ILE C 159 -5.68 -1.59 -48.15
C ILE C 159 -5.02 -0.80 -49.27
N GLY C 160 -3.75 -1.05 -49.57
CA GLY C 160 -3.06 -0.32 -50.61
C GLY C 160 -2.78 1.13 -50.30
N ASP C 161 -2.18 1.40 -49.14
CA ASP C 161 -1.72 2.73 -48.78
C ASP C 161 -0.27 2.91 -49.23
N ASP C 162 0.04 4.13 -49.68
CA ASP C 162 1.37 4.44 -50.20
C ASP C 162 2.12 5.36 -49.23
N ILE C 163 2.77 4.73 -48.25
CA ILE C 163 3.48 5.50 -47.23
C ILE C 163 4.85 5.98 -47.73
N GLU C 164 5.39 5.37 -48.78
CA GLU C 164 6.68 5.81 -49.31
C GLU C 164 6.58 7.21 -49.89
N SER C 165 5.53 7.49 -50.65
CA SER C 165 5.36 8.81 -51.25
C SER C 165 5.12 9.87 -50.17
N VAL C 166 4.32 9.54 -49.15
CA VAL C 166 4.11 10.47 -48.06
C VAL C 166 5.42 10.77 -47.36
N SER C 167 6.22 9.72 -47.09
CA SER C 167 7.51 9.91 -46.45
C SER C 167 8.40 10.83 -47.28
N LYS C 168 8.51 10.58 -48.59
CA LYS C 168 9.35 11.42 -49.43
C LYS C 168 8.89 12.88 -49.43
N VAL C 169 7.59 13.09 -49.64
CA VAL C 169 7.08 14.46 -49.73
C VAL C 169 7.28 15.21 -48.43
N LYS C 170 6.92 14.57 -47.30
CA LYS C 170 7.01 15.25 -46.02
C LYS C 170 8.46 15.45 -45.59
N GLY C 171 9.30 14.47 -45.93
CA GLY C 171 10.73 14.54 -45.57
C GLY C 171 11.40 15.76 -46.16
N ALA C 172 11.28 15.94 -47.47
CA ALA C 172 11.93 17.09 -48.15
C ALA C 172 11.36 18.41 -47.62
N GLU C 173 10.04 18.49 -47.44
CA GLU C 173 9.38 19.76 -47.01
C GLU C 173 9.87 20.17 -45.62
N LEU C 174 9.98 19.21 -44.68
CA LEU C 174 10.39 19.53 -43.28
C LEU C 174 11.90 19.38 -43.11
N SER C 175 12.64 18.94 -44.13
CA SER C 175 14.10 18.66 -44.00
C SER C 175 14.29 17.63 -42.86
N LYS C 176 13.37 16.66 -42.77
CA LYS C 176 13.38 15.67 -41.66
C LYS C 176 13.46 14.26 -42.23
N THR C 177 14.35 13.42 -41.69
CA THR C 177 14.43 12.00 -42.16
C THR C 177 13.14 11.26 -41.78
N ILE C 178 12.42 10.72 -42.75
CA ILE C 178 11.22 9.92 -42.53
C ILE C 178 11.41 8.58 -43.22
N VAL C 179 11.37 7.51 -42.44
CA VAL C 179 11.72 6.17 -42.88
C VAL C 179 10.45 5.34 -42.94
N PRO C 180 9.92 5.01 -44.13
CA PRO C 180 8.78 4.09 -44.22
C PRO C 180 9.25 2.65 -44.12
N VAL C 181 8.59 1.87 -43.26
CA VAL C 181 8.90 0.46 -43.06
C VAL C 181 7.64 -0.35 -43.32
N ARG C 182 7.71 -1.22 -44.32
CA ARG C 182 6.62 -2.12 -44.68
C ARG C 182 6.76 -3.43 -43.91
N CYS C 183 6.48 -3.34 -42.61
CA CYS C 183 6.63 -4.47 -41.70
C CYS C 183 5.30 -5.09 -41.33
N GLU C 184 4.38 -5.17 -42.28
CA GLU C 184 3.04 -5.76 -42.02
C GLU C 184 3.21 -7.16 -41.41
N GLY C 185 2.41 -7.50 -40.41
CA GLY C 185 2.57 -8.78 -39.70
C GLY C 185 2.36 -9.99 -40.61
N PHE C 186 1.38 -9.91 -41.51
CA PHE C 186 1.09 -11.03 -42.46
C PHE C 186 2.30 -11.37 -43.34
N ARG C 187 3.32 -10.50 -43.41
CA ARG C 187 4.49 -10.86 -44.21
C ARG C 187 5.40 -11.82 -43.46
N GLY C 188 5.96 -12.78 -44.17
CA GLY C 188 6.86 -13.72 -43.54
C GLY C 188 6.14 -14.74 -42.68
N VAL C 189 6.89 -15.38 -41.79
CA VAL C 189 6.30 -16.43 -40.92
C VAL C 189 6.66 -16.12 -39.46
N SER C 190 7.50 -15.11 -39.23
CA SER C 190 8.05 -14.83 -37.88
C SER C 190 8.61 -13.42 -37.76
N GLN C 191 9.14 -13.08 -36.58
CA GLN C 191 9.82 -11.77 -36.35
C GLN C 191 11.03 -11.65 -37.27
N SER C 192 11.66 -12.77 -37.65
CA SER C 192 12.93 -12.75 -38.44
C SER C 192 12.75 -12.03 -39.79
N LEU C 193 11.63 -12.20 -40.49
CA LEU C 193 11.41 -11.41 -41.75
C LEU C 193 11.37 -9.91 -41.43
N GLY C 194 10.77 -9.52 -40.29
CA GLY C 194 10.74 -8.10 -39.90
C GLY C 194 12.15 -7.58 -39.71
N HIS C 195 13.06 -8.36 -39.11
CA HIS C 195 14.49 -7.93 -39.03
C HIS C 195 14.98 -7.58 -40.43
N HIS C 196 14.72 -8.45 -41.41
CA HIS C 196 15.18 -8.20 -42.78
C HIS C 196 14.65 -6.88 -43.32
N ILE C 197 13.35 -6.63 -43.14
CA ILE C 197 12.73 -5.41 -43.64
C ILE C 197 13.31 -4.17 -42.94
N ALA C 198 13.49 -4.25 -41.62
CA ALA C 198 14.07 -3.13 -40.89
C ALA C 198 15.49 -2.82 -41.33
N ASN C 199 16.30 -3.85 -41.58
CA ASN C 199 17.66 -3.62 -42.05
C ASN C 199 17.66 -3.01 -43.44
N ASP C 200 16.74 -3.45 -44.31
CA ASP C 200 16.65 -2.85 -45.63
C ASP C 200 16.27 -1.38 -45.55
N ALA C 201 15.36 -1.03 -44.64
CA ALA C 201 14.97 0.37 -44.46
C ALA C 201 16.14 1.20 -43.94
N VAL C 202 16.92 0.66 -43.00
CA VAL C 202 18.11 1.35 -42.52
C VAL C 202 19.08 1.59 -43.67
N ARG C 203 19.27 0.57 -44.50
CA ARG C 203 20.19 0.70 -45.63
C ARG C 203 19.72 1.77 -46.61
N ASP C 204 18.41 1.83 -46.86
CA ASP C 204 17.88 2.66 -47.94
C ASP C 204 17.61 4.10 -47.53
N TRP C 205 17.37 4.39 -46.25
CA TRP C 205 16.93 5.73 -45.87
C TRP C 205 17.83 6.44 -44.87
N VAL C 206 18.67 5.74 -44.12
CA VAL C 206 19.44 6.35 -43.04
C VAL C 206 20.94 6.21 -43.25
N LEU C 207 21.39 5.05 -43.75
CA LEU C 207 22.79 4.67 -43.61
C LEU C 207 23.72 5.55 -44.44
N GLY C 208 23.28 6.01 -45.62
CA GLY C 208 24.16 6.74 -46.50
C GLY C 208 24.09 8.25 -46.44
N LYS C 209 23.53 8.80 -45.37
CA LYS C 209 23.35 10.25 -45.29
C LYS C 209 24.67 11.01 -45.16
N ARG C 210 25.75 10.33 -44.75
CA ARG C 210 27.04 10.99 -44.57
C ARG C 210 28.11 10.40 -45.49
N ASP C 211 27.71 9.82 -46.62
CA ASP C 211 28.70 9.27 -47.55
C ASP C 211 29.62 10.35 -48.11
N GLU C 212 29.09 11.56 -48.31
CA GLU C 212 29.88 12.67 -48.81
C GLU C 212 30.52 13.48 -47.68
N ASP C 213 30.28 13.12 -46.43
CA ASP C 213 30.77 13.88 -45.29
C ASP C 213 32.05 13.25 -44.76
N THR C 214 33.07 14.07 -44.53
CA THR C 214 34.35 13.62 -44.01
C THR C 214 34.81 14.49 -42.84
N THR C 215 33.89 15.05 -42.09
CA THR C 215 34.21 15.90 -40.95
C THR C 215 34.32 15.13 -39.63
N PHE C 216 34.03 13.82 -39.64
CA PHE C 216 34.26 13.00 -38.46
C PHE C 216 35.70 12.51 -38.46
N ALA C 217 36.38 12.65 -37.33
CA ALA C 217 37.77 12.24 -37.19
C ALA C 217 37.83 10.78 -36.77
N SER C 218 38.47 9.95 -37.58
CA SER C 218 38.52 8.51 -37.38
C SER C 218 39.90 8.09 -36.88
N THR C 219 39.91 7.03 -36.08
CA THR C 219 41.11 6.42 -35.52
C THR C 219 41.22 4.98 -36.01
N PRO C 220 42.42 4.39 -35.98
CA PRO C 220 42.53 2.97 -36.35
C PRO C 220 41.81 2.03 -35.42
N TYR C 221 41.35 2.48 -34.26
CA TYR C 221 40.67 1.63 -33.29
C TYR C 221 39.17 1.91 -33.23
N ASP C 222 38.55 2.19 -34.37
CA ASP C 222 37.11 2.47 -34.43
C ASP C 222 36.32 1.20 -34.73
N VAL C 223 35.40 0.88 -33.82
CA VAL C 223 34.54 -0.29 -33.93
C VAL C 223 33.10 0.15 -33.70
N ALA C 224 32.18 -0.67 -34.20
CA ALA C 224 30.76 -0.47 -33.97
C ALA C 224 30.14 -1.76 -33.44
N ILE C 225 29.42 -1.66 -32.33
CA ILE C 225 28.68 -2.78 -31.78
C ILE C 225 27.36 -2.89 -32.52
N ILE C 226 27.14 -4.03 -33.18
CA ILE C 226 26.00 -4.28 -34.06
C ILE C 226 25.19 -5.42 -33.48
N GLY C 227 23.88 -5.22 -33.30
CA GLY C 227 23.04 -6.35 -32.85
C GLY C 227 22.98 -6.52 -31.34
N ASP C 228 23.31 -5.48 -30.56
CA ASP C 228 23.12 -5.59 -29.09
C ASP C 228 22.03 -4.58 -28.70
N TYR C 229 21.00 -5.05 -28.00
CA TYR C 229 19.85 -4.16 -27.73
C TYR C 229 19.86 -3.63 -26.30
N ASN C 230 20.99 -3.77 -25.58
CA ASN C 230 21.10 -3.16 -24.22
C ASN C 230 19.93 -3.66 -23.36
N ILE C 231 19.65 -4.97 -23.40
CA ILE C 231 18.56 -5.55 -22.55
C ILE C 231 19.02 -5.50 -21.09
N GLY C 232 18.38 -4.66 -20.27
CA GLY C 232 18.84 -4.47 -18.88
C GLY C 232 20.24 -3.90 -18.83
N GLY C 233 20.63 -3.08 -19.83
CA GLY C 233 21.96 -2.47 -19.89
C GLY C 233 23.03 -3.43 -20.36
N ASP C 234 22.67 -4.42 -21.19
CA ASP C 234 23.65 -5.45 -21.64
C ASP C 234 24.76 -4.83 -22.49
N ALA C 235 24.42 -3.92 -23.40
CA ALA C 235 25.42 -3.27 -24.28
C ALA C 235 26.39 -2.43 -23.44
N TRP C 236 25.91 -1.74 -22.40
CA TRP C 236 26.77 -0.91 -21.53
C TRP C 236 27.81 -1.79 -20.82
N SER C 237 27.39 -2.98 -20.36
CA SER C 237 28.32 -3.95 -19.73
C SER C 237 29.37 -4.38 -20.75
N SER C 238 28.97 -4.58 -22.01
CA SER C 238 29.93 -4.98 -23.07
C SER C 238 30.82 -3.80 -23.52
N ARG C 239 30.27 -2.59 -23.61
CA ARG C 239 31.03 -1.46 -24.15
C ARG C 239 32.20 -1.10 -23.25
N ILE C 240 31.99 -1.13 -21.94
CA ILE C 240 33.05 -0.79 -21.00
C ILE C 240 34.28 -1.69 -21.23
N LEU C 241 34.06 -2.99 -21.42
CA LEU C 241 35.18 -3.88 -21.69
C LEU C 241 35.90 -3.46 -22.95
N LEU C 242 35.15 -3.13 -24.01
CA LEU C 242 35.77 -2.69 -25.25
C LEU C 242 36.54 -1.39 -25.02
N GLU C 243 36.01 -0.51 -24.17
CA GLU C 243 36.71 0.73 -23.91
C GLU C 243 37.94 0.49 -23.05
N GLU C 244 37.92 -0.58 -22.24
CA GLU C 244 39.06 -0.88 -21.40
C GLU C 244 40.19 -1.53 -22.21
N MET C 245 39.85 -2.14 -23.34
CA MET C 245 40.83 -2.74 -24.23
C MET C 245 41.52 -1.71 -25.14
N GLY C 246 41.07 -0.46 -25.10
CA GLY C 246 41.67 0.61 -25.89
C GLY C 246 40.90 1.01 -27.12
N LEU C 247 39.86 0.25 -27.49
CA LEU C 247 39.09 0.57 -28.68
C LEU C 247 38.13 1.73 -28.41
N ARG C 248 37.64 2.33 -29.48
CA ARG C 248 36.67 3.41 -29.42
C ARG C 248 35.38 2.94 -30.10
N CYS C 249 34.27 2.96 -29.36
CA CYS C 249 32.99 2.48 -29.85
CA CYS C 249 32.99 2.48 -29.86
C CYS C 249 32.22 3.66 -30.44
N VAL C 250 32.25 3.79 -31.76
CA VAL C 250 31.57 4.90 -32.43
C VAL C 250 30.06 4.74 -32.37
N ALA C 251 29.55 3.54 -32.62
CA ALA C 251 28.12 3.33 -32.76
C ALA C 251 27.68 2.11 -31.98
N GLN C 252 26.36 2.01 -31.77
CA GLN C 252 25.80 0.94 -30.93
C GLN C 252 24.39 0.66 -31.44
N TRP C 253 24.25 -0.42 -32.21
CA TRP C 253 22.97 -0.80 -32.83
C TRP C 253 22.33 -1.93 -32.04
N SER C 254 21.15 -1.70 -31.49
CA SER C 254 20.49 -0.40 -31.57
C SER C 254 20.02 0.03 -30.18
N GLY C 255 20.41 -0.73 -29.16
CA GLY C 255 20.06 -0.37 -27.79
C GLY C 255 20.85 0.84 -27.33
N ASP C 256 20.15 1.81 -26.73
CA ASP C 256 20.71 3.13 -26.40
C ASP C 256 21.28 3.82 -27.62
N GLY C 257 20.81 3.47 -28.82
CA GLY C 257 21.36 4.01 -30.03
C GLY C 257 20.69 5.29 -30.47
N SER C 258 21.44 6.07 -31.23
CA SER C 258 20.95 7.31 -31.80
C SER C 258 21.16 7.27 -33.31
N ILE C 259 20.40 8.11 -34.02
CA ILE C 259 20.46 8.10 -35.48
C ILE C 259 21.82 8.55 -35.98
N SER C 260 22.47 9.47 -35.26
CA SER C 260 23.80 9.93 -35.66
C SER C 260 24.82 8.80 -35.55
N GLU C 261 24.67 7.92 -34.57
CA GLU C 261 25.58 6.77 -34.47
C GLU C 261 25.44 5.85 -35.67
N ILE C 262 24.19 5.61 -36.10
CA ILE C 262 23.93 4.77 -37.31
C ILE C 262 24.65 5.40 -38.52
N GLU C 263 24.51 6.72 -38.71
CA GLU C 263 25.17 7.45 -39.83
C GLU C 263 26.69 7.36 -39.69
N LEU C 264 27.22 7.43 -38.47
CA LEU C 264 28.68 7.33 -38.17
C LEU C 264 29.24 5.93 -38.50
N THR C 265 28.43 4.86 -38.48
CA THR C 265 28.93 3.46 -38.68
C THR C 265 29.75 3.21 -39.96
N PRO C 266 29.52 3.88 -41.12
CA PRO C 266 30.39 3.70 -42.31
C PRO C 266 31.85 4.10 -42.03
N LYS C 267 32.08 5.13 -41.23
CA LYS C 267 33.46 5.57 -40.87
C LYS C 267 34.23 4.49 -40.10
N VAL C 268 33.61 3.71 -39.21
CA VAL C 268 34.34 2.76 -38.30
C VAL C 268 35.11 1.66 -39.06
N LYS C 269 36.33 1.34 -38.59
CA LYS C 269 37.18 0.27 -39.18
C LYS C 269 36.59 -1.15 -39.06
N LEU C 270 36.01 -1.52 -37.92
CA LEU C 270 35.56 -2.93 -37.72
C LEU C 270 34.13 -3.02 -37.19
N ASN C 271 33.38 -4.04 -37.58
CA ASN C 271 32.00 -4.25 -37.04
C ASN C 271 31.98 -5.46 -36.11
N LEU C 272 31.53 -5.27 -34.86
CA LEU C 272 31.43 -6.36 -33.91
C LEU C 272 29.96 -6.74 -33.78
N VAL C 273 29.59 -7.88 -34.37
CA VAL C 273 28.19 -8.28 -34.48
C VAL C 273 27.88 -9.25 -33.35
N HIS C 274 26.90 -8.89 -32.52
CA HIS C 274 26.47 -9.81 -31.48
C HIS C 274 25.35 -10.73 -31.95
N CYS C 275 24.23 -10.16 -32.36
CA CYS C 275 23.12 -10.95 -32.87
C CYS C 275 23.29 -11.07 -34.39
N TYR C 276 23.85 -12.20 -34.81
CA TYR C 276 23.94 -12.51 -36.23
C TYR C 276 22.56 -12.48 -36.89
N ARG C 277 21.56 -13.00 -36.20
CA ARG C 277 20.26 -13.27 -36.83
C ARG C 277 19.60 -11.98 -37.29
N SER C 278 19.66 -10.92 -36.47
CA SER C 278 18.93 -9.70 -36.78
C SER C 278 19.72 -8.69 -37.61
N MET C 279 21.05 -8.76 -37.59
CA MET C 279 21.86 -7.69 -38.19
C MET C 279 22.89 -8.18 -39.22
N ASN C 280 22.94 -9.47 -39.52
CA ASN C 280 23.87 -9.92 -40.56
C ASN C 280 23.58 -9.25 -41.89
N TYR C 281 22.34 -8.82 -42.11
CA TYR C 281 21.93 -8.30 -43.40
C TYR C 281 22.71 -7.01 -43.69
N ILE C 282 22.63 -6.06 -42.75
CA ILE C 282 23.32 -4.79 -42.88
C ILE C 282 24.82 -4.97 -42.69
N SER C 283 25.27 -5.95 -41.91
CA SER C 283 26.71 -6.18 -41.79
C SER C 283 27.32 -6.59 -43.13
N ARG C 284 26.67 -7.53 -43.83
CA ARG C 284 27.14 -7.91 -45.16
C ARG C 284 27.05 -6.74 -46.13
N HIS C 285 25.98 -5.95 -46.05
CA HIS C 285 25.88 -4.78 -46.93
C HIS C 285 27.04 -3.83 -46.72
N MET C 286 27.39 -3.54 -45.46
CA MET C 286 28.49 -2.62 -45.19
C MET C 286 29.84 -3.20 -45.59
N GLU C 287 30.02 -4.52 -45.47
CA GLU C 287 31.26 -5.11 -45.95
C GLU C 287 31.40 -4.94 -47.46
N GLU C 288 30.29 -5.13 -48.20
CA GLU C 288 30.38 -4.99 -49.65
C GLU C 288 30.52 -3.53 -50.09
N LYS C 289 29.83 -2.62 -49.40
CA LYS C 289 29.77 -1.24 -49.85
C LYS C 289 30.95 -0.40 -49.35
N TYR C 290 31.37 -0.60 -48.10
CA TYR C 290 32.37 0.24 -47.48
C TYR C 290 33.68 -0.48 -47.21
N GLY C 291 33.74 -1.79 -47.44
CA GLY C 291 34.93 -2.54 -47.14
C GLY C 291 35.20 -2.73 -45.68
N ILE C 292 34.17 -2.64 -44.83
CA ILE C 292 34.32 -2.78 -43.39
C ILE C 292 34.19 -4.26 -43.04
N PRO C 293 35.20 -4.87 -42.46
CA PRO C 293 35.04 -6.25 -41.97
C PRO C 293 34.16 -6.30 -40.74
N TRP C 294 33.53 -7.47 -40.56
CA TRP C 294 32.66 -7.73 -39.42
C TRP C 294 32.96 -9.12 -38.88
N MET C 295 32.83 -9.26 -37.56
CA MET C 295 33.02 -10.56 -36.92
C MET C 295 32.04 -10.74 -35.77
N GLU C 296 31.63 -11.98 -35.54
CA GLU C 296 30.73 -12.31 -34.45
C GLU C 296 31.51 -12.53 -33.16
N TYR C 297 30.89 -12.17 -32.03
CA TYR C 297 31.48 -12.36 -30.72
C TYR C 297 30.40 -12.80 -29.73
N ASN C 298 30.85 -13.18 -28.54
CA ASN C 298 29.97 -13.72 -27.50
C ASN C 298 30.51 -13.27 -26.15
N PHE C 299 29.70 -12.54 -25.39
CA PHE C 299 30.07 -12.07 -24.06
C PHE C 299 29.23 -12.72 -22.96
N PHE C 300 28.73 -13.93 -23.21
CA PHE C 300 28.00 -14.70 -22.20
C PHE C 300 28.97 -15.61 -21.44
N GLY C 301 29.28 -15.25 -20.21
CA GLY C 301 30.12 -16.07 -19.36
C GLY C 301 31.59 -15.78 -19.57
N PRO C 302 32.40 -16.08 -18.55
CA PRO C 302 33.84 -15.70 -18.61
C PRO C 302 34.62 -16.35 -19.74
N THR C 303 34.41 -17.65 -19.99
CA THR C 303 35.18 -18.32 -21.03
C THR C 303 34.94 -17.68 -22.39
N LYS C 304 33.66 -17.46 -22.74
CA LYS C 304 33.34 -16.93 -24.06
C LYS C 304 33.80 -15.49 -24.18
N THR C 305 33.66 -14.69 -23.12
CA THR C 305 34.08 -13.29 -23.20
C THR C 305 35.60 -13.17 -23.31
N ILE C 306 36.35 -14.03 -22.61
CA ILE C 306 37.81 -14.00 -22.74
C ILE C 306 38.22 -14.39 -24.16
N GLU C 307 37.61 -15.45 -24.70
CA GLU C 307 37.88 -15.84 -26.08
C GLU C 307 37.54 -14.72 -27.06
N SER C 308 36.38 -14.08 -26.87
CA SER C 308 35.96 -13.01 -27.78
C SER C 308 36.89 -11.81 -27.70
N LEU C 309 37.30 -11.44 -26.48
CA LEU C 309 38.21 -10.30 -26.33
C LEU C 309 39.54 -10.58 -27.00
N ARG C 310 40.08 -11.79 -26.85
CA ARG C 310 41.34 -12.11 -27.50
C ARG C 310 41.20 -12.10 -29.02
N ALA C 311 40.12 -12.67 -29.54
CA ALA C 311 39.91 -12.68 -30.99
C ALA C 311 39.75 -11.27 -31.53
N ILE C 312 39.02 -10.40 -30.81
CA ILE C 312 38.83 -9.03 -31.26
C ILE C 312 40.16 -8.28 -31.23
N ALA C 313 40.94 -8.46 -30.16
CA ALA C 313 42.24 -7.79 -30.09
C ALA C 313 43.18 -8.27 -31.17
N ALA C 314 43.04 -9.52 -31.62
CA ALA C 314 43.90 -10.04 -32.67
C ALA C 314 43.74 -9.29 -33.99
N LYS C 315 42.63 -8.55 -34.16
CA LYS C 315 42.40 -7.80 -35.38
C LYS C 315 43.19 -6.49 -35.43
N PHE C 316 43.77 -6.05 -34.31
CA PHE C 316 44.50 -4.81 -34.25
C PHE C 316 45.97 -5.05 -33.86
N ASP C 317 46.70 -3.97 -33.55
CA ASP C 317 48.12 -4.07 -33.30
C ASP C 317 48.41 -4.56 -31.87
N GLU C 318 49.68 -4.52 -31.49
CA GLU C 318 50.14 -5.20 -30.28
C GLU C 318 49.74 -4.45 -29.01
N SER C 319 49.58 -3.13 -29.08
CA SER C 319 49.15 -2.37 -27.90
C SER C 319 47.75 -2.79 -27.46
N ILE C 320 46.86 -3.04 -28.43
CA ILE C 320 45.52 -3.51 -28.09
C ILE C 320 45.58 -4.87 -27.43
N GLN C 321 46.48 -5.74 -27.89
CA GLN C 321 46.63 -7.06 -27.28
C GLN C 321 47.16 -6.94 -25.85
N LYS C 322 48.09 -6.03 -25.62
CA LYS C 322 48.56 -5.78 -24.26
C LYS C 322 47.43 -5.32 -23.35
N LYS C 323 46.64 -4.35 -23.82
CA LYS C 323 45.51 -3.87 -23.03
C LYS C 323 44.50 -4.98 -22.78
N CYS C 324 44.29 -5.85 -23.77
CA CYS C 324 43.37 -6.97 -23.63
C CYS C 324 43.82 -7.92 -22.53
N GLU C 325 45.11 -8.25 -22.52
CA GLU C 325 45.64 -9.10 -21.45
C GLU C 325 45.50 -8.42 -20.09
N GLU C 326 45.69 -7.10 -20.06
CA GLU C 326 45.51 -6.36 -18.81
C GLU C 326 44.07 -6.44 -18.32
N VAL C 327 43.10 -6.31 -19.23
CA VAL C 327 41.68 -6.39 -18.86
C VAL C 327 41.35 -7.78 -18.34
N ILE C 328 41.83 -8.82 -19.03
CA ILE C 328 41.57 -10.19 -18.61
C ILE C 328 42.14 -10.44 -17.22
N ALA C 329 43.38 -9.98 -16.98
CA ALA C 329 44.00 -10.15 -15.68
C ALA C 329 43.25 -9.36 -14.60
N LYS C 330 42.75 -8.18 -14.95
CA LYS C 330 42.02 -7.38 -13.97
C LYS C 330 40.73 -8.05 -13.55
N TYR C 331 40.04 -8.69 -14.49
CA TYR C 331 38.72 -9.25 -14.15
C TYR C 331 38.76 -10.70 -13.72
N LYS C 332 39.91 -11.39 -13.84
CA LYS C 332 39.99 -12.80 -13.46
C LYS C 332 39.54 -13.10 -12.02
N PRO C 333 40.02 -12.38 -10.99
CA PRO C 333 39.59 -12.72 -9.61
C PRO C 333 38.08 -12.60 -9.39
N GLU C 334 37.42 -11.63 -10.01
CA GLU C 334 35.99 -11.44 -9.74
C GLU C 334 35.16 -12.61 -10.24
N TRP C 335 35.34 -13.00 -11.51
CA TRP C 335 34.55 -14.13 -12.00
C TRP C 335 35.01 -15.45 -11.40
N GLU C 336 36.28 -15.54 -11.01
CA GLU C 336 36.71 -16.73 -10.28
C GLU C 336 36.01 -16.84 -8.93
N ALA C 337 35.85 -15.73 -8.22
CA ALA C 337 35.09 -15.74 -6.97
C ALA C 337 33.63 -16.10 -7.22
N VAL C 338 33.05 -15.58 -8.29
CA VAL C 338 31.67 -15.92 -8.62
C VAL C 338 31.54 -17.42 -8.84
N VAL C 339 32.48 -18.00 -9.59
CA VAL C 339 32.46 -19.44 -9.83
C VAL C 339 32.58 -20.20 -8.52
N ALA C 340 33.54 -19.81 -7.67
CA ALA C 340 33.76 -20.51 -6.41
C ALA C 340 32.52 -20.45 -5.52
N LYS C 341 31.79 -19.34 -5.56
CA LYS C 341 30.60 -19.24 -4.72
C LYS C 341 29.43 -20.06 -5.28
N TYR C 342 29.21 -20.02 -6.60
CA TYR C 342 27.94 -20.50 -7.13
C TYR C 342 27.99 -21.83 -7.88
N ARG C 343 29.15 -22.23 -8.41
CA ARG C 343 29.22 -23.54 -9.07
C ARG C 343 28.86 -24.71 -8.16
N PRO C 344 29.30 -24.78 -6.90
CA PRO C 344 28.85 -25.90 -6.05
C PRO C 344 27.35 -25.98 -5.90
N ARG C 345 26.65 -24.85 -5.93
CA ARG C 345 25.20 -24.87 -5.81
C ARG C 345 24.51 -25.33 -7.10
N LEU C 346 25.18 -25.20 -8.25
CA LEU C 346 24.56 -25.49 -9.54
C LEU C 346 25.18 -26.65 -10.30
N GLU C 347 26.28 -27.22 -9.81
CA GLU C 347 26.95 -28.33 -10.50
C GLU C 347 25.99 -29.50 -10.74
N GLY C 348 25.97 -29.99 -11.97
CA GLY C 348 25.23 -31.17 -12.33
C GLY C 348 23.80 -30.94 -12.79
N LYS C 349 23.29 -29.72 -12.67
CA LYS C 349 21.90 -29.46 -13.01
C LYS C 349 21.71 -29.36 -14.52
N ARG C 350 20.52 -29.72 -14.98
CA ARG C 350 20.21 -29.80 -16.40
C ARG C 350 19.15 -28.77 -16.78
N VAL C 351 19.35 -28.15 -17.95
CA VAL C 351 18.59 -26.99 -18.41
C VAL C 351 18.02 -27.29 -19.79
N MET C 352 16.80 -26.79 -20.04
CA MET C 352 16.18 -26.89 -21.40
C MET C 352 15.84 -25.46 -21.81
N LEU C 353 16.39 -24.96 -22.92
CA LEU C 353 16.21 -23.52 -23.27
C LEU C 353 15.44 -23.29 -24.57
N TYR C 354 14.28 -22.64 -24.51
CA TYR C 354 13.58 -22.26 -25.77
C TYR C 354 13.54 -20.74 -25.86
N ILE C 355 14.10 -20.15 -26.93
CA ILE C 355 14.12 -18.67 -27.14
C ILE C 355 14.01 -18.46 -28.66
N GLY C 356 14.00 -17.22 -29.17
CA GLY C 356 13.83 -17.10 -30.63
C GLY C 356 15.03 -17.19 -31.58
N GLY C 357 16.17 -16.53 -31.33
CA GLY C 357 17.37 -16.72 -32.19
C GLY C 357 18.67 -16.41 -31.48
N LEU C 358 19.80 -17.03 -31.81
CA LEU C 358 21.14 -16.66 -31.23
C LEU C 358 21.26 -17.08 -29.76
N ARG C 359 20.39 -16.59 -28.87
CA ARG C 359 20.55 -16.84 -27.40
C ARG C 359 20.46 -18.33 -27.05
N PRO C 360 19.57 -19.18 -27.62
CA PRO C 360 19.60 -20.62 -27.34
C PRO C 360 20.98 -21.23 -27.59
N ARG C 361 21.84 -20.55 -28.36
CA ARG C 361 23.21 -21.10 -28.50
C ARG C 361 24.21 -20.18 -27.79
N HIS C 362 23.92 -18.88 -27.72
CA HIS C 362 24.85 -17.89 -27.10
C HIS C 362 25.06 -18.16 -25.61
N VAL C 363 24.02 -18.52 -24.85
CA VAL C 363 24.12 -18.64 -23.35
C VAL C 363 24.65 -20.03 -22.90
N ILE C 364 24.87 -20.99 -23.81
CA ILE C 364 25.23 -22.38 -23.37
C ILE C 364 26.57 -22.35 -22.61
N GLY C 365 27.55 -21.57 -23.07
CA GLY C 365 28.88 -21.53 -22.41
C GLY C 365 28.79 -21.01 -20.99
N ALA C 366 27.97 -19.98 -20.74
CA ALA C 366 27.78 -19.41 -19.39
C ALA C 366 27.19 -20.47 -18.45
N TYR C 367 26.23 -21.26 -18.95
CA TYR C 367 25.65 -22.35 -18.13
C TYR C 367 26.77 -23.37 -17.80
N GLU C 368 27.56 -23.76 -18.80
CA GLU C 368 28.63 -24.71 -18.56
C GLU C 368 29.70 -24.15 -17.62
N ASP C 369 29.90 -22.83 -17.62
CA ASP C 369 30.85 -22.23 -16.70
C ASP C 369 30.48 -22.46 -15.24
N LEU C 370 29.18 -22.67 -14.98
CA LEU C 370 28.69 -23.01 -13.65
C LEU C 370 28.44 -24.50 -13.48
N GLY C 371 28.98 -25.33 -14.38
CA GLY C 371 28.82 -26.76 -14.28
C GLY C 371 27.45 -27.28 -14.61
N MET C 372 26.70 -26.56 -15.45
CA MET C 372 25.32 -26.90 -15.78
C MET C 372 25.24 -27.45 -17.19
N GLU C 373 24.41 -28.46 -17.38
CA GLU C 373 24.29 -29.17 -18.66
C GLU C 373 23.01 -28.77 -19.39
N VAL C 374 23.15 -28.36 -20.64
CA VAL C 374 22.00 -28.04 -21.47
C VAL C 374 21.64 -29.30 -22.26
N VAL C 375 20.44 -29.84 -21.99
CA VAL C 375 20.04 -31.12 -22.59
C VAL C 375 19.02 -30.95 -23.71
N GLY C 376 18.41 -29.78 -23.82
CA GLY C 376 17.53 -29.49 -24.93
C GLY C 376 17.58 -28.02 -25.25
N THR C 377 17.52 -27.68 -26.53
CA THR C 377 17.48 -26.27 -26.90
C THR C 377 16.70 -26.15 -28.21
N GLY C 378 16.16 -24.97 -28.44
CA GLY C 378 15.33 -24.77 -29.61
C GLY C 378 15.12 -23.30 -29.89
N TYR C 379 14.68 -23.04 -31.11
CA TYR C 379 14.47 -21.67 -31.58
C TYR C 379 13.05 -21.46 -32.09
N GLU C 380 12.53 -20.25 -31.84
CA GLU C 380 11.28 -19.85 -32.48
C GLU C 380 11.45 -19.64 -33.97
N PHE C 381 12.48 -18.88 -34.38
CA PHE C 381 12.53 -18.40 -35.76
C PHE C 381 13.94 -18.42 -36.37
N ALA C 382 14.83 -19.28 -35.89
CA ALA C 382 16.18 -19.31 -36.46
C ALA C 382 16.17 -19.99 -37.83
N HIS C 383 17.19 -19.66 -38.63
CA HIS C 383 17.38 -20.27 -39.94
C HIS C 383 18.36 -21.44 -39.79
N ASN C 384 18.65 -22.11 -40.90
CA ASN C 384 19.50 -23.30 -40.84
C ASN C 384 20.93 -22.95 -40.46
N ASP C 385 21.41 -21.75 -40.78
CA ASP C 385 22.76 -21.37 -40.38
C ASP C 385 22.90 -21.29 -38.87
N ASP C 386 21.83 -20.85 -38.19
CA ASP C 386 21.83 -20.84 -36.73
C ASP C 386 21.96 -22.26 -36.17
N TYR C 387 21.24 -23.21 -36.75
CA TYR C 387 21.35 -24.59 -36.31
C TYR C 387 22.72 -25.18 -36.64
N ASP C 388 23.32 -24.74 -37.75
CA ASP C 388 24.69 -25.15 -38.06
C ASP C 388 25.65 -24.68 -36.98
N ARG C 389 25.50 -23.43 -36.53
CA ARG C 389 26.31 -22.93 -35.42
C ARG C 389 25.93 -23.56 -34.09
N THR C 390 24.73 -24.13 -33.98
CA THR C 390 24.26 -24.66 -32.71
C THR C 390 24.70 -26.09 -32.46
N MET C 391 24.70 -26.93 -33.51
CA MET C 391 24.91 -28.37 -33.29
C MET C 391 26.27 -28.69 -32.67
N LYS C 392 27.30 -27.92 -33.01
CA LYS C 392 28.61 -28.19 -32.43
C LYS C 392 28.70 -27.74 -30.98
N GLU C 393 27.90 -26.77 -30.56
CA GLU C 393 27.94 -26.24 -29.21
C GLU C 393 27.06 -26.99 -28.22
N MET C 394 26.31 -27.99 -28.68
CA MET C 394 25.47 -28.80 -27.81
C MET C 394 26.02 -30.22 -27.71
N GLY C 395 25.73 -30.88 -26.59
CA GLY C 395 26.20 -32.22 -26.36
C GLY C 395 25.52 -33.25 -27.22
N ASP C 396 26.13 -34.43 -27.28
CA ASP C 396 25.60 -35.51 -28.10
C ASP C 396 24.29 -36.02 -27.52
N SER C 397 23.38 -36.41 -28.42
CA SER C 397 22.08 -36.98 -28.09
C SER C 397 21.22 -36.04 -27.25
N THR C 398 21.33 -34.74 -27.47
CA THR C 398 20.45 -33.77 -26.83
C THR C 398 19.34 -33.36 -27.79
N LEU C 399 18.25 -32.82 -27.24
CA LEU C 399 17.07 -32.57 -28.05
C LEU C 399 17.14 -31.19 -28.72
N LEU C 400 16.83 -31.17 -30.02
CA LEU C 400 16.77 -29.95 -30.80
C LEU C 400 15.36 -29.80 -31.38
N TYR C 401 14.90 -28.56 -31.45
CA TYR C 401 13.49 -28.27 -31.71
C TYR C 401 13.26 -26.83 -32.17
N ASP C 402 12.57 -26.72 -33.30
CA ASP C 402 12.31 -25.48 -34.01
C ASP C 402 10.81 -25.20 -34.04
N ASP C 403 10.43 -23.99 -33.64
CA ASP C 403 9.03 -23.55 -33.63
C ASP C 403 8.16 -24.54 -32.86
N VAL C 404 8.62 -24.87 -31.66
CA VAL C 404 7.93 -25.92 -30.83
C VAL C 404 6.50 -25.51 -30.47
N THR C 405 5.55 -26.42 -30.65
CA THR C 405 4.14 -26.17 -30.23
C THR C 405 4.05 -26.25 -28.71
N GLY C 406 3.04 -25.61 -28.12
CA GLY C 406 2.88 -25.63 -26.67
C GLY C 406 2.70 -27.04 -26.13
N TYR C 407 1.92 -27.86 -26.83
CA TYR C 407 1.76 -29.27 -26.41
C TYR C 407 3.10 -29.99 -26.47
N GLU C 408 3.84 -29.85 -27.59
CA GLU C 408 5.14 -30.55 -27.76
C GLU C 408 6.08 -30.21 -26.60
N PHE C 409 6.23 -28.92 -26.30
CA PHE C 409 7.20 -28.49 -25.26
C PHE C 409 6.79 -29.06 -23.90
N GLU C 410 5.50 -29.05 -23.58
CA GLU C 410 5.02 -29.55 -22.27
C GLU C 410 5.34 -31.05 -22.15
N GLU C 411 5.11 -31.83 -23.21
CA GLU C 411 5.40 -33.27 -23.15
C GLU C 411 6.89 -33.54 -23.03
N PHE C 412 7.71 -32.82 -23.78
CA PHE C 412 9.16 -32.99 -23.67
C PHE C 412 9.63 -32.68 -22.26
N VAL C 413 9.12 -31.62 -21.65
CA VAL C 413 9.53 -31.28 -20.30
C VAL C 413 9.09 -32.35 -19.31
N LYS C 414 7.87 -32.89 -19.48
CA LYS C 414 7.42 -33.96 -18.59
C LYS C 414 8.34 -35.18 -18.68
N ARG C 415 8.76 -35.55 -19.89
CA ARG C 415 9.58 -36.75 -20.03
C ARG C 415 11.02 -36.51 -19.55
N ILE C 416 11.63 -35.41 -19.99
CA ILE C 416 13.04 -35.16 -19.69
C ILE C 416 13.22 -34.77 -18.23
N LYS C 417 12.26 -34.05 -17.66
CA LYS C 417 12.29 -33.54 -16.28
C LYS C 417 13.53 -32.69 -16.03
N PRO C 418 13.66 -31.53 -16.65
CA PRO C 418 14.81 -30.67 -16.37
C PRO C 418 14.74 -30.06 -14.98
N ASP C 419 15.91 -29.69 -14.47
CA ASP C 419 15.98 -28.91 -13.24
C ASP C 419 15.55 -27.47 -13.44
N LEU C 420 15.83 -26.91 -14.63
CA LEU C 420 15.55 -25.47 -14.87
C LEU C 420 15.16 -25.25 -16.34
N ILE C 421 14.22 -24.33 -16.60
CA ILE C 421 13.81 -24.02 -18.00
C ILE C 421 14.02 -22.53 -18.30
N GLY C 422 14.66 -22.19 -19.42
CA GLY C 422 14.76 -20.77 -19.81
C GLY C 422 13.89 -20.51 -21.02
N SER C 423 12.92 -19.61 -20.90
CA SER C 423 11.92 -19.41 -22.00
C SER C 423 11.18 -18.09 -21.88
N GLY C 424 10.29 -17.81 -22.83
CA GLY C 424 9.47 -16.58 -22.83
C GLY C 424 8.38 -16.55 -21.77
N ILE C 425 7.78 -15.37 -21.54
CA ILE C 425 6.75 -15.17 -20.47
C ILE C 425 5.56 -16.13 -20.62
N LYS C 426 5.12 -16.45 -21.85
CA LYS C 426 3.92 -17.31 -22.02
C LYS C 426 4.21 -18.68 -21.42
N GLU C 427 5.40 -19.22 -21.63
CA GLU C 427 5.85 -20.52 -21.05
C GLU C 427 5.95 -20.51 -19.53
N LYS C 428 6.36 -19.40 -18.90
CA LYS C 428 6.73 -19.41 -17.46
C LYS C 428 5.63 -19.84 -16.50
N PHE C 429 4.40 -19.35 -16.68
CA PHE C 429 3.33 -19.68 -15.71
C PHE C 429 3.04 -21.19 -15.77
N ILE C 430 3.06 -21.79 -16.97
CA ILE C 430 2.77 -23.24 -17.14
C ILE C 430 3.80 -24.10 -16.39
N PHE C 431 5.08 -23.74 -16.44
CA PHE C 431 6.14 -24.60 -15.82
C PHE C 431 6.21 -24.33 -14.31
N GLN C 432 5.92 -23.11 -13.87
CA GLN C 432 5.87 -22.82 -12.41
C GLN C 432 4.76 -23.68 -11.79
N LYS C 433 3.63 -23.84 -12.47
CA LYS C 433 2.52 -24.68 -11.98
C LYS C 433 2.99 -26.13 -11.84
N MET C 434 3.78 -26.61 -12.80
CA MET C 434 4.26 -28.02 -12.78
C MET C 434 5.38 -28.22 -11.75
N GLY C 435 5.88 -27.15 -11.12
CA GLY C 435 6.92 -27.32 -10.13
C GLY C 435 8.34 -27.28 -10.63
N ILE C 436 8.58 -26.72 -11.81
CA ILE C 436 9.92 -26.65 -12.40
C ILE C 436 10.37 -25.20 -12.37
N PRO C 437 11.51 -24.85 -11.68
CA PRO C 437 12.06 -23.48 -11.71
C PRO C 437 12.15 -22.89 -13.12
N PHE C 438 11.69 -21.65 -13.27
CA PHE C 438 11.68 -21.00 -14.61
C PHE C 438 12.47 -19.69 -14.60
N ARG C 439 13.32 -19.48 -15.60
CA ARG C 439 14.04 -18.18 -15.74
C ARG C 439 13.61 -17.55 -17.06
N GLU C 440 13.26 -16.27 -17.07
CA GLU C 440 12.75 -15.69 -18.34
C GLU C 440 13.96 -15.20 -19.13
N MET C 441 14.31 -15.92 -20.19
CA MET C 441 15.48 -15.56 -21.05
C MET C 441 15.27 -14.22 -21.78
N HIS C 442 14.08 -13.95 -22.30
CA HIS C 442 13.90 -12.72 -23.11
C HIS C 442 14.11 -11.43 -22.29
N SER C 443 13.60 -11.37 -21.06
CA SER C 443 13.67 -10.12 -20.26
C SER C 443 14.62 -10.27 -19.07
N TRP C 444 15.37 -11.38 -19.01
CA TRP C 444 16.26 -11.69 -17.85
C TRP C 444 15.44 -11.63 -16.55
N ASP C 445 14.13 -11.86 -16.62
CA ASP C 445 13.24 -11.77 -15.42
C ASP C 445 13.40 -10.39 -14.77
N TYR C 446 13.43 -9.31 -15.57
CA TYR C 446 13.53 -7.92 -15.05
C TYR C 446 14.76 -7.82 -14.14
N SER C 447 15.94 -8.23 -14.64
CA SER C 447 17.18 -8.21 -13.82
C SER C 447 18.34 -7.56 -14.58
N GLY C 448 19.33 -7.05 -13.85
CA GLY C 448 20.48 -6.34 -14.45
C GLY C 448 21.46 -7.24 -15.20
N PRO C 449 22.29 -6.69 -16.11
CA PRO C 449 22.61 -7.31 -17.40
C PRO C 449 23.30 -8.68 -17.27
N TYR C 450 23.11 -9.56 -18.25
CA TYR C 450 23.83 -10.88 -18.24
C TYR C 450 25.12 -10.83 -19.05
N HIS C 451 25.45 -9.70 -19.68
CA HIS C 451 26.63 -9.63 -20.60
C HIS C 451 27.92 -9.26 -19.86
N GLY C 452 29.05 -9.81 -20.31
CA GLY C 452 30.36 -9.46 -19.72
C GLY C 452 30.67 -10.08 -18.37
N PHE C 453 31.78 -9.65 -17.77
CA PHE C 453 32.20 -10.17 -16.43
C PHE C 453 31.22 -9.68 -15.35
N ASP C 454 30.82 -8.41 -15.40
CA ASP C 454 29.85 -7.86 -14.43
C ASP C 454 28.52 -8.60 -14.58
N GLY C 455 28.12 -8.88 -15.83
CA GLY C 455 26.87 -9.61 -16.11
C GLY C 455 26.88 -11.02 -15.55
N PHE C 456 28.02 -11.71 -15.62
CA PHE C 456 28.10 -13.12 -15.20
C PHE C 456 27.77 -13.24 -13.70
N ALA C 457 28.22 -12.28 -12.90
CA ALA C 457 27.93 -12.29 -11.45
C ALA C 457 26.40 -12.31 -11.23
N ILE C 458 25.68 -11.39 -11.89
CA ILE C 458 24.19 -11.35 -11.78
C ILE C 458 23.59 -12.65 -12.31
N PHE C 459 24.11 -13.15 -13.43
CA PHE C 459 23.59 -14.40 -14.05
C PHE C 459 23.68 -15.53 -13.01
N ALA C 460 24.85 -15.73 -12.41
CA ALA C 460 25.04 -16.81 -11.45
C ALA C 460 24.12 -16.65 -10.24
N ARG C 461 24.02 -15.43 -9.73
CA ARG C 461 23.15 -15.20 -8.58
C ARG C 461 21.69 -15.50 -8.91
N ASP C 462 21.24 -15.11 -10.11
CA ASP C 462 19.86 -15.33 -10.50
C ASP C 462 19.56 -16.82 -10.68
N MET C 463 20.45 -17.54 -11.38
CA MET C 463 20.24 -18.97 -11.55
C MET C 463 20.22 -19.69 -10.21
N ASP C 464 21.13 -19.32 -9.32
CA ASP C 464 21.15 -19.96 -7.98
C ASP C 464 19.81 -19.71 -7.27
N MET C 465 19.37 -18.45 -7.19
CA MET C 465 18.16 -18.17 -6.37
C MET C 465 16.91 -18.89 -6.92
N THR C 466 16.64 -18.89 -8.23
CA THR C 466 15.44 -19.63 -8.71
C THR C 466 15.55 -21.15 -8.49
N LEU C 467 16.70 -21.74 -8.82
CA LEU C 467 16.86 -23.23 -8.71
C LEU C 467 16.75 -23.68 -7.26
N ASN C 468 17.36 -22.93 -6.34
CA ASN C 468 17.44 -23.38 -4.92
C ASN C 468 16.31 -22.79 -4.06
N ASN C 469 15.36 -22.06 -4.66
CA ASN C 469 14.33 -21.37 -3.83
C ASN C 469 13.51 -22.39 -3.04
N PRO C 470 13.22 -22.13 -1.74
CA PRO C 470 12.47 -23.07 -0.89
C PRO C 470 11.05 -23.42 -1.36
N CYS C 471 10.39 -22.55 -2.13
CA CYS C 471 8.98 -22.82 -2.52
C CYS C 471 8.84 -24.08 -3.39
N TRP C 472 9.77 -24.35 -4.31
CA TRP C 472 9.72 -25.57 -5.17
C TRP C 472 9.55 -26.87 -4.35
N LYS C 473 9.90 -26.87 -3.06
CA LYS C 473 9.74 -28.05 -2.22
C LYS C 473 8.37 -28.08 -1.53
N LYS C 474 7.42 -27.26 -1.98
CA LYS C 474 6.18 -27.06 -1.24
C LYS C 474 4.91 -27.24 -2.06
N LEU C 475 4.99 -27.68 -3.31
CA LEU C 475 3.78 -27.80 -4.11
C LEU C 475 2.92 -28.98 -3.68
N GLN C 476 3.51 -30.01 -3.07
CA GLN C 476 2.78 -31.17 -2.59
C GLN C 476 2.37 -30.92 -1.14
N ALA C 477 1.05 -30.84 -0.92
CA ALA C 477 0.51 -30.69 0.44
C ALA C 477 0.84 -31.93 1.27
N PRO C 478 1.15 -31.82 2.57
CA PRO C 478 1.57 -32.97 3.37
C PRO C 478 0.47 -34.04 3.48
N TRP C 479 -0.79 -33.63 3.64
CA TRP C 479 -1.91 -34.59 3.77
C TRP C 479 -2.04 -35.43 2.48
N GLU C 480 -1.89 -34.80 1.31
CA GLU C 480 -1.91 -35.57 0.03
C GLU C 480 -0.55 -36.23 -0.18
N SER D 2 32.89 -3.51 -12.29
CA SER D 2 33.35 -4.38 -11.22
C SER D 2 32.18 -4.83 -10.35
N GLN D 3 32.31 -6.02 -9.77
CA GLN D 3 31.29 -6.58 -8.88
C GLN D 3 31.96 -7.13 -7.64
N GLN D 4 31.30 -6.96 -6.50
CA GLN D 4 31.69 -7.59 -5.25
C GLN D 4 30.81 -8.82 -5.05
N VAL D 5 31.44 -10.00 -4.95
CA VAL D 5 30.69 -11.25 -4.98
C VAL D 5 29.73 -11.34 -3.80
N ASP D 6 30.06 -10.70 -2.67
CA ASP D 6 29.23 -10.79 -1.50
C ASP D 6 28.05 -9.82 -1.54
N LYS D 7 28.10 -8.85 -2.46
CA LYS D 7 27.01 -7.86 -2.64
C LYS D 7 26.88 -7.51 -4.13
N ILE D 8 26.41 -8.46 -4.95
CA ILE D 8 26.29 -8.26 -6.43
C ILE D 8 25.27 -7.14 -6.73
N LYS D 9 25.55 -6.30 -7.72
CA LYS D 9 24.65 -5.17 -8.05
C LYS D 9 23.96 -5.39 -9.41
N ALA D 10 22.66 -5.09 -9.49
CA ALA D 10 21.88 -5.19 -10.75
C ALA D 10 22.07 -3.89 -11.54
N SER D 11 21.33 -3.68 -12.63
CA SER D 11 21.61 -2.51 -13.50
C SER D 11 21.47 -1.26 -12.65
N TYR D 12 20.48 -1.19 -11.77
CA TYR D 12 20.44 -0.11 -10.76
C TYR D 12 20.91 -0.77 -9.46
N PRO D 13 22.01 -0.32 -8.81
CA PRO D 13 22.81 0.82 -9.30
C PRO D 13 24.23 0.53 -9.84
N LEU D 14 24.43 -0.56 -10.60
CA LEU D 14 25.76 -0.81 -11.23
C LEU D 14 26.11 0.34 -12.18
N PHE D 15 25.14 0.83 -12.95
CA PHE D 15 25.33 1.94 -13.93
C PHE D 15 25.73 3.23 -13.18
N LEU D 16 25.23 3.40 -11.94
CA LEU D 16 25.54 4.60 -11.10
C LEU D 16 27.05 4.67 -10.80
N ASP D 17 27.77 3.55 -10.85
CA ASP D 17 29.24 3.54 -10.55
C ASP D 17 29.97 4.45 -11.53
N GLN D 18 31.02 5.14 -11.06
CA GLN D 18 31.70 6.20 -11.88
C GLN D 18 32.30 5.67 -13.19
N ASP D 19 32.93 4.49 -13.21
CA ASP D 19 33.44 3.94 -14.50
C ASP D 19 32.32 3.96 -15.56
N TYR D 20 31.13 3.51 -15.20
CA TYR D 20 29.99 3.52 -16.13
C TYR D 20 29.53 4.94 -16.42
N LYS D 21 29.53 5.81 -15.41
CA LYS D 21 29.16 7.20 -15.63
C LYS D 21 30.12 7.87 -16.61
N ASP D 22 31.42 7.61 -16.45
CA ASP D 22 32.41 8.18 -17.37
C ASP D 22 32.23 7.63 -18.78
N MET D 23 31.99 6.32 -18.90
CA MET D 23 31.70 5.73 -20.21
C MET D 23 30.52 6.41 -20.88
N LEU D 24 29.41 6.55 -20.15
CA LEU D 24 28.20 7.12 -20.73
C LEU D 24 28.39 8.58 -21.11
N ALA D 25 29.10 9.34 -20.27
CA ALA D 25 29.40 10.73 -20.60
C ALA D 25 30.24 10.81 -21.88
N LYS D 26 31.23 9.94 -22.01
CA LYS D 26 32.06 9.94 -23.21
C LYS D 26 31.25 9.56 -24.44
N LYS D 27 30.37 8.56 -24.32
CA LYS D 27 29.54 8.15 -25.44
C LYS D 27 28.64 9.29 -25.90
N ARG D 28 27.97 9.94 -24.95
CA ARG D 28 27.08 11.06 -25.27
C ARG D 28 27.86 12.20 -25.91
N ASP D 29 29.00 12.57 -25.33
CA ASP D 29 29.76 13.71 -25.83
C ASP D 29 30.38 13.42 -27.19
N GLY D 30 30.68 12.17 -27.48
CA GLY D 30 31.39 11.84 -28.70
C GLY D 30 30.54 11.50 -29.91
N PHE D 31 29.43 10.78 -29.72
CA PHE D 31 28.74 10.26 -30.89
C PHE D 31 27.23 10.38 -30.91
N GLU D 32 26.59 10.95 -29.89
CA GLU D 32 25.14 11.04 -29.89
C GLU D 32 24.62 12.35 -30.48
N GLU D 33 25.47 13.36 -30.62
CA GLU D 33 25.07 14.69 -31.10
C GLU D 33 23.82 15.19 -30.37
N LYS D 34 23.86 15.06 -29.05
CA LYS D 34 22.70 15.36 -28.22
C LYS D 34 22.51 16.86 -28.07
N TYR D 35 21.25 17.27 -28.01
CA TYR D 35 20.92 18.66 -27.79
C TYR D 35 21.48 19.11 -26.45
N PRO D 36 21.93 20.36 -26.33
CA PRO D 36 22.43 20.85 -25.04
C PRO D 36 21.36 20.75 -23.96
N GLN D 37 21.81 20.48 -22.73
CA GLN D 37 20.89 20.26 -21.63
C GLN D 37 20.00 21.46 -21.35
N ASP D 38 20.50 22.68 -21.60
CA ASP D 38 19.67 23.86 -21.42
C ASP D 38 18.49 23.87 -22.38
N LYS D 39 18.71 23.49 -23.64
CA LYS D 39 17.61 23.39 -24.60
C LYS D 39 16.62 22.32 -24.20
N ILE D 40 17.12 21.18 -23.69
CA ILE D 40 16.24 20.12 -23.19
C ILE D 40 15.36 20.63 -22.06
N ASP D 41 15.98 21.31 -21.08
CA ASP D 41 15.22 21.84 -19.96
C ASP D 41 14.16 22.83 -20.41
N GLU D 42 14.53 23.71 -21.35
CA GLU D 42 13.59 24.70 -21.86
C GLU D 42 12.41 24.04 -22.55
N VAL D 43 12.68 23.02 -23.38
CA VAL D 43 11.59 22.35 -24.10
C VAL D 43 10.68 21.61 -23.12
N PHE D 44 11.26 20.97 -22.10
CA PHE D 44 10.43 20.29 -21.11
C PHE D 44 9.51 21.28 -20.38
N GLN D 45 10.09 22.40 -19.92
CA GLN D 45 9.31 23.42 -19.25
C GLN D 45 8.20 23.93 -20.16
N TRP D 46 8.50 24.07 -21.45
CA TRP D 46 7.48 24.46 -22.42
C TRP D 46 6.37 23.43 -22.50
N THR D 47 6.71 22.15 -22.49
CA THR D 47 5.69 21.11 -22.55
C THR D 47 4.84 21.04 -21.28
N THR D 48 5.24 21.69 -20.19
CA THR D 48 4.35 21.77 -19.03
C THR D 48 3.45 23.01 -18.99
N THR D 49 3.32 23.74 -20.10
CA THR D 49 2.60 25.02 -20.08
C THR D 49 1.22 24.89 -20.70
N LYS D 50 0.42 25.95 -20.50
CA LYS D 50 -0.93 26.01 -21.06
C LYS D 50 -0.93 26.17 -22.57
N GLU D 51 0.05 26.89 -23.13
CA GLU D 51 0.16 27.01 -24.58
C GLU D 51 0.41 25.66 -25.22
N TYR D 52 1.31 24.87 -24.62
CA TYR D 52 1.51 23.51 -25.10
C TYR D 52 0.24 22.70 -24.97
N GLN D 53 -0.53 22.92 -23.90
CA GLN D 53 -1.78 22.19 -23.73
C GLN D 53 -2.78 22.52 -24.84
N GLU D 54 -2.84 23.78 -25.24
CA GLU D 54 -3.72 24.16 -26.34
C GLU D 54 -3.31 23.47 -27.64
N LEU D 55 -2.01 23.51 -27.95
CA LEU D 55 -1.52 22.80 -29.13
C LEU D 55 -1.82 21.31 -29.03
N ASN D 56 -1.64 20.73 -27.84
CA ASN D 56 -1.84 19.31 -27.61
C ASN D 56 -3.30 18.92 -27.85
N PHE D 57 -4.23 19.72 -27.35
CA PHE D 57 -5.64 19.44 -27.51
C PHE D 57 -6.17 19.81 -28.90
N GLN D 58 -5.36 20.47 -29.72
CA GLN D 58 -5.72 20.64 -31.13
C GLN D 58 -5.40 19.43 -32.00
N ARG D 59 -4.86 18.35 -31.43
CA ARG D 59 -4.52 17.17 -32.21
C ARG D 59 -5.76 16.55 -32.85
N GLU D 60 -5.60 16.08 -34.09
CA GLU D 60 -6.66 15.42 -34.84
C GLU D 60 -6.25 14.06 -35.39
N ALA D 61 -5.01 13.90 -35.81
CA ALA D 61 -4.54 12.66 -36.43
C ALA D 61 -3.66 11.82 -35.51
N LEU D 62 -2.82 12.47 -34.70
CA LEU D 62 -1.85 11.76 -33.88
C LEU D 62 -2.44 11.38 -32.53
N THR D 63 -2.27 10.13 -32.15
CA THR D 63 -2.59 9.64 -30.82
C THR D 63 -1.30 9.25 -30.11
N VAL D 64 -1.14 9.72 -28.87
CA VAL D 64 0.07 9.47 -28.10
C VAL D 64 -0.32 8.81 -26.78
N ASN D 65 0.22 7.62 -26.53
CA ASN D 65 -0.01 6.88 -25.29
C ASN D 65 -1.50 6.63 -25.10
N PRO D 66 -2.12 5.79 -25.93
CA PRO D 66 -3.56 5.55 -25.81
C PRO D 66 -3.90 4.79 -24.53
N ALA D 67 -5.16 4.87 -24.15
CA ALA D 67 -5.65 4.18 -22.96
C ALA D 67 -6.73 3.16 -23.32
N LYS D 68 -6.45 2.33 -24.32
CA LYS D 68 -7.40 1.33 -24.77
C LYS D 68 -6.65 0.27 -25.56
N ALA D 69 -7.35 -0.82 -25.88
CA ALA D 69 -6.80 -1.90 -26.70
C ALA D 69 -7.76 -2.23 -27.84
N CYS D 70 -7.51 -3.32 -28.56
CA CYS D 70 -8.33 -3.69 -29.70
C CYS D 70 -9.26 -4.86 -29.37
N GLN D 71 -10.33 -4.98 -30.16
CA GLN D 71 -11.46 -5.88 -29.88
C GLN D 71 -11.07 -7.34 -29.60
N PRO D 72 -10.21 -7.99 -30.37
CA PRO D 72 -9.96 -9.43 -30.14
C PRO D 72 -9.43 -9.76 -28.76
N LEU D 73 -8.75 -8.84 -28.08
CA LEU D 73 -8.32 -9.09 -26.71
C LEU D 73 -9.53 -9.32 -25.79
N GLY D 74 -10.53 -8.44 -25.89
CA GLY D 74 -11.75 -8.64 -25.14
C GLY D 74 -12.50 -9.89 -25.57
N ALA D 75 -12.48 -10.20 -26.86
CA ALA D 75 -13.10 -11.44 -27.33
C ALA D 75 -12.45 -12.67 -26.69
N VAL D 76 -11.13 -12.67 -26.60
CA VAL D 76 -10.40 -13.79 -25.98
C VAL D 76 -10.75 -13.89 -24.51
N LEU D 77 -10.80 -12.76 -23.81
CA LEU D 77 -11.16 -12.80 -22.39
C LEU D 77 -12.57 -13.36 -22.20
N CYS D 78 -13.52 -12.96 -23.03
CA CYS D 78 -14.87 -13.50 -22.94
C CYS D 78 -14.88 -15.01 -23.20
N ALA D 79 -14.15 -15.45 -24.22
CA ALA D 79 -14.13 -16.88 -24.53
C ALA D 79 -13.54 -17.70 -23.38
N LEU D 80 -12.56 -17.14 -22.68
CA LEU D 80 -11.92 -17.85 -21.57
C LEU D 80 -12.90 -18.15 -20.43
N GLY D 81 -14.06 -17.49 -20.39
CA GLY D 81 -15.02 -17.68 -19.33
C GLY D 81 -15.96 -18.86 -19.48
N PHE D 82 -15.81 -19.69 -20.50
CA PHE D 82 -16.66 -20.84 -20.72
C PHE D 82 -15.86 -22.12 -20.56
N GLU D 83 -16.52 -23.18 -20.08
CA GLU D 83 -15.80 -24.39 -19.70
C GLU D 83 -15.16 -25.07 -20.91
N LYS D 84 -13.91 -25.49 -20.73
CA LYS D 84 -13.12 -26.21 -21.73
C LYS D 84 -13.27 -25.59 -23.12
N THR D 85 -13.05 -24.27 -23.17
CA THR D 85 -13.19 -23.51 -24.41
C THR D 85 -11.82 -22.99 -24.81
N MET D 86 -11.45 -23.21 -26.07
CA MET D 86 -10.22 -22.67 -26.60
C MET D 86 -10.53 -21.39 -27.35
N PRO D 87 -10.02 -20.18 -26.95
CA PRO D 87 -10.19 -18.99 -27.76
C PRO D 87 -9.39 -19.16 -29.07
N TYR D 88 -10.05 -19.02 -30.21
CA TYR D 88 -9.40 -19.16 -31.52
C TYR D 88 -9.45 -17.79 -32.18
N VAL D 89 -8.33 -17.24 -32.62
CA VAL D 89 -8.42 -15.94 -33.35
C VAL D 89 -8.04 -16.19 -34.80
N HIS D 90 -8.92 -15.85 -35.73
CA HIS D 90 -8.69 -16.17 -37.15
C HIS D 90 -7.92 -15.00 -37.74
N GLY D 91 -6.73 -15.24 -38.29
CA GLY D 91 -5.90 -14.13 -38.76
C GLY D 91 -4.42 -14.32 -38.44
N SER D 92 -3.65 -13.23 -38.46
CA SER D 92 -2.19 -13.28 -38.20
C SER D 92 -1.83 -13.70 -36.76
N GLN D 93 -0.78 -14.51 -36.60
CA GLN D 93 -0.38 -15.07 -35.28
C GLN D 93 0.27 -14.03 -34.36
N GLY D 94 0.76 -12.91 -34.90
CA GLY D 94 1.44 -11.90 -34.08
C GLY D 94 0.46 -11.34 -33.06
N CYS D 95 -0.79 -11.12 -33.47
CA CYS D 95 -1.84 -10.67 -32.53
C CYS D 95 -1.93 -11.62 -31.33
N VAL D 96 -2.01 -12.94 -31.56
CA VAL D 96 -2.20 -13.88 -30.46
C VAL D 96 -1.00 -13.85 -29.52
N ALA D 97 0.21 -13.74 -30.08
CA ALA D 97 1.39 -13.61 -29.21
C ALA D 97 1.25 -12.40 -28.29
N TYR D 98 0.81 -11.26 -28.85
CA TYR D 98 0.67 -10.06 -28.04
C TYR D 98 -0.44 -10.20 -27.00
N PHE D 99 -1.60 -10.74 -27.39
CA PHE D 99 -2.70 -10.90 -26.43
C PHE D 99 -2.27 -11.78 -25.27
N ARG D 100 -1.64 -12.91 -25.57
CA ARG D 100 -1.21 -13.83 -24.52
C ARG D 100 -0.18 -13.19 -23.61
N SER D 101 0.79 -12.48 -24.18
CA SER D 101 1.81 -11.77 -23.36
C SER D 101 1.14 -10.73 -22.45
N TYR D 102 0.26 -9.89 -23.02
CA TYR D 102 -0.44 -8.82 -22.26
C TYR D 102 -1.17 -9.42 -21.05
N PHE D 103 -2.05 -10.40 -21.30
CA PHE D 103 -2.84 -11.02 -20.21
C PHE D 103 -1.91 -11.73 -19.22
N ASN D 104 -0.85 -12.39 -19.73
CA ASN D 104 0.02 -13.18 -18.82
C ASN D 104 0.67 -12.24 -17.80
N ARG D 105 1.14 -11.08 -18.24
CA ARG D 105 1.79 -10.12 -17.31
C ARG D 105 0.79 -9.62 -16.26
N HIS D 106 -0.43 -9.27 -16.67
CA HIS D 106 -1.42 -8.72 -15.69
C HIS D 106 -1.85 -9.73 -14.62
N PHE D 107 -2.15 -10.98 -15.01
CA PHE D 107 -2.66 -11.96 -14.01
C PHE D 107 -1.55 -12.86 -13.44
N ARG D 108 -0.35 -12.82 -14.02
CA ARG D 108 0.74 -13.74 -13.58
C ARG D 108 0.25 -15.19 -13.70
N GLU D 109 -0.51 -15.51 -14.76
CA GLU D 109 -1.10 -16.87 -14.92
C GLU D 109 -1.02 -17.32 -16.38
N PRO D 110 -1.06 -18.64 -16.68
CA PRO D 110 -1.03 -19.13 -18.07
C PRO D 110 -2.30 -18.74 -18.84
N VAL D 111 -2.14 -18.26 -20.07
CA VAL D 111 -3.29 -17.83 -20.91
C VAL D 111 -3.26 -18.67 -22.20
N SER D 112 -4.32 -19.41 -22.48
CA SER D 112 -4.25 -20.32 -23.64
C SER D 112 -5.10 -19.75 -24.78
N CYS D 113 -4.48 -19.49 -25.93
CA CYS D 113 -5.22 -19.02 -27.12
C CYS D 113 -4.53 -19.59 -28.36
N VAL D 114 -5.27 -19.80 -29.46
CA VAL D 114 -4.63 -20.32 -30.71
C VAL D 114 -4.90 -19.39 -31.90
N SER D 115 -4.04 -19.48 -32.92
CA SER D 115 -4.19 -18.74 -34.16
C SER D 115 -4.14 -19.71 -35.32
N ASP D 116 -4.72 -19.32 -36.46
CA ASP D 116 -4.58 -20.14 -37.67
C ASP D 116 -3.49 -19.63 -38.60
N SER D 117 -2.75 -18.61 -38.18
CA SER D 117 -1.48 -18.21 -38.81
C SER D 117 -1.65 -17.88 -40.29
N MET D 118 -2.50 -16.92 -40.58
CA MET D 118 -2.70 -16.49 -41.96
C MET D 118 -1.53 -15.64 -42.44
N THR D 119 -1.07 -15.91 -43.66
CA THR D 119 0.06 -15.24 -44.27
C THR D 119 -0.40 -14.52 -45.53
N GLU D 120 0.57 -14.03 -46.32
CA GLU D 120 0.25 -13.19 -47.47
C GLU D 120 -0.54 -13.95 -48.52
N ASP D 121 -0.24 -15.25 -48.69
CA ASP D 121 -1.04 -16.08 -49.59
C ASP D 121 -2.51 -16.05 -49.20
N ALA D 122 -2.80 -16.12 -47.89
CA ALA D 122 -4.17 -15.97 -47.42
C ALA D 122 -4.70 -14.57 -47.67
N ALA D 123 -3.84 -13.56 -47.56
CA ALA D 123 -4.26 -12.20 -47.90
C ALA D 123 -4.70 -12.10 -49.34
N VAL D 124 -4.22 -13.01 -50.20
CA VAL D 124 -4.63 -13.03 -51.60
C VAL D 124 -5.87 -13.89 -51.80
N PHE D 125 -5.87 -15.14 -51.29
CA PHE D 125 -6.97 -16.09 -51.60
C PHE D 125 -7.91 -16.38 -50.42
N GLY D 126 -7.83 -15.62 -49.32
CA GLY D 126 -8.68 -15.84 -48.13
C GLY D 126 -8.12 -16.84 -47.13
N GLY D 127 -8.78 -17.02 -45.98
CA GLY D 127 -8.26 -17.87 -44.89
C GLY D 127 -8.94 -19.23 -44.73
N GLN D 128 -9.75 -19.68 -45.69
CA GLN D 128 -10.56 -20.91 -45.49
C GLN D 128 -9.68 -22.16 -45.26
N GLN D 129 -8.57 -22.32 -45.98
CA GLN D 129 -7.70 -23.50 -45.71
C GLN D 129 -7.12 -23.40 -44.29
N ASN D 130 -6.72 -22.21 -43.85
CA ASN D 130 -6.20 -22.03 -42.47
C ASN D 130 -7.30 -22.38 -41.45
N MET D 131 -8.55 -21.98 -41.74
CA MET D 131 -9.69 -22.30 -40.84
C MET D 131 -9.82 -23.82 -40.70
N LYS D 132 -9.95 -24.55 -41.82
CA LYS D 132 -10.16 -25.99 -41.75
C LYS D 132 -9.03 -26.69 -40.98
N ASP D 133 -7.78 -26.45 -41.40
CA ASP D 133 -6.67 -27.14 -40.75
C ASP D 133 -6.52 -26.71 -39.31
N GLY D 134 -6.74 -25.43 -39.01
CA GLY D 134 -6.59 -24.96 -37.65
C GLY D 134 -7.61 -25.56 -36.70
N LEU D 135 -8.87 -25.62 -37.13
CA LEU D 135 -9.90 -26.23 -36.29
C LEU D 135 -9.59 -27.70 -36.04
N GLN D 136 -9.23 -28.43 -37.11
CA GLN D 136 -8.87 -29.84 -36.93
C GLN D 136 -7.71 -29.99 -35.95
N ASN D 137 -6.65 -29.21 -36.15
CA ASN D 137 -5.44 -29.33 -35.33
C ASN D 137 -5.73 -29.00 -33.88
N CYS D 138 -6.46 -27.91 -33.63
CA CYS D 138 -6.74 -27.50 -32.27
C CYS D 138 -7.58 -28.54 -31.55
N LYS D 139 -8.62 -29.05 -32.20
CA LYS D 139 -9.46 -30.06 -31.56
C LYS D 139 -8.67 -31.33 -31.27
N ALA D 140 -7.80 -31.74 -32.21
CA ALA D 140 -7.01 -32.95 -31.98
C ALA D 140 -6.01 -32.77 -30.85
N THR D 141 -5.36 -31.61 -30.77
CA THR D 141 -4.21 -31.44 -29.89
C THR D 141 -4.62 -31.05 -28.47
N TYR D 142 -5.47 -30.02 -28.34
CA TYR D 142 -5.79 -29.51 -27.02
C TYR D 142 -7.13 -29.98 -26.49
N LYS D 143 -7.90 -30.70 -27.30
CA LYS D 143 -9.14 -31.34 -26.88
C LYS D 143 -10.09 -30.39 -26.12
N PRO D 144 -10.58 -29.33 -26.77
CA PRO D 144 -11.61 -28.51 -26.14
C PRO D 144 -13.00 -29.08 -26.37
N ASP D 145 -13.92 -28.69 -25.49
CA ASP D 145 -15.34 -28.97 -25.70
C ASP D 145 -15.98 -27.96 -26.64
N MET D 146 -15.40 -26.78 -26.77
CA MET D 146 -15.93 -25.72 -27.61
C MET D 146 -14.78 -24.88 -28.12
N ILE D 147 -14.95 -24.32 -29.32
CA ILE D 147 -13.95 -23.44 -29.93
C ILE D 147 -14.67 -22.13 -30.30
N ALA D 148 -14.23 -21.03 -29.72
CA ALA D 148 -14.82 -19.71 -29.94
C ALA D 148 -13.90 -18.90 -30.84
N VAL D 149 -14.42 -18.47 -31.99
CA VAL D 149 -13.61 -17.90 -33.06
C VAL D 149 -13.82 -16.40 -33.10
N SER D 150 -12.71 -15.65 -33.02
CA SER D 150 -12.75 -14.16 -33.14
C SER D 150 -11.91 -13.77 -34.36
N THR D 151 -11.87 -12.48 -34.73
CA THR D 151 -11.16 -12.11 -35.99
C THR D 151 -10.08 -11.04 -35.81
N THR D 152 -8.88 -11.25 -36.37
CA THR D 152 -7.82 -10.20 -36.39
C THR D 152 -8.17 -9.16 -37.45
N CYS D 153 -7.53 -7.99 -37.42
CA CYS D 153 -7.86 -6.88 -38.38
C CYS D 153 -7.62 -7.35 -39.81
N MET D 154 -6.56 -8.12 -40.06
CA MET D 154 -6.23 -8.54 -41.44
C MET D 154 -7.39 -9.38 -42.01
N ALA D 155 -7.96 -10.28 -41.21
CA ALA D 155 -9.13 -11.09 -41.66
C ALA D 155 -10.33 -10.18 -41.96
N GLU D 156 -10.56 -9.18 -41.10
CA GLU D 156 -11.68 -8.23 -41.31
C GLU D 156 -11.48 -7.42 -42.61
N VAL D 157 -10.26 -6.96 -42.88
CA VAL D 157 -9.96 -6.15 -44.10
C VAL D 157 -10.20 -7.01 -45.35
N ILE D 158 -9.76 -8.27 -45.33
CA ILE D 158 -9.89 -9.14 -46.55
C ILE D 158 -11.32 -9.69 -46.61
N GLY D 159 -12.13 -9.46 -45.57
CA GLY D 159 -13.51 -9.88 -45.62
C GLY D 159 -13.77 -11.37 -45.56
N ASP D 160 -13.05 -12.09 -44.71
CA ASP D 160 -13.30 -13.51 -44.54
C ASP D 160 -14.67 -13.75 -43.90
N ASP D 161 -15.43 -14.68 -44.49
CA ASP D 161 -16.77 -15.01 -44.01
C ASP D 161 -16.65 -16.17 -43.03
N LEU D 162 -16.74 -15.86 -41.73
CA LEU D 162 -16.52 -16.87 -40.71
C LEU D 162 -17.56 -17.98 -40.78
N ASN D 163 -18.84 -17.61 -40.91
CA ASN D 163 -19.91 -18.59 -40.92
C ASN D 163 -19.72 -19.59 -42.06
N ALA D 164 -19.44 -19.10 -43.25
CA ALA D 164 -19.22 -19.98 -44.39
C ALA D 164 -18.00 -20.88 -44.17
N PHE D 165 -16.92 -20.31 -43.62
CA PHE D 165 -15.71 -21.09 -43.41
C PHE D 165 -15.95 -22.24 -42.44
N ILE D 166 -16.61 -21.94 -41.32
CA ILE D 166 -16.86 -22.96 -40.30
C ILE D 166 -17.83 -24.00 -40.82
N ASN D 167 -18.86 -23.57 -41.55
CA ASN D 167 -19.78 -24.54 -42.13
C ASN D 167 -19.08 -25.45 -43.13
N ASN D 168 -18.21 -24.89 -43.98
CA ASN D 168 -17.46 -25.71 -44.93
C ASN D 168 -16.54 -26.69 -44.21
N SER D 169 -15.94 -26.25 -43.09
CA SER D 169 -15.13 -27.17 -42.30
C SER D 169 -15.96 -28.32 -41.76
N LYS D 170 -17.21 -28.04 -41.37
CA LYS D 170 -18.07 -29.10 -40.84
C LYS D 170 -18.56 -30.04 -41.94
N LYS D 171 -18.85 -29.51 -43.13
CA LYS D 171 -19.38 -30.34 -44.21
C LYS D 171 -18.31 -31.13 -44.95
N GLU D 172 -17.03 -30.89 -44.66
CA GLU D 172 -15.95 -31.65 -45.26
C GLU D 172 -15.21 -32.51 -44.24
N GLY D 173 -15.78 -32.71 -43.06
CA GLY D 173 -15.23 -33.62 -42.07
C GLY D 173 -13.95 -33.17 -41.39
N PHE D 174 -13.67 -31.86 -41.35
CA PHE D 174 -12.53 -31.42 -40.56
C PHE D 174 -12.87 -31.42 -39.08
N ILE D 175 -14.11 -31.08 -38.74
CA ILE D 175 -14.63 -31.19 -37.37
C ILE D 175 -16.03 -31.76 -37.42
N PRO D 176 -16.46 -32.41 -36.34
CA PRO D 176 -17.81 -32.99 -36.32
C PRO D 176 -18.89 -31.92 -36.41
N ASP D 177 -20.03 -32.29 -37.00
CA ASP D 177 -21.11 -31.33 -37.18
C ASP D 177 -21.72 -30.92 -35.85
N GLU D 178 -21.64 -31.78 -34.83
CA GLU D 178 -22.20 -31.44 -33.52
C GLU D 178 -21.27 -30.55 -32.70
N PHE D 179 -20.02 -30.39 -33.10
CA PHE D 179 -19.06 -29.66 -32.28
C PHE D 179 -19.38 -28.16 -32.27
N PRO D 180 -19.54 -27.54 -31.10
CA PRO D 180 -19.95 -26.13 -31.05
C PRO D 180 -18.80 -25.20 -31.41
N VAL D 181 -19.01 -24.39 -32.45
CA VAL D 181 -18.04 -23.40 -32.89
C VAL D 181 -18.72 -22.04 -33.02
N PRO D 182 -19.00 -21.35 -31.92
CA PRO D 182 -19.50 -19.97 -32.03
C PRO D 182 -18.42 -19.03 -32.51
N PHE D 183 -18.84 -17.94 -33.15
CA PHE D 183 -17.92 -17.01 -33.77
C PHE D 183 -18.44 -15.59 -33.63
N ALA D 184 -17.53 -14.62 -33.77
CA ALA D 184 -17.90 -13.22 -33.78
C ALA D 184 -16.89 -12.44 -34.60
N HIS D 185 -17.37 -11.43 -35.31
CA HIS D 185 -16.49 -10.49 -36.01
C HIS D 185 -16.03 -9.41 -35.03
N THR D 186 -14.72 -9.26 -34.89
CA THR D 186 -14.14 -8.36 -33.90
C THR D 186 -13.11 -7.45 -34.56
N PRO D 187 -13.52 -6.38 -35.32
CA PRO D 187 -12.55 -5.51 -36.00
C PRO D 187 -11.78 -4.60 -35.03
N SER D 188 -10.46 -4.57 -35.14
CA SER D 188 -9.59 -3.75 -34.26
C SER D 188 -9.90 -2.26 -34.45
N PHE D 189 -10.18 -1.83 -35.68
CA PHE D 189 -10.40 -0.39 -35.96
C PHE D 189 -11.62 0.12 -35.17
N VAL D 190 -12.69 -0.66 -35.08
CA VAL D 190 -13.95 -0.20 -34.40
C VAL D 190 -13.92 -0.45 -32.89
N GLY D 191 -14.37 0.52 -32.07
CA GLY D 191 -14.48 0.37 -30.63
C GLY D 191 -13.14 0.06 -29.99
N SER D 192 -13.16 -0.87 -29.04
CA SER D 192 -12.00 -1.25 -28.26
C SER D 192 -12.20 -2.67 -27.75
N HIS D 193 -11.39 -3.08 -26.77
CA HIS D 193 -11.44 -4.45 -26.25
C HIS D 193 -12.79 -4.78 -25.62
N VAL D 194 -13.44 -3.82 -24.95
CA VAL D 194 -14.75 -4.09 -24.36
C VAL D 194 -15.78 -4.36 -25.46
N THR D 195 -15.66 -3.68 -26.59
CA THR D 195 -16.53 -3.98 -27.73
C THR D 195 -16.31 -5.42 -28.20
N GLY D 196 -15.07 -5.89 -28.19
CA GLY D 196 -14.79 -7.26 -28.56
C GLY D 196 -15.41 -8.25 -27.59
N TRP D 197 -15.37 -7.94 -26.29
CA TRP D 197 -16.02 -8.79 -25.30
C TRP D 197 -17.52 -8.88 -25.59
N ASP D 198 -18.15 -7.74 -25.86
CA ASP D 198 -19.58 -7.71 -26.15
C ASP D 198 -19.91 -8.53 -27.40
N ASN D 199 -19.13 -8.36 -28.47
CA ASN D 199 -19.36 -9.11 -29.70
C ASN D 199 -19.20 -10.61 -29.49
N MET D 200 -18.14 -11.03 -28.79
CA MET D 200 -17.93 -12.45 -28.56
C MET D 200 -19.06 -13.06 -27.74
N PHE D 201 -19.47 -12.37 -26.67
CA PHE D 201 -20.55 -12.89 -25.85
C PHE D 201 -21.84 -13.02 -26.65
N GLU D 202 -22.16 -12.00 -27.46
CA GLU D 202 -23.38 -12.06 -28.24
C GLU D 202 -23.32 -13.19 -29.25
N GLY D 203 -22.15 -13.43 -29.85
CA GLY D 203 -22.00 -14.56 -30.76
C GLY D 203 -22.25 -15.89 -30.08
N ILE D 204 -21.68 -16.08 -28.88
CA ILE D 204 -21.86 -17.33 -28.15
C ILE D 204 -23.33 -17.52 -27.76
N ALA D 205 -23.95 -16.47 -27.23
CA ALA D 205 -25.35 -16.57 -26.79
C ALA D 205 -26.26 -16.87 -27.98
N ARG D 206 -26.04 -16.19 -29.10
CA ARG D 206 -26.81 -16.46 -30.30
C ARG D 206 -26.62 -17.89 -30.76
N TYR D 207 -25.38 -18.37 -30.79
CA TYR D 207 -25.09 -19.73 -31.23
C TYR D 207 -25.84 -20.75 -30.40
N PHE D 208 -25.92 -20.53 -29.09
CA PHE D 208 -26.56 -21.54 -28.25
C PHE D 208 -28.06 -21.37 -28.06
N THR D 209 -28.64 -20.21 -28.41
CA THR D 209 -30.05 -20.01 -28.11
C THR D 209 -30.95 -19.64 -29.29
N LEU D 210 -30.40 -19.15 -30.40
CA LEU D 210 -31.24 -18.53 -31.42
C LEU D 210 -32.22 -19.52 -32.04
N LYS D 211 -31.77 -20.75 -32.29
CA LYS D 211 -32.55 -21.73 -33.03
C LYS D 211 -33.38 -22.66 -32.14
N SER D 212 -33.44 -22.39 -30.83
CA SER D 212 -34.12 -23.29 -29.90
C SER D 212 -35.04 -22.53 -28.95
N MET D 213 -35.55 -21.38 -29.39
CA MET D 213 -36.38 -20.52 -28.53
C MET D 213 -37.80 -21.03 -28.35
N ASP D 214 -38.22 -22.03 -29.13
CA ASP D 214 -39.63 -22.44 -29.14
C ASP D 214 -40.09 -22.94 -27.78
N ASP D 215 -39.26 -23.73 -27.11
CA ASP D 215 -39.63 -24.38 -25.85
C ASP D 215 -39.26 -23.56 -24.63
N LYS D 216 -38.80 -22.32 -24.80
CA LYS D 216 -38.30 -21.52 -23.70
C LYS D 216 -39.43 -20.71 -23.07
N VAL D 217 -39.54 -20.80 -21.75
CA VAL D 217 -40.51 -20.03 -20.97
C VAL D 217 -39.75 -19.17 -19.99
N VAL D 218 -40.01 -17.86 -20.01
CA VAL D 218 -39.29 -16.94 -19.15
C VAL D 218 -39.63 -17.21 -17.68
N GLY D 219 -38.58 -17.35 -16.87
CA GLY D 219 -38.74 -17.50 -15.43
C GLY D 219 -38.94 -18.92 -14.94
N SER D 220 -38.83 -19.92 -15.81
CA SER D 220 -39.18 -21.28 -15.42
C SER D 220 -38.09 -21.94 -14.58
N ASN D 221 -36.84 -21.52 -14.70
CA ASN D 221 -35.78 -22.16 -13.91
C ASN D 221 -35.48 -21.41 -12.61
N LYS D 222 -36.21 -20.34 -12.31
CA LYS D 222 -36.10 -19.59 -11.05
C LYS D 222 -34.69 -19.07 -10.79
N LYS D 223 -33.98 -18.64 -11.83
CA LYS D 223 -32.66 -18.05 -11.69
C LYS D 223 -32.60 -16.69 -12.36
N ILE D 224 -31.53 -15.97 -12.08
CA ILE D 224 -31.21 -14.70 -12.73
C ILE D 224 -29.88 -14.86 -13.44
N ASN D 225 -29.83 -14.50 -14.72
CA ASN D 225 -28.57 -14.46 -15.44
C ASN D 225 -27.79 -13.20 -15.08
N ILE D 226 -26.48 -13.35 -14.92
CA ILE D 226 -25.58 -12.24 -14.64
C ILE D 226 -24.49 -12.23 -15.72
N VAL D 227 -24.37 -11.12 -16.44
CA VAL D 227 -23.33 -10.95 -17.45
C VAL D 227 -22.31 -9.96 -16.89
N PRO D 228 -21.00 -10.34 -16.66
CA PRO D 228 -20.05 -9.41 -16.04
C PRO D 228 -19.36 -8.39 -16.95
N GLY D 229 -19.36 -8.60 -18.27
CA GLY D 229 -18.61 -7.70 -19.16
C GLY D 229 -17.11 -7.98 -19.05
N PHE D 230 -16.27 -7.04 -19.47
CA PHE D 230 -14.82 -7.30 -19.45
C PHE D 230 -14.36 -6.96 -18.04
N GLU D 231 -13.98 -7.99 -17.26
CA GLU D 231 -13.56 -7.77 -15.86
C GLU D 231 -12.18 -8.40 -15.63
N THR D 232 -11.24 -7.62 -15.11
CA THR D 232 -9.87 -8.12 -14.84
C THR D 232 -9.63 -8.32 -13.33
N TYR D 233 -10.67 -8.20 -12.50
CA TYR D 233 -10.47 -8.48 -11.05
C TYR D 233 -11.19 -9.77 -10.68
N LEU D 234 -10.46 -10.72 -10.09
CA LEU D 234 -11.06 -12.01 -9.67
C LEU D 234 -12.08 -11.72 -8.57
N GLY D 235 -11.74 -10.79 -7.67
CA GLY D 235 -12.60 -10.49 -6.54
C GLY D 235 -13.98 -10.02 -6.94
N ASN D 236 -14.12 -9.43 -8.13
CA ASN D 236 -15.43 -8.97 -8.58
C ASN D 236 -16.37 -10.14 -8.86
N PHE D 237 -15.89 -11.13 -9.61
CA PHE D 237 -16.66 -12.35 -9.80
C PHE D 237 -17.00 -12.99 -8.46
N ARG D 238 -16.00 -13.07 -7.58
CA ARG D 238 -16.20 -13.78 -6.31
C ARG D 238 -17.21 -13.05 -5.43
N VAL D 239 -17.17 -11.72 -5.37
CA VAL D 239 -18.09 -10.98 -4.52
C VAL D 239 -19.51 -11.02 -5.09
N ILE D 240 -19.65 -10.99 -6.42
CA ILE D 240 -21.01 -11.13 -6.98
C ILE D 240 -21.60 -12.49 -6.60
N LYS D 241 -20.81 -13.56 -6.77
CA LYS D 241 -21.29 -14.88 -6.40
C LYS D 241 -21.63 -14.96 -4.92
N ARG D 242 -20.76 -14.41 -4.06
CA ARG D 242 -20.98 -14.47 -2.62
C ARG D 242 -22.24 -13.72 -2.22
N MET D 243 -22.45 -12.52 -2.75
CA MET D 243 -23.63 -11.74 -2.37
C MET D 243 -24.90 -12.40 -2.86
N LEU D 244 -24.90 -12.94 -4.09
CA LEU D 244 -26.09 -13.63 -4.56
C LEU D 244 -26.39 -14.88 -3.74
N SER D 245 -25.35 -15.63 -3.36
CA SER D 245 -25.57 -16.81 -2.53
C SER D 245 -26.05 -16.44 -1.13
N GLU D 246 -25.59 -15.31 -0.61
CA GLU D 246 -26.01 -14.87 0.72
C GLU D 246 -27.50 -14.54 0.74
N MET D 247 -28.01 -13.94 -0.33
CA MET D 247 -29.43 -13.65 -0.44
C MET D 247 -30.26 -14.90 -0.70
N GLY D 248 -29.62 -16.03 -0.99
CA GLY D 248 -30.35 -17.22 -1.38
C GLY D 248 -31.02 -17.09 -2.74
N VAL D 249 -30.34 -16.45 -3.68
CA VAL D 249 -30.89 -16.17 -5.00
C VAL D 249 -30.23 -17.12 -6.00
N GLY D 250 -31.04 -17.90 -6.70
CA GLY D 250 -30.52 -18.71 -7.79
C GLY D 250 -29.99 -17.82 -8.90
N TYR D 251 -28.78 -18.13 -9.36
CA TYR D 251 -28.13 -17.30 -10.37
C TYR D 251 -27.35 -18.18 -11.33
N SER D 252 -27.12 -17.63 -12.53
CA SER D 252 -26.30 -18.35 -13.54
C SER D 252 -25.30 -17.33 -14.10
N LEU D 253 -24.09 -17.29 -13.54
CA LEU D 253 -23.03 -16.38 -14.07
C LEU D 253 -22.68 -16.84 -15.48
N LEU D 254 -22.46 -15.89 -16.39
CA LEU D 254 -22.16 -16.25 -17.81
C LEU D 254 -20.78 -15.69 -18.15
N SER D 255 -19.94 -16.45 -18.87
CA SER D 255 -18.55 -16.02 -19.18
C SER D 255 -17.72 -15.74 -17.89
N ASP D 256 -17.79 -16.62 -16.89
CA ASP D 256 -16.93 -16.42 -15.68
C ASP D 256 -15.61 -17.19 -15.82
N PRO D 257 -14.44 -16.49 -15.87
CA PRO D 257 -13.12 -17.14 -15.93
C PRO D 257 -12.34 -17.24 -14.60
N GLU D 258 -12.95 -16.87 -13.47
CA GLU D 258 -12.21 -16.80 -12.17
C GLU D 258 -11.37 -18.07 -11.91
N GLU D 259 -11.87 -19.28 -12.22
CA GLU D 259 -11.10 -20.48 -11.88
C GLU D 259 -9.89 -20.64 -12.79
N VAL D 260 -10.07 -20.47 -14.10
CA VAL D 260 -8.98 -20.73 -15.03
C VAL D 260 -7.87 -19.68 -14.93
N LEU D 261 -8.18 -18.49 -14.41
CA LEU D 261 -7.17 -17.47 -14.17
C LEU D 261 -6.62 -17.51 -12.74
N ASP D 262 -7.01 -18.49 -11.93
CA ASP D 262 -6.51 -18.62 -10.56
C ASP D 262 -6.27 -20.08 -10.20
N THR D 263 -5.67 -20.83 -11.12
CA THR D 263 -5.43 -22.23 -10.80
C THR D 263 -4.28 -22.38 -9.80
N PRO D 264 -4.34 -23.38 -8.93
CA PRO D 264 -3.28 -23.57 -7.94
C PRO D 264 -2.01 -24.14 -8.56
N ALA D 265 -0.91 -24.00 -7.83
CA ALA D 265 0.38 -24.55 -8.22
C ALA D 265 0.64 -25.80 -7.39
N ASP D 266 0.19 -26.95 -7.90
CA ASP D 266 0.29 -28.21 -7.17
C ASP D 266 1.08 -29.26 -7.93
N GLY D 267 1.88 -28.85 -8.90
CA GLY D 267 2.69 -29.79 -9.65
C GLY D 267 2.08 -30.28 -10.95
N GLN D 268 0.91 -29.77 -11.34
CA GLN D 268 0.33 -30.11 -12.63
C GLN D 268 -0.25 -28.86 -13.28
N PHE D 269 -0.17 -28.81 -14.60
CA PHE D 269 -0.70 -27.68 -15.36
C PHE D 269 -2.10 -28.02 -15.85
N ARG D 270 -3.06 -27.17 -15.49
CA ARG D 270 -4.45 -27.33 -15.91
C ARG D 270 -4.74 -26.26 -16.95
N MET D 271 -4.90 -26.67 -18.22
CA MET D 271 -5.22 -25.72 -19.26
C MET D 271 -6.65 -25.19 -19.12
N TYR D 272 -7.58 -26.01 -18.65
CA TYR D 272 -8.95 -25.59 -18.42
C TYR D 272 -9.35 -25.77 -16.95
N ALA D 273 -10.23 -24.89 -16.49
CA ALA D 273 -10.80 -24.97 -15.15
C ALA D 273 -12.06 -24.11 -15.04
N GLY D 274 -13.14 -24.68 -14.50
CA GLY D 274 -14.37 -23.94 -14.28
C GLY D 274 -15.01 -23.47 -15.56
N GLY D 275 -15.65 -22.31 -15.48
CA GLY D 275 -16.27 -21.68 -16.64
C GLY D 275 -17.74 -22.01 -16.77
N THR D 276 -18.46 -21.12 -17.46
CA THR D 276 -19.86 -21.35 -17.76
C THR D 276 -20.02 -22.58 -18.65
N THR D 277 -20.92 -23.47 -18.27
CA THR D 277 -21.17 -24.69 -19.03
C THR D 277 -22.10 -24.41 -20.21
N GLN D 278 -22.06 -25.31 -21.20
CA GLN D 278 -22.95 -25.18 -22.35
C GLN D 278 -24.41 -25.38 -21.95
N GLU D 279 -24.67 -26.21 -20.94
CA GLU D 279 -26.03 -26.38 -20.45
C GLU D 279 -26.58 -25.10 -19.84
N GLU D 280 -25.75 -24.37 -19.09
CA GLU D 280 -26.16 -23.09 -18.53
C GLU D 280 -26.54 -22.10 -19.62
N MET D 281 -25.71 -22.01 -20.67
CA MET D 281 -26.02 -21.10 -21.76
C MET D 281 -27.28 -21.52 -22.49
N LYS D 282 -27.47 -22.83 -22.68
CA LYS D 282 -28.68 -23.31 -23.35
C LYS D 282 -29.93 -23.01 -22.54
N ASP D 283 -29.84 -23.08 -21.21
CA ASP D 283 -31.00 -22.87 -20.35
C ASP D 283 -31.16 -21.41 -19.92
N ALA D 284 -30.23 -20.54 -20.31
CA ALA D 284 -30.32 -19.11 -19.96
C ALA D 284 -31.64 -18.42 -20.33
N PRO D 285 -32.26 -18.67 -21.50
CA PRO D 285 -33.54 -18.01 -21.78
C PRO D 285 -34.68 -18.39 -20.83
N ASN D 286 -34.52 -19.42 -20.01
CA ASN D 286 -35.52 -19.81 -19.03
C ASN D 286 -35.38 -19.09 -17.70
N ALA D 287 -34.43 -18.17 -17.57
CA ALA D 287 -34.23 -17.44 -16.34
C ALA D 287 -35.33 -16.39 -16.15
N LEU D 288 -35.45 -15.90 -14.91
CA LEU D 288 -36.42 -14.86 -14.60
C LEU D 288 -36.11 -13.58 -15.37
N ASN D 289 -34.84 -13.24 -15.49
CA ASN D 289 -34.37 -11.98 -16.06
C ASN D 289 -32.86 -12.07 -16.20
N THR D 290 -32.26 -11.06 -16.83
CA THR D 290 -30.83 -10.99 -17.03
C THR D 290 -30.33 -9.62 -16.56
N VAL D 291 -29.27 -9.62 -15.76
CA VAL D 291 -28.63 -8.39 -15.27
C VAL D 291 -27.30 -8.24 -15.98
N LEU D 292 -27.05 -7.04 -16.52
CA LEU D 292 -25.78 -6.68 -17.11
C LEU D 292 -25.02 -5.79 -16.14
N LEU D 293 -23.87 -6.28 -15.66
CA LEU D 293 -23.14 -5.55 -14.63
C LEU D 293 -22.47 -4.29 -15.18
N GLN D 294 -22.10 -4.28 -16.46
CA GLN D 294 -21.42 -3.15 -17.09
C GLN D 294 -22.17 -2.78 -18.36
N PRO D 295 -23.33 -2.13 -18.21
CA PRO D 295 -24.23 -1.92 -19.37
C PRO D 295 -23.64 -1.07 -20.48
N TRP D 296 -22.67 -0.21 -20.20
CA TRP D 296 -22.20 0.72 -21.22
C TRP D 296 -21.33 0.08 -22.28
N HIS D 297 -20.86 -1.15 -22.10
CA HIS D 297 -20.23 -1.87 -23.21
C HIS D 297 -20.91 -3.21 -23.49
N LEU D 298 -22.16 -3.37 -23.07
CA LEU D 298 -22.93 -4.57 -23.35
C LEU D 298 -24.22 -4.24 -24.10
N GLU D 299 -24.15 -3.28 -25.03
CA GLU D 299 -25.35 -2.82 -25.71
C GLU D 299 -25.86 -3.82 -26.74
N LYS D 300 -24.96 -4.44 -27.50
CA LYS D 300 -25.36 -5.47 -28.45
C LYS D 300 -25.91 -6.69 -27.72
N THR D 301 -25.28 -7.07 -26.61
CA THR D 301 -25.82 -8.15 -25.78
C THR D 301 -27.19 -7.79 -25.25
N LYS D 302 -27.39 -6.54 -24.82
CA LYS D 302 -28.68 -6.11 -24.34
C LYS D 302 -29.74 -6.22 -25.43
N LYS D 303 -29.39 -5.80 -26.64
CA LYS D 303 -30.33 -5.90 -27.76
C LYS D 303 -30.72 -7.35 -28.02
N PHE D 304 -29.75 -8.25 -28.03
CA PHE D 304 -30.07 -9.65 -28.25
C PHE D 304 -30.92 -10.23 -27.13
N VAL D 305 -30.57 -9.92 -25.87
CA VAL D 305 -31.26 -10.51 -24.74
C VAL D 305 -32.70 -10.02 -24.66
N GLU D 306 -32.94 -8.74 -24.95
CA GLU D 306 -34.31 -8.25 -24.94
C GLU D 306 -35.09 -8.72 -26.17
N GLY D 307 -34.48 -8.68 -27.36
CA GLY D 307 -35.19 -9.06 -28.56
C GLY D 307 -35.52 -10.53 -28.64
N THR D 308 -34.58 -11.39 -28.27
CA THR D 308 -34.70 -12.83 -28.48
C THR D 308 -35.16 -13.58 -27.23
N TRP D 309 -34.48 -13.38 -26.10
CA TRP D 309 -34.88 -14.06 -24.88
C TRP D 309 -36.13 -13.46 -24.24
N LYS D 310 -36.54 -12.27 -24.68
CA LYS D 310 -37.69 -11.56 -24.12
C LYS D 310 -37.54 -11.33 -22.61
N HIS D 311 -36.33 -11.01 -22.17
CA HIS D 311 -36.09 -10.61 -20.80
C HIS D 311 -36.13 -9.09 -20.70
N GLU D 312 -36.82 -8.59 -19.66
CA GLU D 312 -36.92 -7.16 -19.41
C GLU D 312 -35.70 -6.74 -18.59
N VAL D 313 -34.59 -6.46 -19.28
CA VAL D 313 -33.32 -6.15 -18.65
C VAL D 313 -33.44 -4.86 -17.85
N PRO D 314 -33.10 -4.88 -16.56
CA PRO D 314 -33.23 -3.66 -15.74
C PRO D 314 -32.22 -2.60 -16.12
N LYS D 315 -32.59 -1.35 -15.84
CA LYS D 315 -31.70 -0.20 -16.03
C LYS D 315 -30.91 -0.01 -14.74
N LEU D 316 -29.77 -0.70 -14.64
CA LEU D 316 -28.94 -0.65 -13.45
C LEU D 316 -27.56 -0.13 -13.80
N ASN D 317 -27.02 0.69 -12.90
CA ASN D 317 -25.62 1.08 -13.00
C ASN D 317 -24.74 -0.06 -12.50
N ILE D 318 -23.44 0.05 -12.79
CA ILE D 318 -22.49 -0.92 -12.24
C ILE D 318 -22.55 -0.88 -10.71
N PRO D 319 -22.62 -2.02 -10.03
CA PRO D 319 -22.75 -1.98 -8.55
C PRO D 319 -21.47 -1.57 -7.86
N MET D 320 -21.14 -0.28 -7.94
CA MET D 320 -19.95 0.30 -7.34
C MET D 320 -20.36 1.38 -6.36
N GLY D 321 -19.69 1.43 -5.21
CA GLY D 321 -20.03 2.42 -4.21
C GLY D 321 -21.22 1.98 -3.37
N LEU D 322 -21.83 2.96 -2.71
CA LEU D 322 -22.90 2.68 -1.76
C LEU D 322 -24.27 2.65 -2.44
N ASP D 323 -24.63 3.75 -3.10
CA ASP D 323 -25.98 3.87 -3.67
C ASP D 323 -26.22 2.84 -4.77
N TRP D 324 -25.24 2.63 -5.65
CA TRP D 324 -25.45 1.72 -6.76
C TRP D 324 -25.45 0.26 -6.31
N THR D 325 -24.66 -0.09 -5.30
CA THR D 325 -24.78 -1.41 -4.69
C THR D 325 -26.16 -1.60 -4.04
N ASP D 326 -26.65 -0.56 -3.35
CA ASP D 326 -27.99 -0.64 -2.76
C ASP D 326 -29.04 -0.87 -3.84
N GLU D 327 -28.96 -0.13 -4.94
CA GLU D 327 -29.93 -0.28 -6.02
C GLU D 327 -29.84 -1.65 -6.66
N PHE D 328 -28.62 -2.16 -6.87
CA PHE D 328 -28.45 -3.48 -7.46
C PHE D 328 -29.08 -4.56 -6.58
N LEU D 329 -28.81 -4.48 -5.27
CA LEU D 329 -29.37 -5.47 -4.35
C LEU D 329 -30.90 -5.39 -4.29
N MET D 330 -31.45 -4.17 -4.27
CA MET D 330 -32.89 -4.03 -4.25
C MET D 330 -33.54 -4.57 -5.51
N LYS D 331 -32.92 -4.32 -6.67
CA LYS D 331 -33.45 -4.87 -7.92
C LYS D 331 -33.40 -6.39 -7.93
N VAL D 332 -32.30 -6.97 -7.44
CA VAL D 332 -32.20 -8.43 -7.37
C VAL D 332 -33.28 -8.99 -6.45
N SER D 333 -33.50 -8.33 -5.31
CA SER D 333 -34.53 -8.78 -4.38
C SER D 333 -35.92 -8.70 -5.00
N GLU D 334 -36.20 -7.62 -5.74
CA GLU D 334 -37.49 -7.46 -6.38
C GLU D 334 -37.71 -8.50 -7.48
N ILE D 335 -36.67 -8.82 -8.23
CA ILE D 335 -36.80 -9.81 -9.31
C ILE D 335 -37.00 -11.20 -8.75
N SER D 336 -36.20 -11.58 -7.75
CA SER D 336 -36.21 -12.96 -7.26
C SER D 336 -37.23 -13.21 -6.15
N GLY D 337 -37.65 -12.17 -5.44
CA GLY D 337 -38.54 -12.35 -4.30
C GLY D 337 -37.86 -12.71 -3.00
N GLN D 338 -36.54 -12.62 -2.94
CA GLN D 338 -35.78 -12.92 -1.74
C GLN D 338 -35.47 -11.63 -0.99
N PRO D 339 -35.78 -11.54 0.30
CA PRO D 339 -35.42 -10.34 1.06
C PRO D 339 -33.91 -10.20 1.22
N ILE D 340 -33.47 -8.96 1.37
CA ILE D 340 -32.05 -8.72 1.62
C ILE D 340 -31.71 -9.17 3.04
N PRO D 341 -30.73 -10.05 3.22
CA PRO D 341 -30.44 -10.61 4.55
C PRO D 341 -29.68 -9.64 5.45
N ALA D 342 -29.62 -10.00 6.72
CA ALA D 342 -29.03 -9.12 7.73
C ALA D 342 -27.52 -9.03 7.59
N SER D 343 -26.87 -10.07 7.05
CA SER D 343 -25.42 -10.01 6.86
C SER D 343 -25.03 -8.89 5.90
N LEU D 344 -25.79 -8.71 4.81
CA LEU D 344 -25.50 -7.64 3.88
C LEU D 344 -25.81 -6.27 4.48
N THR D 345 -26.87 -6.19 5.30
CA THR D 345 -27.16 -4.96 6.01
C THR D 345 -26.01 -4.56 6.92
N LYS D 346 -25.45 -5.53 7.65
CA LYS D 346 -24.30 -5.26 8.51
C LYS D 346 -23.07 -4.88 7.70
N GLU D 347 -22.85 -5.54 6.55
CA GLU D 347 -21.72 -5.17 5.71
C GLU D 347 -21.83 -3.73 5.22
N ARG D 348 -23.03 -3.33 4.80
CA ARG D 348 -23.25 -1.95 4.39
C ARG D 348 -23.00 -0.97 5.54
N GLY D 349 -23.48 -1.32 6.74
CA GLY D 349 -23.21 -0.47 7.90
C GLY D 349 -21.73 -0.35 8.23
N ARG D 350 -20.98 -1.43 8.06
CA ARG D 350 -19.54 -1.38 8.32
C ARG D 350 -18.83 -0.50 7.29
N LEU D 351 -19.25 -0.56 6.03
CA LEU D 351 -18.70 0.37 5.05
C LEU D 351 -19.00 1.81 5.43
N VAL D 352 -20.23 2.08 5.88
CA VAL D 352 -20.61 3.48 6.30
C VAL D 352 -19.75 3.87 7.51
N ASP D 353 -19.46 2.93 8.40
CA ASP D 353 -18.61 3.21 9.59
C ASP D 353 -17.21 3.63 9.13
N MET D 354 -16.66 2.94 8.12
CA MET D 354 -15.31 3.27 7.59
C MET D 354 -15.34 4.64 6.92
N MET D 355 -16.46 4.96 6.27
CA MET D 355 -16.61 6.27 5.64
C MET D 355 -16.55 7.39 6.68
N THR D 356 -17.31 7.24 7.77
CA THR D 356 -17.33 8.28 8.83
C THR D 356 -15.95 8.35 9.51
N ASP D 357 -15.27 7.21 9.64
CA ASP D 357 -13.91 7.17 10.25
C ASP D 357 -12.89 7.94 9.42
N SER D 358 -12.94 7.88 8.09
CA SER D 358 -11.87 8.49 7.24
C SER D 358 -12.30 9.76 6.49
N HIS D 359 -13.53 10.26 6.68
CA HIS D 359 -14.01 11.39 5.91
C HIS D 359 -13.15 12.65 6.05
N THR D 360 -12.56 12.90 7.22
CA THR D 360 -11.77 14.12 7.37
C THR D 360 -10.54 14.11 6.48
N TRP D 361 -9.90 12.95 6.30
CA TRP D 361 -8.76 12.88 5.41
C TRP D 361 -9.18 12.85 3.95
N LEU D 362 -10.37 12.32 3.64
CA LEU D 362 -10.76 12.24 2.24
C LEU D 362 -11.35 13.52 1.67
N HIS D 363 -11.86 14.42 2.51
CA HIS D 363 -12.69 15.52 2.02
C HIS D 363 -11.90 16.51 1.18
N GLY D 364 -12.41 16.81 -0.01
CA GLY D 364 -11.87 17.85 -0.86
C GLY D 364 -10.67 17.47 -1.69
N LYS D 365 -10.18 16.24 -1.60
CA LYS D 365 -9.02 15.83 -2.37
C LYS D 365 -9.38 15.78 -3.86
N ARG D 366 -8.43 16.18 -4.70
CA ARG D 366 -8.64 16.31 -6.13
C ARG D 366 -7.97 15.15 -6.87
N PHE D 367 -8.72 14.52 -7.76
CA PHE D 367 -8.29 13.31 -8.45
C PHE D 367 -8.45 13.49 -9.96
N ALA D 368 -7.44 13.06 -10.70
CA ALA D 368 -7.59 12.72 -12.11
C ALA D 368 -7.72 11.20 -12.19
N LEU D 369 -8.36 10.70 -13.24
CA LEU D 369 -8.65 9.28 -13.29
C LEU D 369 -8.98 8.87 -14.72
N TRP D 370 -8.70 7.61 -15.03
CA TRP D 370 -9.04 7.10 -16.35
C TRP D 370 -9.27 5.60 -16.30
N GLY D 371 -9.88 5.09 -17.38
CA GLY D 371 -10.17 3.67 -17.50
C GLY D 371 -11.30 3.45 -18.49
N ASP D 372 -11.94 2.29 -18.36
CA ASP D 372 -13.09 1.91 -19.17
C ASP D 372 -14.36 2.58 -18.66
N PRO D 373 -15.36 2.77 -19.53
CA PRO D 373 -16.50 3.64 -19.17
C PRO D 373 -17.22 3.28 -17.88
N ASP D 374 -17.67 2.03 -17.74
CA ASP D 374 -18.43 1.64 -16.55
C ASP D 374 -17.61 1.78 -15.29
N PHE D 375 -16.35 1.34 -15.32
CA PHE D 375 -15.47 1.45 -14.16
C PHE D 375 -15.23 2.91 -13.80
N VAL D 376 -15.00 3.76 -14.81
CA VAL D 376 -14.79 5.18 -14.57
C VAL D 376 -16.00 5.81 -13.91
N MET D 377 -17.20 5.53 -14.43
CA MET D 377 -18.38 6.17 -13.87
C MET D 377 -18.68 5.66 -12.46
N GLY D 378 -18.45 4.37 -12.20
CA GLY D 378 -18.61 3.88 -10.84
C GLY D 378 -17.63 4.51 -9.87
N LEU D 379 -16.39 4.68 -10.30
CA LEU D 379 -15.39 5.31 -9.45
C LEU D 379 -15.70 6.78 -9.20
N VAL D 380 -16.19 7.49 -10.22
CA VAL D 380 -16.59 8.88 -10.05
C VAL D 380 -17.74 8.98 -9.05
N LYS D 381 -18.72 8.08 -9.16
CA LYS D 381 -19.85 8.08 -8.24
C LYS D 381 -19.39 7.85 -6.80
N PHE D 382 -18.51 6.86 -6.61
CA PHE D 382 -18.01 6.59 -5.26
C PHE D 382 -17.20 7.76 -4.71
N LEU D 383 -16.38 8.38 -5.56
CA LEU D 383 -15.59 9.53 -5.13
C LEU D 383 -16.49 10.68 -4.69
N LEU D 384 -17.57 10.92 -5.42
CA LEU D 384 -18.52 11.93 -4.99
C LEU D 384 -19.16 11.56 -3.66
N GLU D 385 -19.49 10.29 -3.47
CA GLU D 385 -20.06 9.86 -2.19
C GLU D 385 -19.12 10.12 -1.02
N LEU D 386 -17.81 10.11 -1.27
CA LEU D 386 -16.81 10.30 -0.22
C LEU D 386 -16.48 11.76 0.06
N GLY D 387 -17.06 12.69 -0.69
CA GLY D 387 -16.68 14.08 -0.56
C GLY D 387 -15.41 14.47 -1.29
N CYS D 388 -14.96 13.65 -2.22
CA CYS D 388 -13.78 13.94 -3.03
C CYS D 388 -14.18 14.69 -4.31
N GLU D 389 -13.17 15.25 -4.98
CA GLU D 389 -13.39 16.04 -6.19
C GLU D 389 -12.71 15.41 -7.39
N PRO D 390 -13.45 14.68 -8.24
CA PRO D 390 -12.88 14.26 -9.52
C PRO D 390 -12.73 15.47 -10.44
N VAL D 391 -11.50 15.78 -10.83
CA VAL D 391 -11.24 16.99 -11.61
C VAL D 391 -11.17 16.63 -13.09
N HIS D 392 -10.29 15.69 -13.42
CA HIS D 392 -10.08 15.27 -14.81
C HIS D 392 -10.57 13.83 -14.95
N ILE D 393 -11.63 13.66 -15.73
CA ILE D 393 -12.22 12.35 -16.00
C ILE D 393 -11.99 12.04 -17.47
N LEU D 394 -11.24 10.99 -17.74
CA LEU D 394 -10.87 10.65 -19.11
C LEU D 394 -11.24 9.21 -19.40
N CYS D 395 -11.89 9.00 -20.54
CA CYS D 395 -12.23 7.67 -21.03
C CYS D 395 -11.94 7.67 -22.53
N HIS D 396 -10.81 7.06 -22.90
CA HIS D 396 -10.38 7.07 -24.30
C HIS D 396 -11.40 6.37 -25.20
N ASN D 397 -12.05 5.34 -24.69
CA ASN D 397 -13.05 4.59 -25.45
C ASN D 397 -14.48 4.94 -25.04
N GLY D 398 -14.72 6.18 -24.58
CA GLY D 398 -16.06 6.61 -24.25
C GLY D 398 -16.75 7.31 -25.40
N ASN D 399 -18.08 7.37 -25.32
CA ASN D 399 -18.90 8.00 -26.34
C ASN D 399 -19.66 9.17 -25.73
N LYS D 400 -20.50 9.78 -26.56
CA LYS D 400 -21.17 11.03 -26.19
C LYS D 400 -22.32 10.80 -25.21
N ARG D 401 -23.07 9.72 -25.39
CA ARG D 401 -24.15 9.41 -24.46
C ARG D 401 -23.62 9.08 -23.06
N TRP D 402 -22.53 8.32 -23.00
CA TRP D 402 -21.87 8.06 -21.73
C TRP D 402 -21.39 9.37 -21.09
N LYS D 403 -20.90 10.29 -21.91
CA LYS D 403 -20.43 11.57 -21.38
C LYS D 403 -21.59 12.37 -20.79
N LYS D 404 -22.75 12.36 -21.44
CA LYS D 404 -23.93 13.02 -20.84
C LYS D 404 -24.33 12.35 -19.53
N ALA D 405 -24.29 11.01 -19.47
CA ALA D 405 -24.61 10.34 -18.21
C ALA D 405 -23.66 10.75 -17.09
N VAL D 406 -22.36 10.81 -17.37
CA VAL D 406 -21.39 11.21 -16.35
C VAL D 406 -21.59 12.67 -15.96
N ASP D 407 -21.88 13.53 -16.92
CA ASP D 407 -22.12 14.94 -16.61
C ASP D 407 -23.34 15.10 -15.71
N ALA D 408 -24.39 14.32 -15.97
CA ALA D 408 -25.58 14.34 -15.11
C ALA D 408 -25.23 13.87 -13.70
N ILE D 409 -24.41 12.83 -13.58
CA ILE D 409 -23.98 12.37 -12.26
C ILE D 409 -23.21 13.48 -11.53
N LEU D 410 -22.31 14.16 -12.24
CA LEU D 410 -21.52 15.22 -11.63
C LEU D 410 -22.39 16.40 -11.20
N ALA D 411 -23.41 16.73 -12.00
CA ALA D 411 -24.29 17.85 -11.66
C ALA D 411 -25.16 17.56 -10.46
N ALA D 412 -25.36 16.29 -10.10
CA ALA D 412 -26.18 15.95 -8.95
C ALA D 412 -25.46 16.13 -7.63
N SER D 413 -24.17 16.49 -7.65
CA SER D 413 -23.43 16.67 -6.41
C SER D 413 -22.71 18.01 -6.41
N PRO D 414 -22.58 18.65 -5.25
CA PRO D 414 -21.75 19.87 -5.18
C PRO D 414 -20.27 19.60 -5.37
N TYR D 415 -19.84 18.34 -5.28
CA TYR D 415 -18.43 17.99 -5.42
C TYR D 415 -18.03 17.77 -6.87
N GLY D 416 -18.96 17.83 -7.81
CA GLY D 416 -18.68 17.73 -9.22
C GLY D 416 -18.59 19.05 -9.96
N LYS D 417 -18.53 20.17 -9.24
CA LYS D 417 -18.58 21.48 -9.88
C LYS D 417 -17.31 21.78 -10.67
N ASN D 418 -16.17 21.21 -10.27
CA ASN D 418 -14.90 21.47 -10.94
C ASN D 418 -14.47 20.34 -11.86
N ALA D 419 -15.37 19.43 -12.21
CA ALA D 419 -15.05 18.26 -13.02
C ALA D 419 -15.23 18.55 -14.51
N THR D 420 -14.34 17.99 -15.32
CA THR D 420 -14.49 17.98 -16.77
C THR D 420 -14.31 16.55 -17.26
N VAL D 421 -15.17 16.13 -18.18
CA VAL D 421 -15.14 14.79 -18.75
C VAL D 421 -14.55 14.88 -20.15
N TYR D 422 -13.61 13.99 -20.46
CA TYR D 422 -12.96 13.95 -21.76
C TYR D 422 -13.13 12.56 -22.37
N ILE D 423 -13.63 12.52 -23.60
CA ILE D 423 -13.72 11.28 -24.36
C ILE D 423 -12.83 11.42 -25.59
N GLY D 424 -12.24 10.30 -26.00
CA GLY D 424 -11.36 10.31 -27.15
C GLY D 424 -10.01 10.92 -26.91
N LYS D 425 -9.66 11.22 -25.67
CA LYS D 425 -8.34 11.76 -25.32
C LYS D 425 -7.46 10.66 -24.79
N ASP D 426 -6.15 10.86 -24.89
CA ASP D 426 -5.16 9.86 -24.50
C ASP D 426 -4.37 10.36 -23.29
N LEU D 427 -3.36 9.60 -22.90
CA LEU D 427 -2.62 9.91 -21.68
C LEU D 427 -1.67 11.10 -21.84
N TRP D 428 -1.33 11.48 -23.07
CA TRP D 428 -0.52 12.69 -23.26
C TRP D 428 -1.37 13.94 -22.98
N HIS D 429 -2.64 13.92 -23.41
CA HIS D 429 -3.60 14.93 -23.00
C HIS D 429 -3.69 15.02 -21.48
N LEU D 430 -3.76 13.87 -20.81
CA LEU D 430 -3.88 13.85 -19.37
C LEU D 430 -2.62 14.40 -18.70
N ARG D 431 -1.46 14.15 -19.30
CA ARG D 431 -0.22 14.72 -18.80
C ARG D 431 -0.29 16.25 -18.81
N SER D 432 -0.76 16.82 -19.93
CA SER D 432 -0.95 18.27 -19.95
C SER D 432 -1.94 18.73 -18.89
N LEU D 433 -3.04 17.99 -18.72
CA LEU D 433 -4.05 18.38 -17.73
C LEU D 433 -3.50 18.38 -16.31
N VAL D 434 -2.73 17.35 -15.94
CA VAL D 434 -2.22 17.30 -14.58
C VAL D 434 -1.06 18.27 -14.38
N PHE D 435 -0.43 18.74 -15.46
CA PHE D 435 0.55 19.82 -15.28
C PHE D 435 -0.12 21.17 -15.08
N THR D 436 -1.07 21.52 -15.95
CA THR D 436 -1.65 22.87 -15.91
C THR D 436 -2.67 23.05 -14.81
N ASP D 437 -3.41 21.99 -14.45
CA ASP D 437 -4.39 22.03 -13.36
C ASP D 437 -4.07 20.85 -12.45
N LYS D 438 -3.17 21.05 -11.51
CA LYS D 438 -2.61 19.94 -10.76
C LYS D 438 -3.62 19.39 -9.76
N PRO D 439 -3.97 18.12 -9.84
CA PRO D 439 -4.78 17.50 -8.79
C PRO D 439 -3.91 16.89 -7.70
N ASP D 440 -4.55 16.26 -6.72
CA ASP D 440 -3.80 15.62 -5.65
C ASP D 440 -3.31 14.23 -6.04
N PHE D 441 -4.14 13.43 -6.70
CA PHE D 441 -3.73 12.09 -7.09
C PHE D 441 -4.26 11.71 -8.47
N MET D 442 -3.60 10.74 -9.10
CA MET D 442 -4.11 10.05 -10.27
C MET D 442 -4.66 8.70 -9.84
N ILE D 443 -5.73 8.26 -10.49
CA ILE D 443 -6.21 6.88 -10.37
C ILE D 443 -6.26 6.28 -11.78
N GLY D 444 -5.51 5.20 -11.97
CA GLY D 444 -5.46 4.57 -13.26
C GLY D 444 -4.52 3.39 -13.26
N ASN D 445 -4.21 2.92 -14.46
CA ASN D 445 -3.40 1.73 -14.64
C ASN D 445 -1.91 2.08 -14.63
N SER D 446 -1.06 1.09 -14.93
CA SER D 446 0.38 1.23 -14.79
C SER D 446 0.97 2.28 -15.73
N TYR D 447 0.34 2.54 -16.87
CA TYR D 447 0.83 3.54 -17.81
C TYR D 447 0.88 4.93 -17.21
N GLY D 448 0.17 5.18 -16.12
CA GLY D 448 0.26 6.44 -15.41
C GLY D 448 1.59 6.69 -14.73
N LYS D 449 2.37 5.65 -14.45
CA LYS D 449 3.64 5.86 -13.74
C LYS D 449 4.53 6.84 -14.48
N PHE D 450 4.57 6.77 -15.82
CA PHE D 450 5.39 7.70 -16.58
C PHE D 450 4.95 9.14 -16.34
N ILE D 451 3.64 9.39 -16.33
CA ILE D 451 3.15 10.73 -16.00
C ILE D 451 3.68 11.17 -14.65
N GLN D 452 3.60 10.28 -13.64
CA GLN D 452 4.11 10.64 -12.33
C GLN D 452 5.57 11.05 -12.44
N ARG D 453 6.38 10.25 -13.16
CA ARG D 453 7.78 10.59 -13.34
C ARG D 453 7.92 11.98 -13.93
N ASP D 454 7.17 12.28 -14.99
CA ASP D 454 7.28 13.60 -15.61
C ASP D 454 7.00 14.70 -14.58
N THR D 455 5.95 14.54 -13.77
CA THR D 455 5.62 15.61 -12.83
C THR D 455 6.73 15.76 -11.79
N LEU D 456 7.33 14.66 -11.35
CA LEU D 456 8.41 14.77 -10.39
C LEU D 456 9.58 15.53 -10.99
N HIS D 457 9.75 15.43 -12.32
CA HIS D 457 10.85 16.15 -12.95
C HIS D 457 10.63 17.66 -12.87
N LYS D 458 9.37 18.10 -12.88
CA LYS D 458 9.10 19.52 -12.71
C LYS D 458 9.46 19.97 -11.29
N GLY D 459 9.23 19.12 -10.31
CA GLY D 459 9.58 19.41 -8.93
C GLY D 459 8.82 18.54 -7.97
N LYS D 460 9.32 18.39 -6.74
CA LYS D 460 8.64 17.59 -5.73
C LYS D 460 7.26 18.17 -5.39
N GLU D 461 7.15 19.50 -5.37
CA GLU D 461 5.87 20.13 -5.08
C GLU D 461 4.87 20.00 -6.22
N PHE D 462 5.31 19.55 -7.40
CA PHE D 462 4.40 19.32 -8.52
C PHE D 462 4.11 17.85 -8.78
N GLU D 463 4.71 16.94 -8.03
CA GLU D 463 4.55 15.52 -8.30
C GLU D 463 3.13 15.06 -8.00
N VAL D 464 2.54 14.30 -8.91
CA VAL D 464 1.20 13.75 -8.74
C VAL D 464 1.32 12.23 -8.58
N PRO D 465 1.15 11.70 -7.37
CA PRO D 465 1.28 10.25 -7.18
C PRO D 465 0.19 9.49 -7.91
N LEU D 466 0.53 8.29 -8.35
CA LEU D 466 -0.39 7.40 -9.05
C LEU D 466 -0.94 6.36 -8.08
N ILE D 467 -2.23 6.09 -8.19
CA ILE D 467 -2.91 5.03 -7.46
C ILE D 467 -3.39 4.03 -8.49
N ARG D 468 -2.93 2.79 -8.35
CA ARG D 468 -3.13 1.76 -9.36
C ARG D 468 -4.45 1.05 -9.13
N ILE D 469 -5.48 1.47 -9.87
CA ILE D 469 -6.75 0.77 -9.94
C ILE D 469 -7.17 0.72 -11.40
N GLY D 470 -7.38 -0.49 -11.92
CA GLY D 470 -7.77 -0.64 -13.31
C GLY D 470 -6.95 -1.68 -14.05
N PHE D 471 -6.97 -1.63 -15.38
CA PHE D 471 -6.31 -2.63 -16.20
C PHE D 471 -5.51 -1.94 -17.30
N PRO D 472 -4.29 -2.40 -17.56
CA PRO D 472 -3.57 -3.47 -16.87
C PRO D 472 -2.68 -2.95 -15.74
N ILE D 473 -2.27 -3.82 -14.81
CA ILE D 473 -1.35 -3.42 -13.69
C ILE D 473 -0.07 -4.26 -13.76
N PHE D 474 0.79 -4.00 -14.75
CA PHE D 474 2.03 -4.81 -14.92
C PHE D 474 3.05 -4.68 -13.76
N ASP D 475 3.32 -3.47 -13.26
CA ASP D 475 4.39 -3.29 -12.23
C ASP D 475 4.08 -3.99 -10.89
N ARG D 476 2.84 -3.90 -10.40
CA ARG D 476 2.44 -4.49 -9.09
C ARG D 476 2.22 -6.01 -9.19
N HIS D 477 2.32 -6.70 -8.06
CA HIS D 477 2.07 -8.17 -8.05
C HIS D 477 0.79 -8.51 -7.28
N HIS D 478 -0.12 -9.27 -7.89
CA HIS D 478 -1.33 -9.78 -7.17
C HIS D 478 -2.40 -8.71 -6.92
N LEU D 479 -2.35 -7.55 -7.58
CA LEU D 479 -3.44 -6.55 -7.42
C LEU D 479 -4.69 -7.03 -8.16
N HIS D 480 -4.54 -7.97 -9.10
CA HIS D 480 -5.65 -8.55 -9.83
C HIS D 480 -6.55 -9.42 -8.97
N ARG D 481 -6.12 -9.77 -7.76
CA ARG D 481 -6.95 -10.48 -6.79
C ARG D 481 -7.91 -9.57 -6.06
N SER D 482 -7.81 -8.25 -6.24
CA SER D 482 -8.62 -7.30 -5.49
C SER D 482 -10.08 -7.34 -5.95
N THR D 483 -10.90 -6.59 -5.23
CA THR D 483 -12.31 -6.42 -5.52
C THR D 483 -12.61 -4.94 -5.66
N THR D 484 -13.43 -4.58 -6.66
CA THR D 484 -13.93 -3.21 -6.79
C THR D 484 -15.44 -3.10 -6.74
N LEU D 485 -16.17 -4.20 -6.82
CA LEU D 485 -17.63 -4.19 -6.81
C LEU D 485 -18.16 -4.43 -5.40
N GLY D 486 -19.37 -3.93 -5.15
CA GLY D 486 -20.07 -4.16 -3.91
C GLY D 486 -19.48 -3.42 -2.72
N TYR D 487 -20.00 -3.78 -1.54
CA TYR D 487 -19.53 -3.17 -0.30
C TYR D 487 -18.08 -3.55 -0.02
N GLU D 488 -17.72 -4.81 -0.32
CA GLU D 488 -16.33 -5.24 -0.17
C GLU D 488 -15.38 -4.42 -1.05
N GLY D 489 -15.74 -4.24 -2.31
CA GLY D 489 -14.91 -3.46 -3.20
C GLY D 489 -14.82 -2.01 -2.78
N ALA D 490 -15.94 -1.44 -2.31
CA ALA D 490 -15.91 -0.07 -1.80
C ALA D 490 -14.98 0.05 -0.60
N MET D 491 -15.01 -0.94 0.30
CA MET D 491 -14.14 -0.92 1.45
C MET D 491 -12.67 -0.97 1.04
N GLN D 492 -12.33 -1.85 0.10
CA GLN D 492 -10.96 -1.94 -0.38
C GLN D 492 -10.50 -0.64 -1.01
N ILE D 493 -11.35 -0.04 -1.86
CA ILE D 493 -10.97 1.19 -2.55
C ILE D 493 -10.81 2.33 -1.56
N LEU D 494 -11.72 2.43 -0.57
CA LEU D 494 -11.61 3.48 0.44
C LEU D 494 -10.31 3.35 1.22
N THR D 495 -9.97 2.13 1.63
CA THR D 495 -8.73 1.91 2.36
C THR D 495 -7.53 2.32 1.53
N THR D 496 -7.50 1.89 0.26
CA THR D 496 -6.40 2.25 -0.63
C THR D 496 -6.25 3.77 -0.73
N LEU D 497 -7.38 4.48 -0.91
CA LEU D 497 -7.32 5.93 -1.09
C LEU D 497 -6.83 6.64 0.17
N VAL D 498 -7.43 6.33 1.32
CA VAL D 498 -7.09 7.04 2.54
C VAL D 498 -5.64 6.76 2.93
N ASN D 499 -5.18 5.54 2.70
CA ASN D 499 -3.81 5.23 3.09
C ASN D 499 -2.79 5.79 2.09
N SER D 500 -3.18 5.95 0.82
CA SER D 500 -2.31 6.70 -0.09
C SER D 500 -2.17 8.15 0.35
N ILE D 501 -3.28 8.76 0.77
CA ILE D 501 -3.23 10.14 1.26
C ILE D 501 -2.29 10.22 2.48
N LEU D 502 -2.46 9.29 3.42
CA LEU D 502 -1.64 9.33 4.64
C LEU D 502 -0.17 9.02 4.36
N GLU D 503 0.11 8.10 3.44
CA GLU D 503 1.50 7.80 3.10
C GLU D 503 2.18 8.99 2.44
N ARG D 504 1.47 9.70 1.56
CA ARG D 504 2.02 10.92 1.00
C ARG D 504 2.28 11.96 2.09
N LEU D 505 1.35 12.09 3.04
CA LEU D 505 1.52 13.06 4.12
C LEU D 505 2.75 12.74 4.96
N ASP D 506 2.96 11.45 5.31
CA ASP D 506 4.18 11.06 6.01
C ASP D 506 5.42 11.34 5.17
N GLU D 507 5.35 11.15 3.85
CA GLU D 507 6.50 11.47 3.02
C GLU D 507 6.84 12.96 3.12
N GLU D 508 5.82 13.81 3.11
CA GLU D 508 6.06 15.25 3.12
C GLU D 508 6.49 15.79 4.48
N THR D 509 6.25 15.08 5.57
CA THR D 509 6.57 15.57 6.90
C THR D 509 7.70 14.77 7.57
N ARG D 510 8.53 14.09 6.78
CA ARG D 510 9.58 13.26 7.34
C ARG D 510 10.89 14.00 7.58
N GLY D 511 11.01 15.25 7.12
CA GLY D 511 12.26 15.99 7.25
C GLY D 511 12.52 16.55 8.64
N MET D 512 13.58 16.07 9.29
CA MET D 512 13.85 16.47 10.67
C MET D 512 14.16 17.96 10.78
N GLN D 513 13.55 18.60 11.78
CA GLN D 513 13.71 20.01 12.10
C GLN D 513 13.26 20.93 10.95
N ALA D 514 12.60 20.38 9.93
CA ALA D 514 12.11 21.18 8.82
C ALA D 514 10.60 21.05 8.63
N THR D 515 10.09 19.83 8.45
CA THR D 515 8.65 19.61 8.32
C THR D 515 8.11 18.57 9.29
N ASP D 516 8.97 17.97 10.11
CA ASP D 516 8.57 16.85 10.96
C ASP D 516 7.83 17.30 12.22
N TYR D 517 7.59 18.60 12.39
CA TYR D 517 6.68 19.05 13.44
C TYR D 517 5.28 18.49 13.23
N ASN D 518 4.90 18.21 11.98
CA ASN D 518 3.60 17.64 11.64
C ASN D 518 3.71 16.14 11.34
N HIS D 519 4.76 15.48 11.83
CA HIS D 519 4.93 14.04 11.64
C HIS D 519 4.32 13.30 12.83
N ASP D 520 2.98 13.27 12.84
CA ASP D 520 2.23 12.80 13.99
C ASP D 520 2.18 11.28 14.06
N LEU D 521 2.29 10.74 15.28
CA LEU D 521 2.12 9.31 15.47
C LEU D 521 0.71 8.87 15.11
N VAL D 522 -0.28 9.64 15.58
CA VAL D 522 -1.72 9.26 15.41
C VAL D 522 -2.36 10.06 14.29
N ARG D 523 -2.95 9.39 13.29
CA ARG D 523 -3.69 10.09 12.22
C ARG D 523 -5.10 9.49 12.12
C1 HCA E . -5.12 13.99 28.78
C2 HCA E . -4.77 14.29 27.33
C3 HCA E . -5.91 14.64 26.38
C4 HCA E . -6.72 13.42 26.01
C5 HCA E . -7.43 13.61 24.68
C6 HCA E . -8.75 12.89 24.45
C7 HCA E . -5.30 15.35 25.14
O1 HCA E . -5.88 14.77 29.40
O2 HCA E . -4.59 13.00 29.30
O3 HCA E . -9.27 13.00 23.34
O4 HCA E . -9.21 12.20 25.38
O5 HCA E . -5.81 16.42 24.77
O6 HCA E . -4.31 14.81 24.61
O7 HCA E . -6.85 15.50 27.03
FE1 ICS F . -5.81 23.88 29.68
MO1 ICS F . -7.03 17.73 26.52
FE2 ICS F . -5.87 21.21 30.00
FE3 ICS F . -5.18 22.28 27.62
FE4 ICS F . -7.67 22.43 28.48
FE5 ICS F . -8.16 20.12 27.31
FE6 ICS F . -6.31 18.98 28.76
FE7 ICS F . -5.65 20.05 26.50
CX ICS F . -6.49 20.88 28.10
S1A ICS F . -7.44 22.65 30.74
S1B ICS F . -8.36 18.15 28.42
S2A ICS F . -4.06 22.46 29.60
S2B ICS F . -5.61 19.16 30.79
S3A ICS F . -9.65 21.79 27.66
S3B ICS F . -4.84 18.13 27.35
S4A ICS F . -6.48 24.11 27.50
S4B ICS F . -7.42 19.67 25.23
S5A ICS F . -4.20 21.55 25.77
FE FE G . 0.25 -16.95 -11.18
FE1 CLF H . -1.47 5.48 37.96
FE2 CLF H . -2.74 4.77 35.89
FE3 CLF H . -2.07 7.46 36.06
FE4 CLF H . -0.27 5.48 35.61
S1 CLF H . -0.81 3.52 36.79
S2A CLF H . -3.54 6.32 37.38
S4A CLF H . -1.97 6.12 34.23
S3A CLF H . -0.08 7.14 37.18
FE5 CLF H . 0.26 2.89 34.55
FE6 CLF H . -0.03 1.12 36.35
FE7 CLF H . -0.51 0.36 33.65
FE8 CLF H . -1.90 2.03 35.32
S2B CLF H . 1.62 0.87 34.38
S3B CLF H . -1.71 -0.23 35.53
S4B CLF H . -1.36 2.42 33.10
C1 HCA I . 8.69 -9.85 -29.13
C2 HCA I . 9.63 -9.38 -28.03
C3 HCA I . 10.14 -10.45 -27.05
C4 HCA I . 8.98 -11.15 -26.34
C5 HCA I . 9.41 -11.67 -24.98
C6 HCA I . 8.73 -12.91 -24.45
C7 HCA I . 11.11 -9.75 -26.06
O1 HCA I . 9.05 -10.77 -29.88
O2 HCA I . 7.59 -9.26 -29.23
O3 HCA I . 9.01 -13.28 -23.30
O4 HCA I . 7.91 -13.51 -25.17
O5 HCA I . 12.20 -10.31 -25.82
O6 HCA I . 10.75 -8.66 -25.57
O7 HCA I . 10.79 -11.47 -27.76
FE1 ICS J . 18.83 -11.29 -31.61
MO1 ICS J . 13.16 -11.71 -27.48
FE2 ICS J . 16.12 -11.31 -31.54
FE3 ICS J . 17.54 -10.24 -29.51
FE4 ICS J . 17.53 -12.85 -29.87
FE5 ICS J . 15.40 -13.05 -28.39
FE6 ICS J . 14.09 -11.42 -29.97
FE7 ICS J . 15.47 -10.43 -28.00
CX ICS J . 16.06 -11.55 -29.55
S1A ICS J . 17.43 -13.05 -32.12
S1B ICS J . 13.29 -13.35 -29.18
S2A ICS J . 17.43 -9.50 -31.66
S2B ICS J . 14.00 -11.07 -32.10
S3A ICS J . 16.95 -14.67 -28.72
S3B ICS J . 13.46 -9.70 -28.73
S4A ICS J . 19.36 -11.57 -29.40
S4B ICS J . 15.26 -11.96 -26.43
S5A ICS J . 17.10 -8.96 -27.75
FE FE K . -14.93 2.60 13.51
FE1 CLF L . -0.61 -7.70 -37.54
FE2 CLF L . -0.95 -8.51 -35.18
FE3 CLF L . 1.66 -7.93 -35.91
FE4 CLF L . -0.23 -6.06 -35.49
S1 CLF L . -2.36 -6.77 -36.22
S2A CLF L . 0.35 -9.63 -36.71
S4A CLF L . 0.65 -7.47 -33.93
S3A CLF L . 1.13 -6.20 -37.33
FE5 CLF L . -2.65 -5.29 -34.16
FE6 CLF L . -4.65 -5.84 -35.59
FE7 CLF L . -5.01 -5.80 -32.76
FE8 CLF L . -3.62 -7.53 -34.39
S2B CLF L . -4.62 -3.85 -33.95
S3B CLF L . -5.89 -7.30 -34.29
S4B CLF L . -2.90 -6.60 -32.39
#